data_2PG4
# 
_entry.id   2PG4 
# 
_audit_conform.dict_name       mmcif_pdbx.dic 
_audit_conform.dict_version    5.398 
_audit_conform.dict_location   http://mmcif.pdb.org/dictionaries/ascii/mmcif_pdbx.dic 
# 
loop_
_database_2.database_id 
_database_2.database_code 
_database_2.pdbx_database_accession 
_database_2.pdbx_DOI 
PDB   2PG4         pdb_00002pg4 10.2210/pdb2pg4/pdb 
RCSB  RCSB042340   ?            ?                   
WWPDB D_1000042340 ?            ?                   
# 
loop_
_pdbx_audit_revision_history.ordinal 
_pdbx_audit_revision_history.data_content_type 
_pdbx_audit_revision_history.major_revision 
_pdbx_audit_revision_history.minor_revision 
_pdbx_audit_revision_history.revision_date 
1 'Structure model' 1 0 2007-04-24 
2 'Structure model' 1 1 2008-05-01 
3 'Structure model' 1 2 2011-07-13 
4 'Structure model' 1 3 2017-10-18 
5 'Structure model' 1 4 2023-01-25 
6 'Structure model' 1 5 2024-10-30 
# 
_pdbx_audit_revision_details.ordinal             1 
_pdbx_audit_revision_details.revision_ordinal    1 
_pdbx_audit_revision_details.data_content_type   'Structure model' 
_pdbx_audit_revision_details.provider            repository 
_pdbx_audit_revision_details.type                'Initial release' 
_pdbx_audit_revision_details.description         ? 
_pdbx_audit_revision_details.details             ? 
# 
loop_
_pdbx_audit_revision_group.ordinal 
_pdbx_audit_revision_group.revision_ordinal 
_pdbx_audit_revision_group.data_content_type 
_pdbx_audit_revision_group.group 
1  2 'Structure model' 'Version format compliance' 
2  3 'Structure model' Advisory                    
3  3 'Structure model' 'Source and taxonomy'       
4  3 'Structure model' 'Version format compliance' 
5  4 'Structure model' 'Refinement description'    
6  5 'Structure model' 'Database references'       
7  5 'Structure model' 'Derived calculations'      
8  6 'Structure model' 'Data collection'           
9  6 'Structure model' 'Refinement description'    
10 6 'Structure model' 'Structure summary'         
# 
loop_
_pdbx_audit_revision_category.ordinal 
_pdbx_audit_revision_category.revision_ordinal 
_pdbx_audit_revision_category.data_content_type 
_pdbx_audit_revision_category.category 
1  4 'Structure model' software                  
2  5 'Structure model' database_2                
3  5 'Structure model' struct_conn               
4  5 'Structure model' struct_ref_seq_dif        
5  5 'Structure model' struct_site               
6  6 'Structure model' chem_comp_atom            
7  6 'Structure model' chem_comp_bond            
8  6 'Structure model' pdbx_entry_details        
9  6 'Structure model' pdbx_modification_feature 
10 6 'Structure model' struct_ncs_dom_lim        
# 
loop_
_pdbx_audit_revision_item.ordinal 
_pdbx_audit_revision_item.revision_ordinal 
_pdbx_audit_revision_item.data_content_type 
_pdbx_audit_revision_item.item 
1  4 'Structure model' '_software.classification'             
2  4 'Structure model' '_software.name'                       
3  5 'Structure model' '_database_2.pdbx_DOI'                 
4  5 'Structure model' '_database_2.pdbx_database_accession'  
5  5 'Structure model' '_struct_conn.pdbx_leaving_atom_flag'  
6  5 'Structure model' '_struct_ref_seq_dif.details'          
7  5 'Structure model' '_struct_site.pdbx_auth_asym_id'       
8  5 'Structure model' '_struct_site.pdbx_auth_comp_id'       
9  5 'Structure model' '_struct_site.pdbx_auth_seq_id'        
10 6 'Structure model' '_struct_ncs_dom_lim.beg_auth_comp_id' 
11 6 'Structure model' '_struct_ncs_dom_lim.end_auth_comp_id' 
# 
_pdbx_database_status.SG_entry                        Y 
_pdbx_database_status.entry_id                        2PG4 
_pdbx_database_status.deposit_site                    RCSB 
_pdbx_database_status.process_site                    RCSB 
_pdbx_database_status.recvd_initial_deposition_date   2007-04-06 
_pdbx_database_status.status_code                     REL 
_pdbx_database_status.status_code_sf                  REL 
_pdbx_database_status.status_code_mr                  ? 
_pdbx_database_status.status_code_cs                  ? 
_pdbx_database_status.pdb_format_compatible           Y 
_pdbx_database_status.methods_development_category    ? 
_pdbx_database_status.status_code_nmr_data            ? 
# 
_pdbx_database_related.db_name        TargetDB 
_pdbx_database_related.db_id          373551 
_pdbx_database_related.details        . 
_pdbx_database_related.content_type   unspecified 
# 
_audit_author.name           'Joint Center for Structural Genomics (JCSG)' 
_audit_author.pdbx_ordinal   1 
# 
_citation.id                        primary 
_citation.title                     
'Crystal structure of uncharacterized protein (NP_147569.1) from Aeropyrum pernix at 2.21 A resolution' 
_citation.journal_abbrev            'To be published' 
_citation.journal_volume            ? 
_citation.page_first                ? 
_citation.page_last                 ? 
_citation.year                      ? 
_citation.journal_id_ASTM           ? 
_citation.country                   ? 
_citation.journal_id_ISSN           ? 
_citation.journal_id_CSD            0353 
_citation.book_publisher            ? 
_citation.pdbx_database_id_PubMed   ? 
_citation.pdbx_database_id_DOI      ? 
# 
_citation_author.citation_id        primary 
_citation_author.name               'Joint Center for Structural Genomics (JCSG)' 
_citation_author.ordinal            1 
_citation_author.identifier_ORCID   ? 
# 
loop_
_entity.id 
_entity.type 
_entity.src_method 
_entity.pdbx_description 
_entity.formula_weight 
_entity.pdbx_number_of_molecules 
_entity.pdbx_ec 
_entity.pdbx_mutation 
_entity.pdbx_fragment 
_entity.details 
1 polymer     man 'Uncharacterized protein' 10927.527 2  ? ? ? ? 
2 non-polymer syn 'CHLORIDE ION'            35.453    3  ? ? ? ? 
3 non-polymer syn 1,2-ETHANEDIOL            62.068    7  ? ? ? ? 
4 non-polymer syn 'CITRIC ACID'             192.124   1  ? ? ? ? 
5 non-polymer syn 'DI(HYDROXYETHYL)ETHER'   106.120   1  ? ? ? ? 
6 water       nat water                     18.015    34 ? ? ? ? 
# 
_entity_poly.entity_id                      1 
_entity_poly.type                           'polypeptide(L)' 
_entity_poly.nstd_linkage                   no 
_entity_poly.nstd_monomer                   yes 
_entity_poly.pdbx_seq_one_letter_code       
;G(MSE)DDETLRLQFGHLIRILPTLLEFEKKGYEPSLAEIVKASGVSEKTFF(MSE)GLKDRLIRAGLVKEETLSYRVKT
LKLTEKGRRLAECLEKCRDVLGS
;
_entity_poly.pdbx_seq_one_letter_code_can   
;GMDDETLRLQFGHLIRILPTLLEFEKKGYEPSLAEIVKASGVSEKTFFMGLKDRLIRAGLVKEETLSYRVKTLKLTEKGR
RLAECLEKCRDVLGS
;
_entity_poly.pdbx_strand_id                 A,B 
_entity_poly.pdbx_target_identifier         373551 
# 
loop_
_pdbx_entity_nonpoly.entity_id 
_pdbx_entity_nonpoly.name 
_pdbx_entity_nonpoly.comp_id 
2 'CHLORIDE ION'          CL  
3 1,2-ETHANEDIOL          EDO 
4 'CITRIC ACID'           CIT 
5 'DI(HYDROXYETHYL)ETHER' PEG 
6 water                   HOH 
# 
loop_
_entity_poly_seq.entity_id 
_entity_poly_seq.num 
_entity_poly_seq.mon_id 
_entity_poly_seq.hetero 
1 1  GLY n 
1 2  MSE n 
1 3  ASP n 
1 4  ASP n 
1 5  GLU n 
1 6  THR n 
1 7  LEU n 
1 8  ARG n 
1 9  LEU n 
1 10 GLN n 
1 11 PHE n 
1 12 GLY n 
1 13 HIS n 
1 14 LEU n 
1 15 ILE n 
1 16 ARG n 
1 17 ILE n 
1 18 LEU n 
1 19 PRO n 
1 20 THR n 
1 21 LEU n 
1 22 LEU n 
1 23 GLU n 
1 24 PHE n 
1 25 GLU n 
1 26 LYS n 
1 27 LYS n 
1 28 GLY n 
1 29 TYR n 
1 30 GLU n 
1 31 PRO n 
1 32 SER n 
1 33 LEU n 
1 34 ALA n 
1 35 GLU n 
1 36 ILE n 
1 37 VAL n 
1 38 LYS n 
1 39 ALA n 
1 40 SER n 
1 41 GLY n 
1 42 VAL n 
1 43 SER n 
1 44 GLU n 
1 45 LYS n 
1 46 THR n 
1 47 PHE n 
1 48 PHE n 
1 49 MSE n 
1 50 GLY n 
1 51 LEU n 
1 52 LYS n 
1 53 ASP n 
1 54 ARG n 
1 55 LEU n 
1 56 ILE n 
1 57 ARG n 
1 58 ALA n 
1 59 GLY n 
1 60 LEU n 
1 61 VAL n 
1 62 LYS n 
1 63 GLU n 
1 64 GLU n 
1 65 THR n 
1 66 LEU n 
1 67 SER n 
1 68 TYR n 
1 69 ARG n 
1 70 VAL n 
1 71 LYS n 
1 72 THR n 
1 73 LEU n 
1 74 LYS n 
1 75 LEU n 
1 76 THR n 
1 77 GLU n 
1 78 LYS n 
1 79 GLY n 
1 80 ARG n 
1 81 ARG n 
1 82 LEU n 
1 83 ALA n 
1 84 GLU n 
1 85 CYS n 
1 86 LEU n 
1 87 GLU n 
1 88 LYS n 
1 89 CYS n 
1 90 ARG n 
1 91 ASP n 
1 92 VAL n 
1 93 LEU n 
1 94 GLY n 
1 95 SER n 
# 
_entity_src_gen.entity_id                          1 
_entity_src_gen.pdbx_src_id                        1 
_entity_src_gen.pdbx_alt_source_flag               sample 
_entity_src_gen.pdbx_seq_type                      ? 
_entity_src_gen.pdbx_beg_seq_num                   ? 
_entity_src_gen.pdbx_end_seq_num                   ? 
_entity_src_gen.gene_src_common_name               ? 
_entity_src_gen.gene_src_genus                     Aeropyrum 
_entity_src_gen.pdbx_gene_src_gene                 'NP_147569.1, APE0880.1, APES039, APE_0880a' 
_entity_src_gen.gene_src_species                   'Aeropyrum pernix' 
_entity_src_gen.gene_src_strain                    K1 
_entity_src_gen.gene_src_tissue                    ? 
_entity_src_gen.gene_src_tissue_fraction           ? 
_entity_src_gen.gene_src_details                   ? 
_entity_src_gen.pdbx_gene_src_fragment             ? 
_entity_src_gen.pdbx_gene_src_scientific_name      'Aeropyrum pernix' 
_entity_src_gen.pdbx_gene_src_ncbi_taxonomy_id     272557 
_entity_src_gen.pdbx_gene_src_variant              ? 
_entity_src_gen.pdbx_gene_src_cell_line            ? 
_entity_src_gen.pdbx_gene_src_atcc                 ? 
_entity_src_gen.pdbx_gene_src_organ                ? 
_entity_src_gen.pdbx_gene_src_organelle            ? 
_entity_src_gen.pdbx_gene_src_cell                 ? 
_entity_src_gen.pdbx_gene_src_cellular_location    ? 
_entity_src_gen.host_org_common_name               ? 
_entity_src_gen.pdbx_host_org_scientific_name      'Escherichia coli' 
_entity_src_gen.pdbx_host_org_ncbi_taxonomy_id     562 
_entity_src_gen.host_org_genus                     Escherichia 
_entity_src_gen.pdbx_host_org_gene                 ? 
_entity_src_gen.pdbx_host_org_organ                ? 
_entity_src_gen.host_org_species                   ? 
_entity_src_gen.pdbx_host_org_tissue               ? 
_entity_src_gen.pdbx_host_org_tissue_fraction      ? 
_entity_src_gen.pdbx_host_org_strain               HK100 
_entity_src_gen.pdbx_host_org_variant              ? 
_entity_src_gen.pdbx_host_org_cell_line            ? 
_entity_src_gen.pdbx_host_org_atcc                 ? 
_entity_src_gen.pdbx_host_org_culture_collection   ? 
_entity_src_gen.pdbx_host_org_cell                 ? 
_entity_src_gen.pdbx_host_org_organelle            ? 
_entity_src_gen.pdbx_host_org_cellular_location    ? 
_entity_src_gen.pdbx_host_org_vector_type          Plasmid 
_entity_src_gen.pdbx_host_org_vector               ? 
_entity_src_gen.host_org_details                   ? 
_entity_src_gen.expression_system_id               ? 
_entity_src_gen.plasmid_name                       speedET 
_entity_src_gen.plasmid_details                    ? 
_entity_src_gen.pdbx_description                   ? 
# 
loop_
_chem_comp.id 
_chem_comp.type 
_chem_comp.mon_nstd_flag 
_chem_comp.name 
_chem_comp.pdbx_synonyms 
_chem_comp.formula 
_chem_comp.formula_weight 
ALA 'L-peptide linking' y ALANINE                 ?                 'C3 H7 N O2'     89.093  
ARG 'L-peptide linking' y ARGININE                ?                 'C6 H15 N4 O2 1' 175.209 
ASP 'L-peptide linking' y 'ASPARTIC ACID'         ?                 'C4 H7 N O4'     133.103 
CIT non-polymer         . 'CITRIC ACID'           ?                 'C6 H8 O7'       192.124 
CL  non-polymer         . 'CHLORIDE ION'          ?                 'Cl -1'          35.453  
CYS 'L-peptide linking' y CYSTEINE                ?                 'C3 H7 N O2 S'   121.158 
EDO non-polymer         . 1,2-ETHANEDIOL          'ETHYLENE GLYCOL' 'C2 H6 O2'       62.068  
GLN 'L-peptide linking' y GLUTAMINE               ?                 'C5 H10 N2 O3'   146.144 
GLU 'L-peptide linking' y 'GLUTAMIC ACID'         ?                 'C5 H9 N O4'     147.129 
GLY 'peptide linking'   y GLYCINE                 ?                 'C2 H5 N O2'     75.067  
HIS 'L-peptide linking' y HISTIDINE               ?                 'C6 H10 N3 O2 1' 156.162 
HOH non-polymer         . WATER                   ?                 'H2 O'           18.015  
ILE 'L-peptide linking' y ISOLEUCINE              ?                 'C6 H13 N O2'    131.173 
LEU 'L-peptide linking' y LEUCINE                 ?                 'C6 H13 N O2'    131.173 
LYS 'L-peptide linking' y LYSINE                  ?                 'C6 H15 N2 O2 1' 147.195 
MET 'L-peptide linking' y METHIONINE              ?                 'C5 H11 N O2 S'  149.211 
MSE 'L-peptide linking' n SELENOMETHIONINE        ?                 'C5 H11 N O2 Se' 196.106 
PEG non-polymer         . 'DI(HYDROXYETHYL)ETHER' ?                 'C4 H10 O3'      106.120 
PHE 'L-peptide linking' y PHENYLALANINE           ?                 'C9 H11 N O2'    165.189 
PRO 'L-peptide linking' y PROLINE                 ?                 'C5 H9 N O2'     115.130 
SER 'L-peptide linking' y SERINE                  ?                 'C3 H7 N O3'     105.093 
THR 'L-peptide linking' y THREONINE               ?                 'C4 H9 N O3'     119.119 
TYR 'L-peptide linking' y TYROSINE                ?                 'C9 H11 N O3'    181.189 
VAL 'L-peptide linking' y VALINE                  ?                 'C5 H11 N O2'    117.146 
# 
loop_
_pdbx_poly_seq_scheme.asym_id 
_pdbx_poly_seq_scheme.entity_id 
_pdbx_poly_seq_scheme.seq_id 
_pdbx_poly_seq_scheme.mon_id 
_pdbx_poly_seq_scheme.ndb_seq_num 
_pdbx_poly_seq_scheme.pdb_seq_num 
_pdbx_poly_seq_scheme.auth_seq_num 
_pdbx_poly_seq_scheme.pdb_mon_id 
_pdbx_poly_seq_scheme.auth_mon_id 
_pdbx_poly_seq_scheme.pdb_strand_id 
_pdbx_poly_seq_scheme.pdb_ins_code 
_pdbx_poly_seq_scheme.hetero 
A 1 1  GLY 1  0  ?  ?   ?   A . n 
A 1 2  MSE 2  1  1  MSE MSE A . n 
A 1 3  ASP 3  2  2  ASP ASP A . n 
A 1 4  ASP 4  3  3  ASP ASP A . n 
A 1 5  GLU 5  4  4  GLU GLU A . n 
A 1 6  THR 6  5  5  THR THR A . n 
A 1 7  LEU 7  6  6  LEU LEU A . n 
A 1 8  ARG 8  7  7  ARG ARG A . n 
A 1 9  LEU 9  8  8  LEU LEU A . n 
A 1 10 GLN 10 9  9  GLN GLN A . n 
A 1 11 PHE 11 10 10 PHE PHE A . n 
A 1 12 GLY 12 11 11 GLY GLY A . n 
A 1 13 HIS 13 12 12 HIS HIS A . n 
A 1 14 LEU 14 13 13 LEU LEU A . n 
A 1 15 ILE 15 14 14 ILE ILE A . n 
A 1 16 ARG 16 15 15 ARG ARG A . n 
A 1 17 ILE 17 16 16 ILE ILE A . n 
A 1 18 LEU 18 17 17 LEU LEU A . n 
A 1 19 PRO 19 18 18 PRO PRO A . n 
A 1 20 THR 20 19 19 THR THR A . n 
A 1 21 LEU 21 20 20 LEU LEU A . n 
A 1 22 LEU 22 21 21 LEU LEU A . n 
A 1 23 GLU 23 22 22 GLU GLU A . n 
A 1 24 PHE 24 23 23 PHE PHE A . n 
A 1 25 GLU 25 24 24 GLU GLU A . n 
A 1 26 LYS 26 25 25 LYS LYS A . n 
A 1 27 LYS 27 26 26 LYS LYS A . n 
A 1 28 GLY 28 27 27 GLY GLY A . n 
A 1 29 TYR 29 28 28 TYR TYR A . n 
A 1 30 GLU 30 29 29 GLU GLU A . n 
A 1 31 PRO 31 30 30 PRO PRO A . n 
A 1 32 SER 32 31 31 SER SER A . n 
A 1 33 LEU 33 32 32 LEU LEU A . n 
A 1 34 ALA 34 33 33 ALA ALA A . n 
A 1 35 GLU 35 34 34 GLU GLU A . n 
A 1 36 ILE 36 35 35 ILE ILE A . n 
A 1 37 VAL 37 36 36 VAL VAL A . n 
A 1 38 LYS 38 37 37 LYS LYS A . n 
A 1 39 ALA 39 38 38 ALA ALA A . n 
A 1 40 SER 40 39 39 SER SER A . n 
A 1 41 GLY 41 40 40 GLY GLY A . n 
A 1 42 VAL 42 41 41 VAL VAL A . n 
A 1 43 SER 43 42 42 SER SER A . n 
A 1 44 GLU 44 43 43 GLU GLU A . n 
A 1 45 LYS 45 44 44 LYS LYS A . n 
A 1 46 THR 46 45 45 THR THR A . n 
A 1 47 PHE 47 46 46 PHE PHE A . n 
A 1 48 PHE 48 47 47 PHE PHE A . n 
A 1 49 MSE 49 48 48 MSE MSE A . n 
A 1 50 GLY 50 49 49 GLY GLY A . n 
A 1 51 LEU 51 50 50 LEU LEU A . n 
A 1 52 LYS 52 51 51 LYS LYS A . n 
A 1 53 ASP 53 52 52 ASP ASP A . n 
A 1 54 ARG 54 53 53 ARG ARG A . n 
A 1 55 LEU 55 54 54 LEU LEU A . n 
A 1 56 ILE 56 55 55 ILE ILE A . n 
A 1 57 ARG 57 56 56 ARG ARG A . n 
A 1 58 ALA 58 57 57 ALA ALA A . n 
A 1 59 GLY 59 58 58 GLY GLY A . n 
A 1 60 LEU 60 59 59 LEU LEU A . n 
A 1 61 VAL 61 60 60 VAL VAL A . n 
A 1 62 LYS 62 61 61 LYS LYS A . n 
A 1 63 GLU 63 62 62 GLU GLU A . n 
A 1 64 GLU 64 63 63 GLU GLU A . n 
A 1 65 THR 65 64 64 THR THR A . n 
A 1 66 LEU 66 65 65 LEU LEU A . n 
A 1 67 SER 67 66 66 SER SER A . n 
A 1 68 TYR 68 67 67 TYR TYR A . n 
A 1 69 ARG 69 68 68 ARG ARG A . n 
A 1 70 VAL 70 69 69 VAL VAL A . n 
A 1 71 LYS 71 70 70 LYS LYS A . n 
A 1 72 THR 72 71 71 THR THR A . n 
A 1 73 LEU 73 72 72 LEU LEU A . n 
A 1 74 LYS 74 73 73 LYS LYS A . n 
A 1 75 LEU 75 74 74 LEU LEU A . n 
A 1 76 THR 76 75 75 THR THR A . n 
A 1 77 GLU 77 76 76 GLU GLU A . n 
A 1 78 LYS 78 77 77 LYS LYS A . n 
A 1 79 GLY 79 78 78 GLY GLY A . n 
A 1 80 ARG 80 79 79 ARG ARG A . n 
A 1 81 ARG 81 80 80 ARG ARG A . n 
A 1 82 LEU 82 81 81 LEU LEU A . n 
A 1 83 ALA 83 82 82 ALA ALA A . n 
A 1 84 GLU 84 83 83 GLU GLU A . n 
A 1 85 CYS 85 84 84 CYS CYS A . n 
A 1 86 LEU 86 85 85 LEU LEU A . n 
A 1 87 GLU 87 86 86 GLU GLU A . n 
A 1 88 LYS 88 87 87 LYS LYS A . n 
A 1 89 CYS 89 88 88 CYS CYS A . n 
A 1 90 ARG 90 89 89 ARG ARG A . n 
A 1 91 ASP 91 90 90 ASP ASP A . n 
A 1 92 VAL 92 91 91 VAL VAL A . n 
A 1 93 LEU 93 92 92 LEU LEU A . n 
A 1 94 GLY 94 93 ?  ?   ?   A . n 
A 1 95 SER 95 94 ?  ?   ?   A . n 
B 1 1  GLY 1  0  ?  ?   ?   B . n 
B 1 2  MSE 2  1  ?  ?   ?   B . n 
B 1 3  ASP 3  2  ?  ?   ?   B . n 
B 1 4  ASP 4  3  3  ASP ASP B . n 
B 1 5  GLU 5  4  4  GLU GLU B . n 
B 1 6  THR 6  5  5  THR THR B . n 
B 1 7  LEU 7  6  6  LEU LEU B . n 
B 1 8  ARG 8  7  7  ARG ARG B . n 
B 1 9  LEU 9  8  8  LEU LEU B . n 
B 1 10 GLN 10 9  9  GLN GLN B . n 
B 1 11 PHE 11 10 10 PHE PHE B . n 
B 1 12 GLY 12 11 11 GLY GLY B . n 
B 1 13 HIS 13 12 12 HIS HIS B . n 
B 1 14 LEU 14 13 13 LEU LEU B . n 
B 1 15 ILE 15 14 14 ILE ILE B . n 
B 1 16 ARG 16 15 15 ARG ARG B . n 
B 1 17 ILE 17 16 16 ILE ILE B . n 
B 1 18 LEU 18 17 17 LEU LEU B . n 
B 1 19 PRO 19 18 18 PRO PRO B . n 
B 1 20 THR 20 19 19 THR THR B . n 
B 1 21 LEU 21 20 20 LEU LEU B . n 
B 1 22 LEU 22 21 21 LEU LEU B . n 
B 1 23 GLU 23 22 22 GLU GLU B . n 
B 1 24 PHE 24 23 23 PHE PHE B . n 
B 1 25 GLU 25 24 24 GLU GLU B . n 
B 1 26 LYS 26 25 25 LYS LYS B . n 
B 1 27 LYS 27 26 26 LYS LYS B . n 
B 1 28 GLY 28 27 27 GLY GLY B . n 
B 1 29 TYR 29 28 28 TYR TYR B . n 
B 1 30 GLU 30 29 29 GLU GLU B . n 
B 1 31 PRO 31 30 30 PRO PRO B . n 
B 1 32 SER 32 31 31 SER SER B . n 
B 1 33 LEU 33 32 32 LEU LEU B . n 
B 1 34 ALA 34 33 33 ALA ALA B . n 
B 1 35 GLU 35 34 34 GLU GLU B . n 
B 1 36 ILE 36 35 35 ILE ILE B . n 
B 1 37 VAL 37 36 36 VAL VAL B . n 
B 1 38 LYS 38 37 37 LYS LYS B . n 
B 1 39 ALA 39 38 38 ALA ALA B . n 
B 1 40 SER 40 39 39 SER SER B . n 
B 1 41 GLY 41 40 40 GLY GLY B . n 
B 1 42 VAL 42 41 41 VAL VAL B . n 
B 1 43 SER 43 42 42 SER SER B . n 
B 1 44 GLU 44 43 43 GLU GLU B . n 
B 1 45 LYS 45 44 44 LYS LYS B . n 
B 1 46 THR 46 45 45 THR THR B . n 
B 1 47 PHE 47 46 46 PHE PHE B . n 
B 1 48 PHE 48 47 47 PHE PHE B . n 
B 1 49 MSE 49 48 48 MSE MSE B . n 
B 1 50 GLY 50 49 49 GLY GLY B . n 
B 1 51 LEU 51 50 50 LEU LEU B . n 
B 1 52 LYS 52 51 51 LYS LYS B . n 
B 1 53 ASP 53 52 52 ASP ASP B . n 
B 1 54 ARG 54 53 53 ARG ARG B . n 
B 1 55 LEU 55 54 54 LEU LEU B . n 
B 1 56 ILE 56 55 55 ILE ILE B . n 
B 1 57 ARG 57 56 56 ARG ARG B . n 
B 1 58 ALA 58 57 57 ALA ALA B . n 
B 1 59 GLY 59 58 58 GLY GLY B . n 
B 1 60 LEU 60 59 59 LEU LEU B . n 
B 1 61 VAL 61 60 60 VAL VAL B . n 
B 1 62 LYS 62 61 61 LYS LYS B . n 
B 1 63 GLU 63 62 62 GLU GLU B . n 
B 1 64 GLU 64 63 63 GLU GLU B . n 
B 1 65 THR 65 64 64 THR THR B . n 
B 1 66 LEU 66 65 65 LEU LEU B . n 
B 1 67 SER 67 66 66 SER SER B . n 
B 1 68 TYR 68 67 67 TYR TYR B . n 
B 1 69 ARG 69 68 68 ARG ARG B . n 
B 1 70 VAL 70 69 69 VAL VAL B . n 
B 1 71 LYS 71 70 70 LYS LYS B . n 
B 1 72 THR 72 71 71 THR THR B . n 
B 1 73 LEU 73 72 72 LEU LEU B . n 
B 1 74 LYS 74 73 73 LYS LYS B . n 
B 1 75 LEU 75 74 74 LEU LEU B . n 
B 1 76 THR 76 75 75 THR THR B . n 
B 1 77 GLU 77 76 76 GLU GLU B . n 
B 1 78 LYS 78 77 77 LYS LYS B . n 
B 1 79 GLY 79 78 78 GLY GLY B . n 
B 1 80 ARG 80 79 79 ARG ARG B . n 
B 1 81 ARG 81 80 80 ARG ARG B . n 
B 1 82 LEU 82 81 81 LEU LEU B . n 
B 1 83 ALA 83 82 82 ALA ALA B . n 
B 1 84 GLU 84 83 83 GLU GLU B . n 
B 1 85 CYS 85 84 84 CYS CYS B . n 
B 1 86 LEU 86 85 85 LEU LEU B . n 
B 1 87 GLU 87 86 86 GLU GLU B . n 
B 1 88 LYS 88 87 87 LYS LYS B . n 
B 1 89 CYS 89 88 88 CYS CYS B . n 
B 1 90 ARG 90 89 89 ARG ARG B . n 
B 1 91 ASP 91 90 90 ASP ASP B . n 
B 1 92 VAL 92 91 91 VAL VAL B . n 
B 1 93 LEU 93 92 92 LEU LEU B . n 
B 1 94 GLY 94 93 93 GLY GLY B . n 
B 1 95 SER 95 94 ?  ?   ?   B . n 
# 
loop_
_pdbx_nonpoly_scheme.asym_id 
_pdbx_nonpoly_scheme.entity_id 
_pdbx_nonpoly_scheme.mon_id 
_pdbx_nonpoly_scheme.ndb_seq_num 
_pdbx_nonpoly_scheme.pdb_seq_num 
_pdbx_nonpoly_scheme.auth_seq_num 
_pdbx_nonpoly_scheme.pdb_mon_id 
_pdbx_nonpoly_scheme.auth_mon_id 
_pdbx_nonpoly_scheme.pdb_strand_id 
_pdbx_nonpoly_scheme.pdb_ins_code 
C 2 CL  1  95  2  CL  CL  A . 
D 3 EDO 1  96  5  EDO EDO A . 
E 3 EDO 1  97  6  EDO EDO A . 
F 3 EDO 1  98  7  EDO EDO A . 
G 3 EDO 1  99  8  EDO EDO A . 
H 3 EDO 1  100 10 EDO EDO A . 
I 2 CL  1  95  1  CL  CL  B . 
J 2 CL  1  96  3  CL  CL  B . 
K 4 CIT 1  97  4  CIT CIT B . 
L 3 EDO 1  98  9  EDO EDO B . 
M 3 EDO 1  99  11 EDO EDO B . 
N 5 PEG 1  100 12 PEG PEG B . 
O 6 HOH 1  101 15 HOH HOH A . 
O 6 HOH 2  102 18 HOH HOH A . 
O 6 HOH 3  103 22 HOH HOH A . 
O 6 HOH 4  104 24 HOH HOH A . 
O 6 HOH 5  105 26 HOH HOH A . 
O 6 HOH 6  106 27 HOH HOH A . 
O 6 HOH 7  107 28 HOH HOH A . 
O 6 HOH 8  108 30 HOH HOH A . 
O 6 HOH 9  109 31 HOH HOH A . 
O 6 HOH 10 110 32 HOH HOH A . 
O 6 HOH 11 111 33 HOH HOH A . 
O 6 HOH 12 112 34 HOH HOH A . 
O 6 HOH 13 113 39 HOH HOH A . 
O 6 HOH 14 114 40 HOH HOH A . 
P 6 HOH 1  101 13 HOH HOH B . 
P 6 HOH 2  102 14 HOH HOH B . 
P 6 HOH 3  103 16 HOH HOH B . 
P 6 HOH 4  104 17 HOH HOH B . 
P 6 HOH 5  105 19 HOH HOH B . 
P 6 HOH 6  106 20 HOH HOH B . 
P 6 HOH 7  107 21 HOH HOH B . 
P 6 HOH 8  108 23 HOH HOH B . 
P 6 HOH 9  109 25 HOH HOH B . 
P 6 HOH 10 110 29 HOH HOH B . 
P 6 HOH 11 111 35 HOH HOH B . 
P 6 HOH 12 112 36 HOH HOH B . 
P 6 HOH 13 113 37 HOH HOH B . 
P 6 HOH 14 114 38 HOH HOH B . 
P 6 HOH 15 115 41 HOH HOH B . 
P 6 HOH 16 116 42 HOH HOH B . 
P 6 HOH 17 117 43 HOH HOH B . 
P 6 HOH 18 118 44 HOH HOH B . 
P 6 HOH 19 119 45 HOH HOH B . 
P 6 HOH 20 120 46 HOH HOH B . 
# 
loop_
_pdbx_unobs_or_zero_occ_atoms.id 
_pdbx_unobs_or_zero_occ_atoms.PDB_model_num 
_pdbx_unobs_or_zero_occ_atoms.polymer_flag 
_pdbx_unobs_or_zero_occ_atoms.occupancy_flag 
_pdbx_unobs_or_zero_occ_atoms.auth_asym_id 
_pdbx_unobs_or_zero_occ_atoms.auth_comp_id 
_pdbx_unobs_or_zero_occ_atoms.auth_seq_id 
_pdbx_unobs_or_zero_occ_atoms.PDB_ins_code 
_pdbx_unobs_or_zero_occ_atoms.auth_atom_id 
_pdbx_unobs_or_zero_occ_atoms.label_alt_id 
_pdbx_unobs_or_zero_occ_atoms.label_asym_id 
_pdbx_unobs_or_zero_occ_atoms.label_comp_id 
_pdbx_unobs_or_zero_occ_atoms.label_seq_id 
_pdbx_unobs_or_zero_occ_atoms.label_atom_id 
1  1 Y 1 A ARG 7  ? CZ  ? A ARG 8  CZ  
2  1 Y 1 A ARG 7  ? NH1 ? A ARG 8  NH1 
3  1 Y 1 A ARG 7  ? NH2 ? A ARG 8  NH2 
4  1 Y 1 A LYS 37 ? CE  ? A LYS 38 CE  
5  1 Y 1 A LYS 37 ? NZ  ? A LYS 38 NZ  
6  1 Y 1 A MSE 48 ? CG  ? A MSE 49 CG  
7  1 Y 1 A MSE 48 ? SE  ? A MSE 49 SE  
8  1 Y 1 A MSE 48 ? CE  ? A MSE 49 CE  
9  1 Y 1 A ARG 68 ? CG  ? A ARG 69 CG  
10 1 Y 1 A ARG 68 ? CD  ? A ARG 69 CD  
11 1 Y 1 A ARG 68 ? NE  ? A ARG 69 NE  
12 1 Y 1 A ARG 68 ? CZ  ? A ARG 69 CZ  
13 1 Y 1 A ARG 68 ? NH1 ? A ARG 69 NH1 
14 1 Y 1 A ARG 68 ? NH2 ? A ARG 69 NH2 
15 1 Y 1 A LYS 73 ? CE  ? A LYS 74 CE  
16 1 Y 1 A LYS 73 ? NZ  ? A LYS 74 NZ  
17 1 Y 1 B ARG 7  ? CZ  ? B ARG 8  CZ  
18 1 Y 1 B ARG 7  ? NH1 ? B ARG 8  NH1 
19 1 Y 1 B ARG 7  ? NH2 ? B ARG 8  NH2 
20 1 Y 1 B LYS 44 ? CE  ? B LYS 45 CE  
21 1 Y 1 B LYS 44 ? NZ  ? B LYS 45 NZ  
# 
loop_
_software.name 
_software.version 
_software.date 
_software.type 
_software.contact_author 
_software.contact_author_email 
_software.classification 
_software.location 
_software.language 
_software.citation_id 
_software.pdbx_ordinal 
MolProbity  3beta29  ?                package 'D.C. & J.S. Richardson lab' molprobity@kinemage.biochem.duke.edu 'model building'  
http://kinemage.biochem.duke.edu/molprobity/                       ?          ? 1 
SHELX       .        ?                package 'George Sheldrick'           gsheldr@shelx.uni-ac.gwdg.de         phasing           
http://shelx.uni-ac.gwdg.de/SHELX/                                 Fortran_77 ? 2 
REFMAC      5.2.0019 ?                program 'Murshudov, G.N.'            ccp4@dl.ac.uk                        refinement        
http://www.ccp4.ac.uk/main.html                                    Fortran_77 ? 3 
XSCALE      .        ?                package 'Wolfgang Kabsch'            ?                                    'data scaling'    
http://www.mpimf-heidelberg.mpg.de/~kabsch/xds/xscale_program.html ?          ? 4 
PDB_EXTRACT 2.000    'April. 3, 2006' package PDB                          sw-help@rcsb.rutgers.edu             'data extraction' 
http://pdb.rutgers.edu/software/                                   C++        ? 5 
MAR345      CCD      ?                ?       ?                            ?                                    'data collection' 
?                                                                  ?          ? 6 
XDS         .        ?                ?       ?                            ?                                    'data reduction'  
?                                                                  ?          ? 7 
SHELXD      .        ?                ?       ?                            ?                                    phasing           
?                                                                  ?          ? 8 
SHARP       .        ?                ?       ?                            ?                                    phasing           
?                                                                  ?          ? 9 
# 
_cell.entry_id           2PG4 
_cell.length_a           109.840 
_cell.length_b           109.840 
_cell.length_c           36.760 
_cell.angle_alpha        90.000 
_cell.angle_beta         90.000 
_cell.angle_gamma        90.000 
_cell.pdbx_unique_axis   ? 
_cell.Z_PDB              16 
_cell.length_a_esd       ? 
_cell.length_b_esd       ? 
_cell.length_c_esd       ? 
_cell.angle_alpha_esd    ? 
_cell.angle_beta_esd     ? 
_cell.angle_gamma_esd    ? 
# 
_symmetry.entry_id                         2PG4 
_symmetry.Int_Tables_number                90 
_symmetry.space_group_name_H-M             'P 4 21 2' 
_symmetry.pdbx_full_space_group_name_H-M   ? 
_symmetry.cell_setting                     ? 
_symmetry.space_group_name_Hall            ? 
# 
_exptl.entry_id          2PG4 
_exptl.method            'X-RAY DIFFRACTION' 
_exptl.crystals_number   1 
# 
_exptl_crystal.id                    1 
_exptl_crystal.density_meas          ? 
_exptl_crystal.density_Matthews      2.54 
_exptl_crystal.density_percent_sol   51.50 
_exptl_crystal.description           ? 
_exptl_crystal.F_000                 ? 
_exptl_crystal.preparation           ? 
# 
_exptl_crystal_grow.crystal_id      1 
_exptl_crystal_grow.method          'VAPOR DIFFUSION, SITTING DROP' 
_exptl_crystal_grow.temp            277 
_exptl_crystal_grow.temp_details    ? 
_exptl_crystal_grow.pH              4.0 
_exptl_crystal_grow.pdbx_details    
'NANODROP, 1.0M LiCl, 10.0% PEG 6000, 0.1M Citrate pH 4.0, VAPOR DIFFUSION, SITTING DROP, temperature 277K' 
_exptl_crystal_grow.pdbx_pH_range   . 
# 
_diffrn.id                     1 
_diffrn.ambient_temp           100 
_diffrn.ambient_temp_details   ? 
_diffrn.crystal_id             1 
# 
_diffrn_detector.diffrn_id              1 
_diffrn_detector.detector               CCD 
_diffrn_detector.type                   'MARMOSAIC 325 mm CCD' 
_diffrn_detector.pdbx_collection_date   2007-02-16 
_diffrn_detector.details                'Flat collimating mirror, toroid focusing mirror' 
# 
_diffrn_radiation.diffrn_id                        1 
_diffrn_radiation.wavelength_id                    1 
_diffrn_radiation.pdbx_monochromatic_or_laue_m_l   M 
_diffrn_radiation.monochromator                    'Double crystal' 
_diffrn_radiation.pdbx_diffrn_protocol             MAD 
_diffrn_radiation.pdbx_scattering_type             x-ray 
# 
loop_
_diffrn_radiation_wavelength.id 
_diffrn_radiation_wavelength.wavelength 
_diffrn_radiation_wavelength.wt 
1 0.91162 1.0 
2 0.97929 1.0 
# 
_diffrn_source.diffrn_id                   1 
_diffrn_source.source                      SYNCHROTRON 
_diffrn_source.type                        'SSRL BEAMLINE BL9-2' 
_diffrn_source.pdbx_synchrotron_site       SSRL 
_diffrn_source.pdbx_synchrotron_beamline   BL9-2 
_diffrn_source.pdbx_wavelength             ? 
_diffrn_source.pdbx_wavelength_list        '0.91162, 0.97929' 
# 
_reflns.entry_id                     2PG4 
_reflns.observed_criterion_sigma_I   ? 
_reflns.observed_criterion_sigma_F   ? 
_reflns.d_resolution_low             29.437 
_reflns.d_resolution_high            2.21 
_reflns.number_obs                   11747 
_reflns.number_all                   ? 
_reflns.percent_possible_obs         95.400 
_reflns.pdbx_Rmerge_I_obs            0.062 
_reflns.pdbx_Rsym_value              ? 
_reflns.pdbx_netI_over_sigmaI        11.290 
_reflns.B_iso_Wilson_estimate        52.45 
_reflns.pdbx_redundancy              ? 
_reflns.R_free_details               ? 
_reflns.limit_h_max                  ? 
_reflns.limit_h_min                  ? 
_reflns.limit_k_max                  ? 
_reflns.limit_k_min                  ? 
_reflns.limit_l_max                  ? 
_reflns.limit_l_min                  ? 
_reflns.observed_criterion_F_max     ? 
_reflns.observed_criterion_F_min     ? 
_reflns.pdbx_chi_squared             ? 
_reflns.pdbx_scaling_rejects         ? 
_reflns.pdbx_ordinal                 1 
_reflns.pdbx_diffrn_id               1 
# 
loop_
_reflns_shell.d_res_high 
_reflns_shell.d_res_low 
_reflns_shell.percent_possible_all 
_reflns_shell.Rmerge_I_obs 
_reflns_shell.pdbx_Rsym_value 
_reflns_shell.meanI_over_sigI_obs 
_reflns_shell.pdbx_redundancy 
_reflns_shell.percent_possible_obs 
_reflns_shell.number_unique_all 
_reflns_shell.number_measured_all 
_reflns_shell.number_measured_obs 
_reflns_shell.number_unique_obs 
_reflns_shell.pdbx_chi_squared 
_reflns_shell.pdbx_ordinal 
_reflns_shell.pdbx_diffrn_id 
2.21 2.27 63.10 0.464 ? 2.6  ? ? ? ? ? ? ? 1 1 
2.27 2.36 98.30 0.384 ? 3.4  ? ? ? ? ? ? ? 2 1 
2.36 2.47 98.40 0.312 ? 4.2  ? ? ? ? ? ? ? 3 1 
2.47 2.60 98.30 0.248 ? 5.1  ? ? ? ? ? ? ? 4 1 
2.60 2.76 99.10 0.187 ? 6.8  ? ? ? ? ? ? ? 5 1 
2.76 2.97 99.10 0.136 ? 9.2  ? ? ? ? ? ? ? 6 1 
2.97 3.27 99.30 0.097 ? 12.6 ? ? ? ? ? ? ? 7 1 
3.27 3.74 99.90 0.064 ? 18.2 ? ? ? ? ? ? ? 8 1 
3.74 ?    99.80 0.046 ? 22.8 ? ? ? ? ? ? ? 9 1 
# 
_refine.entry_id                                 2PG4 
_refine.ls_number_reflns_obs                     11725 
_refine.ls_number_reflns_all                     ? 
_refine.pdbx_ls_sigma_I                          ? 
_refine.pdbx_ls_sigma_F                          0.000 
_refine.pdbx_data_cutoff_high_absF               ? 
_refine.pdbx_data_cutoff_low_absF                ? 
_refine.pdbx_data_cutoff_high_rms_absF           ? 
_refine.ls_d_res_low                             29.43 
_refine.ls_d_res_high                            2.21 
_refine.ls_percent_reflns_obs                    98.87 
_refine.ls_R_factor_obs                          0.20083 
_refine.ls_R_factor_all                          ? 
_refine.ls_R_factor_R_work                       0.19797 
_refine.ls_R_factor_R_free                       0.25754 
_refine.ls_R_factor_R_free_error                 ? 
_refine.ls_R_factor_R_free_error_details         ? 
_refine.ls_percent_reflns_R_free                 4.8 
_refine.ls_number_reflns_R_free                  563 
_refine.ls_number_parameters                     ? 
_refine.ls_number_restraints                     ? 
_refine.occupancy_min                            ? 
_refine.occupancy_max                            ? 
_refine.correlation_coeff_Fo_to_Fc               0.954 
_refine.correlation_coeff_Fo_to_Fc_free          0.943 
_refine.B_iso_mean                               40.916 
_refine.aniso_B[1][1]                            -0.23 
_refine.aniso_B[2][2]                            -0.23 
_refine.aniso_B[3][3]                            0.47 
_refine.aniso_B[1][2]                            0.00 
_refine.aniso_B[1][3]                            0.00 
_refine.aniso_B[2][3]                            0.00 
_refine.solvent_model_details                    MASK 
_refine.solvent_model_param_ksol                 ? 
_refine.solvent_model_param_bsol                 ? 
_refine.pdbx_solvent_vdw_probe_radii             1.20 
_refine.pdbx_solvent_ion_probe_radii             0.80 
_refine.pdbx_solvent_shrinkage_radii             0.80 
_refine.pdbx_ls_cross_valid_method               THROUGHOUT 
_refine.details                                  
;1. HYDROGENS HAVE BEEN ADDED IN RIDING POSITIONS. 
2. ATOM RECORD CONTAINS RESIDUAL B FACTORS ONLY. 
3. A MET-INHIBITION PROTOCOL WAS USED FOR SELENOMETHIONINE 
INCORPORATION DURING PROTEIN EXPRESSION. THE OCCUPANCY 
OF THE SE ATOMS IN THE MSE RESIDUES WAS REDUCED TO 0.75 
TO ACCOUNT FOR THE REDUCED SCATTERING POWER DUE TO PARTIAL 
S-MET INCORPORATION. 
4. ETHYLENE GLYCOL (EDO) FROM THE CRYOPROTECTANT, 
CITRATE (CIT) AND CL IONS FROM THE CRYSTALLIZATION 
BUFFER WERE MODELED INTO THE STRUCTURE. 
5. PEG6000 FRAGMENTS (PEG) FROM CRYSTALLIZATION 
SOLUTION ARE MODELLED. 
6. THE SIDE CHAIN OF THE RESIDUE 48 IN THE A SUBUNIT 
WAS DISORDERED AND WAS NOT MODELED.
;
_refine.pdbx_starting_model                      ? 
_refine.pdbx_method_to_determine_struct          MAD 
_refine.pdbx_isotropic_thermal_model             ? 
_refine.pdbx_stereochemistry_target_values       'MAXIMUM LIKELIHOOD WITH PHASES' 
_refine.pdbx_stereochem_target_val_spec_case     ? 
_refine.pdbx_R_Free_selection_details            RANDOM 
_refine.pdbx_overall_ESU_R                       0.257 
_refine.pdbx_overall_ESU_R_Free                  0.219 
_refine.overall_SU_ML                            0.167 
_refine.overall_SU_B                             12.956 
_refine.ls_redundancy_reflns_obs                 ? 
_refine.B_iso_min                                ? 
_refine.B_iso_max                                ? 
_refine.overall_SU_R_Cruickshank_DPI             ? 
_refine.overall_SU_R_free                        ? 
_refine.ls_wR_factor_R_free                      ? 
_refine.ls_wR_factor_R_work                      ? 
_refine.overall_FOM_free_R_set                   ? 
_refine.overall_FOM_work_R_set                   ? 
_refine.pdbx_refine_id                           'X-RAY DIFFRACTION' 
_refine.pdbx_TLS_residual_ADP_flag               'LIKELY RESIDUAL' 
_refine.pdbx_diffrn_id                           1 
_refine.pdbx_overall_phase_error                 ? 
_refine.pdbx_overall_SU_R_free_Cruickshank_DPI   ? 
_refine.pdbx_overall_SU_R_Blow_DPI               ? 
_refine.pdbx_overall_SU_R_free_Blow_DPI          ? 
# 
_refine_hist.pdbx_refine_id                   'X-RAY DIFFRACTION' 
_refine_hist.cycle_id                         LAST 
_refine_hist.pdbx_number_atoms_protein        1453 
_refine_hist.pdbx_number_atoms_nucleic_acid   0 
_refine_hist.pdbx_number_atoms_ligand         51 
_refine_hist.number_atoms_solvent             34 
_refine_hist.number_atoms_total               1538 
_refine_hist.d_res_high                       2.21 
_refine_hist.d_res_low                        29.43 
# 
loop_
_refine_ls_restr.type 
_refine_ls_restr.dev_ideal 
_refine_ls_restr.dev_ideal_target 
_refine_ls_restr.weight 
_refine_ls_restr.number 
_refine_ls_restr.pdbx_refine_id 
_refine_ls_restr.pdbx_restraint_function 
r_bond_refined_d             0.016  0.022  ? 1564 'X-RAY DIFFRACTION' ? 
r_bond_other_d               0.001  0.020  ? 1159 'X-RAY DIFFRACTION' ? 
r_angle_refined_deg          1.650  2.037  ? 2079 'X-RAY DIFFRACTION' ? 
r_angle_other_deg            0.936  3.000  ? 2823 'X-RAY DIFFRACTION' ? 
r_dihedral_angle_1_deg       6.110  5.000  ? 190  'X-RAY DIFFRACTION' ? 
r_dihedral_angle_2_deg       32.916 23.333 ? 63   'X-RAY DIFFRACTION' ? 
r_dihedral_angle_3_deg       17.542 15.000 ? 320  'X-RAY DIFFRACTION' ? 
r_dihedral_angle_4_deg       21.021 15.000 ? 14   'X-RAY DIFFRACTION' ? 
r_chiral_restr               0.075  0.200  ? 238  'X-RAY DIFFRACTION' ? 
r_gen_planes_refined         0.005  0.020  ? 1656 'X-RAY DIFFRACTION' ? 
r_gen_planes_other           0.001  0.020  ? 302  'X-RAY DIFFRACTION' ? 
r_nbd_refined                0.205  0.200  ? 315  'X-RAY DIFFRACTION' ? 
r_nbd_other                  0.181  0.200  ? 1137 'X-RAY DIFFRACTION' ? 
r_nbtor_refined              0.177  0.200  ? 707  'X-RAY DIFFRACTION' ? 
r_nbtor_other                0.086  0.200  ? 861  'X-RAY DIFFRACTION' ? 
r_xyhbond_nbd_refined        0.204  0.200  ? 41   'X-RAY DIFFRACTION' ? 
r_xyhbond_nbd_other          ?      ?      ? ?    'X-RAY DIFFRACTION' ? 
r_metal_ion_refined          ?      ?      ? ?    'X-RAY DIFFRACTION' ? 
r_metal_ion_other            ?      ?      ? ?    'X-RAY DIFFRACTION' ? 
r_symmetry_vdw_refined       0.195  0.200  ? 18   'X-RAY DIFFRACTION' ? 
r_symmetry_vdw_other         0.229  0.200  ? 44   'X-RAY DIFFRACTION' ? 
r_symmetry_hbond_refined     0.211  0.200  ? 4    'X-RAY DIFFRACTION' ? 
r_symmetry_hbond_other       ?      ?      ? ?    'X-RAY DIFFRACTION' ? 
r_symmetry_metal_ion_refined ?      ?      ? ?    'X-RAY DIFFRACTION' ? 
r_symmetry_metal_ion_other   ?      ?      ? ?    'X-RAY DIFFRACTION' ? 
r_mcbond_it                  2.133  3.000  ? 986  'X-RAY DIFFRACTION' ? 
r_mcbond_other               0.530  3.000  ? 383  'X-RAY DIFFRACTION' ? 
r_mcangle_it                 3.117  5.000  ? 1508 'X-RAY DIFFRACTION' ? 
r_scbond_it                  5.915  8.000  ? 654  'X-RAY DIFFRACTION' ? 
r_scangle_it                 7.142  11.000 ? 571  'X-RAY DIFFRACTION' ? 
r_rigid_bond_restr           ?      ?      ? ?    'X-RAY DIFFRACTION' ? 
r_sphericity_free            ?      ?      ? ?    'X-RAY DIFFRACTION' ? 
r_sphericity_bonded          ?      ?      ? ?    'X-RAY DIFFRACTION' ? 
# 
loop_
_refine_ls_restr_ncs.dom_id 
_refine_ls_restr_ncs.pdbx_auth_asym_id 
_refine_ls_restr_ncs.pdbx_number 
_refine_ls_restr_ncs.rms_dev_position 
_refine_ls_restr_ncs.weight_position 
_refine_ls_restr_ncs.pdbx_type 
_refine_ls_restr_ncs.pdbx_ens_id 
_refine_ls_restr_ncs.pdbx_refine_id 
_refine_ls_restr_ncs.pdbx_ordinal 
_refine_ls_restr_ncs.ncs_model_details 
_refine_ls_restr_ncs.rms_dev_B_iso 
_refine_ls_restr_ncs.weight_B_iso 
_refine_ls_restr_ncs.pdbx_asym_id 
_refine_ls_restr_ncs.pdbx_rms 
_refine_ls_restr_ncs.pdbx_weight 
1 A 811 0.42 5.00  'loose positional' 1 'X-RAY DIFFRACTION' 1 ? ? ? ? ? ? 
1 A 313 0.34 5.00  'loose positional' 2 'X-RAY DIFFRACTION' 2 ? ? ? ? ? ? 
1 A 811 2.91 10.00 'loose thermal'    1 'X-RAY DIFFRACTION' 3 ? ? ? ? ? ? 
1 A 313 2.45 10.00 'loose thermal'    2 'X-RAY DIFFRACTION' 4 ? ? ? ? ? ? 
# 
_refine_ls_shell.pdbx_total_number_of_bins_used   20 
_refine_ls_shell.d_res_high                       2.210 
_refine_ls_shell.d_res_low                        2.264 
_refine_ls_shell.number_reflns_R_work             689 
_refine_ls_shell.R_factor_R_work                  0.22 
_refine_ls_shell.percent_reflns_obs               85.58 
_refine_ls_shell.R_factor_R_free                  0.327 
_refine_ls_shell.R_factor_R_free_error            ? 
_refine_ls_shell.percent_reflns_R_free            ? 
_refine_ls_shell.number_reflns_R_free             35 
_refine_ls_shell.number_reflns_all                ? 
_refine_ls_shell.R_factor_all                     ? 
_refine_ls_shell.redundancy_reflns_obs            ? 
_refine_ls_shell.number_reflns_obs                ? 
_refine_ls_shell.pdbx_refine_id                   'X-RAY DIFFRACTION' 
# 
loop_
_struct_ncs_dom.pdbx_ens_id 
_struct_ncs_dom.id 
_struct_ncs_dom.details 
1 1 A 
1 2 B 
2 1 A 
2 2 B 
# 
loop_
_struct_ncs_dom_lim.pdbx_ens_id 
_struct_ncs_dom_lim.dom_id 
_struct_ncs_dom_lim.pdbx_component_id 
_struct_ncs_dom_lim.beg_label_asym_id 
_struct_ncs_dom_lim.beg_label_comp_id 
_struct_ncs_dom_lim.beg_label_seq_id 
_struct_ncs_dom_lim.beg_label_alt_id 
_struct_ncs_dom_lim.end_label_asym_id 
_struct_ncs_dom_lim.end_label_comp_id 
_struct_ncs_dom_lim.end_label_seq_id 
_struct_ncs_dom_lim.end_label_alt_id 
_struct_ncs_dom_lim.beg_auth_asym_id 
_struct_ncs_dom_lim.beg_auth_comp_id 
_struct_ncs_dom_lim.beg_auth_seq_id 
_struct_ncs_dom_lim.end_auth_asym_id 
_struct_ncs_dom_lim.end_auth_comp_id 
_struct_ncs_dom_lim.end_auth_seq_id 
_struct_ncs_dom_lim.pdbx_refine_code 
_struct_ncs_dom_lim.selection_details 
1 1 1 A ASP 4  . A SER 67 . A ASP 3  A SER 66 6 ? 
1 2 1 B ASP 4  . B SER 67 . B ASP 3  B SER 66 6 ? 
2 1 1 A LYS 71 . A LEU 93 . A LYS 70 A LEU 92 6 ? 
2 2 1 B LYS 71 . B LEU 93 . B LYS 70 B LEU 92 6 ? 
# 
loop_
_struct_ncs_ens.id 
_struct_ncs_ens.details 
1 ? 
2 ? 
# 
_struct.entry_id                  2PG4 
_struct.title                     
'Crystal structure of a putative dna binding protein (ape_0880a) from aeropyrum pernix k1 at 2.21 A resolution' 
_struct.pdbx_model_details        ? 
_struct.pdbx_CASP_flag            ? 
_struct.pdbx_model_type_details   ? 
# 
_struct_keywords.text            
'Structural genomics, Joint Center for Structural Genomics, JCSG, Protein Structure Initiative, PSI-2, dna binding protein' 
_struct_keywords.pdbx_keywords   'DNA BINDING PROTEIN' 
_struct_keywords.entry_id        2PG4 
# 
loop_
_struct_asym.id 
_struct_asym.pdbx_blank_PDB_chainid_flag 
_struct_asym.pdbx_modified 
_struct_asym.entity_id 
_struct_asym.details 
A N N 1 ? 
B N N 1 ? 
C N N 2 ? 
D N N 3 ? 
E N N 3 ? 
F N N 3 ? 
G N N 3 ? 
H N N 3 ? 
I N N 2 ? 
J N N 2 ? 
K N N 4 ? 
L N N 3 ? 
M N N 3 ? 
N N N 5 ? 
O N N 6 ? 
P N N 6 ? 
# 
_struct_ref.id                         1 
_struct_ref.db_name                    UNP 
_struct_ref.db_code                    Q9YDN4_AERPE 
_struct_ref.pdbx_db_accession          Q9YDN4 
_struct_ref.entity_id                  1 
_struct_ref.pdbx_seq_one_letter_code   
;MDDETLRLQFGHLIRILPTLLEFEKKGYEPSLAEIVKASGVSEKTFFMGLKDRLIRAGLVKEETLSYRVKTLKLTEKGRR
LAECLEKCRDVLGS
;
_struct_ref.pdbx_align_begin           1 
_struct_ref.pdbx_db_isoform            ? 
# 
loop_
_struct_ref_seq.align_id 
_struct_ref_seq.ref_id 
_struct_ref_seq.pdbx_PDB_id_code 
_struct_ref_seq.pdbx_strand_id 
_struct_ref_seq.seq_align_beg 
_struct_ref_seq.pdbx_seq_align_beg_ins_code 
_struct_ref_seq.seq_align_end 
_struct_ref_seq.pdbx_seq_align_end_ins_code 
_struct_ref_seq.pdbx_db_accession 
_struct_ref_seq.db_align_beg 
_struct_ref_seq.pdbx_db_align_beg_ins_code 
_struct_ref_seq.db_align_end 
_struct_ref_seq.pdbx_db_align_end_ins_code 
_struct_ref_seq.pdbx_auth_seq_align_beg 
_struct_ref_seq.pdbx_auth_seq_align_end 
1 1 2PG4 A 2 ? 95 ? Q9YDN4 1 ? 94 ? 1 94 
2 1 2PG4 B 2 ? 95 ? Q9YDN4 1 ? 94 ? 1 94 
# 
loop_
_struct_ref_seq_dif.align_id 
_struct_ref_seq_dif.pdbx_pdb_id_code 
_struct_ref_seq_dif.mon_id 
_struct_ref_seq_dif.pdbx_pdb_strand_id 
_struct_ref_seq_dif.seq_num 
_struct_ref_seq_dif.pdbx_pdb_ins_code 
_struct_ref_seq_dif.pdbx_seq_db_name 
_struct_ref_seq_dif.pdbx_seq_db_accession_code 
_struct_ref_seq_dif.db_mon_id 
_struct_ref_seq_dif.pdbx_seq_db_seq_num 
_struct_ref_seq_dif.details 
_struct_ref_seq_dif.pdbx_auth_seq_num 
_struct_ref_seq_dif.pdbx_ordinal 
1 2PG4 GLY A 1  ? UNP Q9YDN4 ?   ?  'expression tag'   0  1 
1 2PG4 MSE A 2  ? UNP Q9YDN4 MET 1  'modified residue' 1  2 
1 2PG4 MSE A 49 ? UNP Q9YDN4 MET 48 'modified residue' 48 3 
2 2PG4 GLY B 1  ? UNP Q9YDN4 ?   ?  'expression tag'   0  4 
2 2PG4 MSE B 2  ? UNP Q9YDN4 MET 1  'modified residue' 1  5 
2 2PG4 MSE B 49 ? UNP Q9YDN4 MET 48 'modified residue' 48 6 
# 
loop_
_pdbx_struct_assembly.id 
_pdbx_struct_assembly.details 
_pdbx_struct_assembly.method_details 
_pdbx_struct_assembly.oligomeric_details 
_pdbx_struct_assembly.oligomeric_count 
1 author_and_software_defined_assembly PISA dimeric    2 
2 software_defined_assembly            PISA tetrameric 4 
3 software_defined_assembly            PISA tetrameric 4 
4 software_defined_assembly            PISA tetrameric 4 
# 
loop_
_pdbx_struct_assembly_prop.biol_id 
_pdbx_struct_assembly_prop.type 
_pdbx_struct_assembly_prop.value 
_pdbx_struct_assembly_prop.details 
1 'ABSA (A^2)' 3400  ? 
1 MORE         -47   ? 
1 'SSA (A^2)'  10240 ? 
2 'ABSA (A^2)' 7990  ? 
2 MORE         -91   ? 
2 'SSA (A^2)'  19300 ? 
3 'ABSA (A^2)' 7920  ? 
3 MORE         -87   ? 
3 'SSA (A^2)'  19370 ? 
4 'ABSA (A^2)' 9110  ? 
4 MORE         -80   ? 
4 'SSA (A^2)'  18180 ? 
# 
loop_
_pdbx_struct_assembly_gen.assembly_id 
_pdbx_struct_assembly_gen.oper_expression 
_pdbx_struct_assembly_gen.asym_id_list 
1 1   A,B,C,D,E,F,G,H,I,J,K,L,M,N,O,P 
2 1,2 A,B,C,D,E,F,G,H,I,J,K,L,M,N,O,P 
3 1,3 A,B,C,D,E,F,G,H,I,J,K,L,M,N,O,P 
4 1,4 A,B,C,D,E,F,G,H,I,J,K,L,M,N,O,P 
# 
loop_
_pdbx_struct_oper_list.id 
_pdbx_struct_oper_list.type 
_pdbx_struct_oper_list.name 
_pdbx_struct_oper_list.symmetry_operation 
_pdbx_struct_oper_list.matrix[1][1] 
_pdbx_struct_oper_list.matrix[1][2] 
_pdbx_struct_oper_list.matrix[1][3] 
_pdbx_struct_oper_list.vector[1] 
_pdbx_struct_oper_list.matrix[2][1] 
_pdbx_struct_oper_list.matrix[2][2] 
_pdbx_struct_oper_list.matrix[2][3] 
_pdbx_struct_oper_list.vector[2] 
_pdbx_struct_oper_list.matrix[3][1] 
_pdbx_struct_oper_list.matrix[3][2] 
_pdbx_struct_oper_list.matrix[3][3] 
_pdbx_struct_oper_list.vector[3] 
1 'identity operation'         1_555 x,y,z          1.0000000000  0.0000000000  0.0000000000  0.0000000000   0.0000000000  1.0000000000  0.0000000000 0.0000000000   0.0000000000  0.0000000000 1.0000000000  0.0000000000  
2 'crystal symmetry operation' 8_666 -y+1,-x+1,-z+1 0.6846890612  -0.7163573102 -0.1342873546 9.3944205411   -0.7163573102 -0.6953931692 0.0571011769 16.9264820021  -0.1342873546 0.0571011769 -0.9892958920 27.5623003654 
3 'crystal symmetry operation' 7_556 y,x,-z+1       -0.8999227010 0.1592621474  0.4059245012  -39.9139997275 0.1592621474  -0.7465515973 0.6459847374 22.9460014841  0.4059245012  0.6459847374 0.6464742983  0.8377316853  
4 'crystal symmetry operation' 8_667 -y+1,-x+1,-z+2 0.6846890612  -0.7163573102 -0.1342873546 -2.6646984334  -0.7163573102 -0.6953931692 0.0571011769 -14.2864680530 -0.1342873546 0.0571011769 -0.9892958920 42.7815972748 
# 
_struct_biol.id   1 
# 
loop_
_struct_conf.conf_type_id 
_struct_conf.id 
_struct_conf.pdbx_PDB_helix_id 
_struct_conf.beg_label_comp_id 
_struct_conf.beg_label_asym_id 
_struct_conf.beg_label_seq_id 
_struct_conf.pdbx_beg_PDB_ins_code 
_struct_conf.end_label_comp_id 
_struct_conf.end_label_asym_id 
_struct_conf.end_label_seq_id 
_struct_conf.pdbx_end_PDB_ins_code 
_struct_conf.beg_auth_comp_id 
_struct_conf.beg_auth_asym_id 
_struct_conf.beg_auth_seq_id 
_struct_conf.end_auth_comp_id 
_struct_conf.end_auth_asym_id 
_struct_conf.end_auth_seq_id 
_struct_conf.pdbx_PDB_helix_class 
_struct_conf.details 
_struct_conf.pdbx_PDB_helix_length 
HELX_P HELX_P1  1  ASP A 4  ? LEU A 9  ? ASP A 3  LEU A 8  5 ? 6  
HELX_P HELX_P2  2  GLN A 10 ? LYS A 27 ? GLN A 9  LYS A 26 1 ? 18 
HELX_P HELX_P3  3  SER A 32 ? GLY A 41 ? SER A 31 GLY A 40 1 ? 10 
HELX_P HELX_P4  4  SER A 43 ? MSE A 49 ? SER A 42 MSE A 48 1 ? 7  
HELX_P HELX_P5  5  GLY A 50 ? ALA A 58 ? GLY A 49 ALA A 57 1 ? 9  
HELX_P HELX_P6  6  THR A 76 ? LEU A 93 ? THR A 75 LEU A 92 1 ? 18 
HELX_P HELX_P7  7  GLU B 5  ? LEU B 9  ? GLU B 4  LEU B 8  5 ? 5  
HELX_P HELX_P8  8  GLN B 10 ? LYS B 27 ? GLN B 9  LYS B 26 1 ? 18 
HELX_P HELX_P9  9  SER B 32 ? GLY B 41 ? SER B 31 GLY B 40 1 ? 10 
HELX_P HELX_P10 10 SER B 43 ? MSE B 49 ? SER B 42 MSE B 48 1 ? 7  
HELX_P HELX_P11 11 GLY B 50 ? ALA B 58 ? GLY B 49 ALA B 57 1 ? 9  
HELX_P HELX_P12 12 THR B 76 ? LEU B 93 ? THR B 75 LEU B 92 1 ? 18 
# 
_struct_conf_type.id          HELX_P 
_struct_conf_type.criteria    ? 
_struct_conf_type.reference   ? 
# 
loop_
_struct_conn.id 
_struct_conn.conn_type_id 
_struct_conn.pdbx_leaving_atom_flag 
_struct_conn.pdbx_PDB_id 
_struct_conn.ptnr1_label_asym_id 
_struct_conn.ptnr1_label_comp_id 
_struct_conn.ptnr1_label_seq_id 
_struct_conn.ptnr1_label_atom_id 
_struct_conn.pdbx_ptnr1_label_alt_id 
_struct_conn.pdbx_ptnr1_PDB_ins_code 
_struct_conn.pdbx_ptnr1_standard_comp_id 
_struct_conn.ptnr1_symmetry 
_struct_conn.ptnr2_label_asym_id 
_struct_conn.ptnr2_label_comp_id 
_struct_conn.ptnr2_label_seq_id 
_struct_conn.ptnr2_label_atom_id 
_struct_conn.pdbx_ptnr2_label_alt_id 
_struct_conn.pdbx_ptnr2_PDB_ins_code 
_struct_conn.ptnr1_auth_asym_id 
_struct_conn.ptnr1_auth_comp_id 
_struct_conn.ptnr1_auth_seq_id 
_struct_conn.ptnr2_auth_asym_id 
_struct_conn.ptnr2_auth_comp_id 
_struct_conn.ptnr2_auth_seq_id 
_struct_conn.ptnr2_symmetry 
_struct_conn.pdbx_ptnr3_label_atom_id 
_struct_conn.pdbx_ptnr3_label_seq_id 
_struct_conn.pdbx_ptnr3_label_comp_id 
_struct_conn.pdbx_ptnr3_label_asym_id 
_struct_conn.pdbx_ptnr3_label_alt_id 
_struct_conn.pdbx_ptnr3_PDB_ins_code 
_struct_conn.details 
_struct_conn.pdbx_dist_value 
_struct_conn.pdbx_value_order 
_struct_conn.pdbx_role 
covale1 covale both ? A MSE 2  C A ? ? 1_555 A ASP 3  N A ? A MSE 1  A ASP 2  1_555 ? ? ? ? ? ? ? 1.324 ? ? 
covale2 covale both ? A MSE 2  C B ? ? 1_555 A ASP 3  N B ? A MSE 1  A ASP 2  1_555 ? ? ? ? ? ? ? 1.335 ? ? 
covale3 covale both ? A PHE 48 C ? ? ? 1_555 A MSE 49 N ? ? A PHE 47 A MSE 48 1_555 ? ? ? ? ? ? ? 1.333 ? ? 
covale4 covale both ? A MSE 49 C ? ? ? 1_555 A GLY 50 N ? ? A MSE 48 A GLY 49 1_555 ? ? ? ? ? ? ? 1.330 ? ? 
covale5 covale both ? B PHE 48 C ? ? ? 1_555 B MSE 49 N ? ? B PHE 47 B MSE 48 1_555 ? ? ? ? ? ? ? 1.315 ? ? 
covale6 covale both ? B MSE 49 C ? ? ? 1_555 B GLY 50 N ? ? B MSE 48 B GLY 49 1_555 ? ? ? ? ? ? ? 1.346 ? ? 
# 
_struct_conn_type.id          covale 
_struct_conn_type.criteria    ? 
_struct_conn_type.reference   ? 
# 
loop_
_pdbx_modification_feature.ordinal 
_pdbx_modification_feature.label_comp_id 
_pdbx_modification_feature.label_asym_id 
_pdbx_modification_feature.label_seq_id 
_pdbx_modification_feature.label_alt_id 
_pdbx_modification_feature.modified_residue_label_comp_id 
_pdbx_modification_feature.modified_residue_label_asym_id 
_pdbx_modification_feature.modified_residue_label_seq_id 
_pdbx_modification_feature.modified_residue_label_alt_id 
_pdbx_modification_feature.auth_comp_id 
_pdbx_modification_feature.auth_asym_id 
_pdbx_modification_feature.auth_seq_id 
_pdbx_modification_feature.PDB_ins_code 
_pdbx_modification_feature.symmetry 
_pdbx_modification_feature.modified_residue_auth_comp_id 
_pdbx_modification_feature.modified_residue_auth_asym_id 
_pdbx_modification_feature.modified_residue_auth_seq_id 
_pdbx_modification_feature.modified_residue_PDB_ins_code 
_pdbx_modification_feature.modified_residue_symmetry 
_pdbx_modification_feature.comp_id_linking_atom 
_pdbx_modification_feature.modified_residue_id_linking_atom 
_pdbx_modification_feature.modified_residue_id 
_pdbx_modification_feature.ref_pcm_id 
_pdbx_modification_feature.ref_comp_id 
_pdbx_modification_feature.type 
_pdbx_modification_feature.category 
1 MSE A 2  A . . . . MSE A 1  ? 1_555 . . . . . . . MET 1 MSE Selenomethionine 'Named protein modification' 
2 MSE A 2  B . . . . MSE A 1  ? 1_555 . . . . . . . MET 1 MSE Selenomethionine 'Named protein modification' 
3 MSE A 49 ? . . . . MSE A 48 ? 1_555 . . . . . . . MET 1 MSE Selenomethionine 'Named protein modification' 
4 MSE B 49 ? . . . . MSE B 48 ? 1_555 . . . . . . . MET 1 MSE Selenomethionine 'Named protein modification' 
# 
loop_
_struct_sheet.id 
_struct_sheet.type 
_struct_sheet.number_strands 
_struct_sheet.details 
A ? 2 ? 
B ? 2 ? 
# 
loop_
_struct_sheet_order.sheet_id 
_struct_sheet_order.range_id_1 
_struct_sheet_order.range_id_2 
_struct_sheet_order.offset 
_struct_sheet_order.sense 
A 1 2 ? anti-parallel 
B 1 2 ? anti-parallel 
# 
loop_
_struct_sheet_range.sheet_id 
_struct_sheet_range.id 
_struct_sheet_range.beg_label_comp_id 
_struct_sheet_range.beg_label_asym_id 
_struct_sheet_range.beg_label_seq_id 
_struct_sheet_range.pdbx_beg_PDB_ins_code 
_struct_sheet_range.end_label_comp_id 
_struct_sheet_range.end_label_asym_id 
_struct_sheet_range.end_label_seq_id 
_struct_sheet_range.pdbx_end_PDB_ins_code 
_struct_sheet_range.beg_auth_comp_id 
_struct_sheet_range.beg_auth_asym_id 
_struct_sheet_range.beg_auth_seq_id 
_struct_sheet_range.end_auth_comp_id 
_struct_sheet_range.end_auth_asym_id 
_struct_sheet_range.end_auth_seq_id 
A 1 VAL A 61 ? SER A 67 ? VAL A 60 SER A 66 
A 2 VAL A 70 ? LEU A 75 ? VAL A 69 LEU A 74 
B 1 VAL B 61 ? THR B 65 ? VAL B 60 THR B 64 
B 2 LYS B 71 ? LEU B 75 ? LYS B 70 LEU B 74 
# 
loop_
_pdbx_struct_sheet_hbond.sheet_id 
_pdbx_struct_sheet_hbond.range_id_1 
_pdbx_struct_sheet_hbond.range_id_2 
_pdbx_struct_sheet_hbond.range_1_label_atom_id 
_pdbx_struct_sheet_hbond.range_1_label_comp_id 
_pdbx_struct_sheet_hbond.range_1_label_asym_id 
_pdbx_struct_sheet_hbond.range_1_label_seq_id 
_pdbx_struct_sheet_hbond.range_1_PDB_ins_code 
_pdbx_struct_sheet_hbond.range_1_auth_atom_id 
_pdbx_struct_sheet_hbond.range_1_auth_comp_id 
_pdbx_struct_sheet_hbond.range_1_auth_asym_id 
_pdbx_struct_sheet_hbond.range_1_auth_seq_id 
_pdbx_struct_sheet_hbond.range_2_label_atom_id 
_pdbx_struct_sheet_hbond.range_2_label_comp_id 
_pdbx_struct_sheet_hbond.range_2_label_asym_id 
_pdbx_struct_sheet_hbond.range_2_label_seq_id 
_pdbx_struct_sheet_hbond.range_2_PDB_ins_code 
_pdbx_struct_sheet_hbond.range_2_auth_atom_id 
_pdbx_struct_sheet_hbond.range_2_auth_comp_id 
_pdbx_struct_sheet_hbond.range_2_auth_asym_id 
_pdbx_struct_sheet_hbond.range_2_auth_seq_id 
A 1 2 N LEU A 66 ? N LEU A 65 O VAL A 70 ? O VAL A 69 
B 1 2 N LYS B 62 ? N LYS B 61 O LYS B 74 ? O LYS B 73 
# 
loop_
_struct_site.id 
_struct_site.pdbx_evidence_code 
_struct_site.pdbx_auth_asym_id 
_struct_site.pdbx_auth_comp_id 
_struct_site.pdbx_auth_seq_id 
_struct_site.pdbx_auth_ins_code 
_struct_site.pdbx_num_residues 
_struct_site.details 
AC1 Software B CL  95  ? 3  'BINDING SITE FOR RESIDUE CL B 95'   
AC2 Software A CL  95  ? 3  'BINDING SITE FOR RESIDUE CL A 95'   
AC3 Software B CL  96  ? 3  'BINDING SITE FOR RESIDUE CL B 96'   
AC4 Software B CIT 97  ? 9  'BINDING SITE FOR RESIDUE CIT B 97'  
AC5 Software A EDO 96  ? 8  'BINDING SITE FOR RESIDUE EDO A 96'  
AC6 Software A EDO 97  ? 3  'BINDING SITE FOR RESIDUE EDO A 97'  
AC7 Software A EDO 98  ? 6  'BINDING SITE FOR RESIDUE EDO A 98'  
AC8 Software A EDO 99  ? 5  'BINDING SITE FOR RESIDUE EDO A 99'  
AC9 Software B EDO 98  ? 9  'BINDING SITE FOR RESIDUE EDO B 98'  
BC1 Software A EDO 100 ? 4  'BINDING SITE FOR RESIDUE EDO A 100' 
BC2 Software B EDO 99  ? 3  'BINDING SITE FOR RESIDUE EDO B 99'  
BC3 Software B PEG 100 ? 10 'BINDING SITE FOR RESIDUE PEG B 100' 
# 
loop_
_struct_site_gen.id 
_struct_site_gen.site_id 
_struct_site_gen.pdbx_num_res 
_struct_site_gen.label_comp_id 
_struct_site_gen.label_asym_id 
_struct_site_gen.label_seq_id 
_struct_site_gen.pdbx_auth_ins_code 
_struct_site_gen.auth_comp_id 
_struct_site_gen.auth_asym_id 
_struct_site_gen.auth_seq_id 
_struct_site_gen.label_atom_id 
_struct_site_gen.label_alt_id 
_struct_site_gen.symmetry 
_struct_site_gen.details 
1  AC1 3  GLN B 10 ? GLN B 9   . ? 1_555 ? 
2  AC1 3  HIS B 13 ? HIS B 12  . ? 1_555 ? 
3  AC1 3  ARG B 54 ? ARG B 53  . ? 1_555 ? 
4  AC2 3  GLN A 10 ? GLN A 9   . ? 1_555 ? 
5  AC2 3  HIS A 13 ? HIS A 12  . ? 1_555 ? 
6  AC2 3  ARG A 54 ? ARG A 53  . ? 1_555 ? 
7  AC3 3  LEU B 73 ? LEU B 72  . ? 1_555 ? 
8  AC3 3  HOH P .  ? HOH B 118 . ? 1_555 ? 
9  AC3 3  HOH P .  ? HOH B 119 . ? 1_555 ? 
10 AC4 9  MSE A 2  ? MSE A 1   . ? 8_666 ? 
11 AC4 9  ASP A 3  ? ASP A 2   . ? 8_666 ? 
12 AC4 9  GLN B 10 ? GLN B 9   . ? 1_555 ? 
13 AC4 9  GLY B 12 ? GLY B 11  . ? 1_555 ? 
14 AC4 9  HIS B 13 ? HIS B 12  . ? 1_555 ? 
15 AC4 9  ARG B 16 ? ARG B 15  . ? 1_555 ? 
16 AC4 9  VAL B 42 ? VAL B 41  . ? 1_555 ? 
17 AC4 9  SER B 43 ? SER B 42  . ? 1_555 ? 
18 AC4 9  THR B 46 ? THR B 45  . ? 1_555 ? 
19 AC5 8  SER A 32 ? SER A 31  . ? 1_555 ? 
20 AC5 8  LEU A 33 ? LEU A 32  . ? 1_555 ? 
21 AC5 8  ALA A 34 ? ALA A 33  . ? 1_555 ? 
22 AC5 8  GLU A 44 ? GLU A 43  . ? 7_556 ? 
23 AC5 8  ARG A 69 ? ARG A 68  . ? 1_555 ? 
24 AC5 8  VAL A 70 ? VAL A 69  . ? 1_555 ? 
25 AC5 8  LYS A 71 ? LYS A 70  . ? 1_555 ? 
26 AC5 8  EDO G .  ? EDO A 99  . ? 7_556 ? 
27 AC6 3  SER A 32 ? SER A 31  . ? 1_555 ? 
28 AC6 3  GLU A 35 ? GLU A 34  . ? 1_555 ? 
29 AC6 3  TYR B 68 ? TYR B 67  . ? 3_544 ? 
30 AC7 6  HIS A 13 ? HIS A 12  . ? 1_555 ? 
31 AC7 6  ARG A 16 ? ARG A 15  . ? 1_555 ? 
32 AC7 6  VAL A 42 ? VAL A 41  . ? 1_555 ? 
33 AC7 6  SER A 43 ? SER A 42  . ? 1_555 ? 
34 AC7 6  THR A 46 ? THR A 45  . ? 1_555 ? 
35 AC7 6  HOH O .  ? HOH A 105 . ? 1_555 ? 
36 AC8 5  LEU A 33 ? LEU A 32  . ? 7_556 ? 
37 AC8 5  LYS A 52 ? LYS A 51  . ? 7_556 ? 
38 AC8 5  GLU A 63 ? GLU A 62  . ? 7_556 ? 
39 AC8 5  EDO D .  ? EDO A 96  . ? 7_556 ? 
40 AC8 5  HOH O .  ? HOH A 108 . ? 1_555 ? 
41 AC9 9  PHE B 47 ? PHE B 46  . ? 1_555 ? 
42 AC9 9  PHE B 48 ? PHE B 47  . ? 1_555 ? 
43 AC9 9  PHE B 48 ? PHE B 47  . ? 8_667 ? 
44 AC9 9  MSE B 49 ? MSE B 48  . ? 8_667 ? 
45 AC9 9  GLY B 50 ? GLY B 49  . ? 1_555 ? 
46 AC9 9  LEU B 51 ? LEU B 50  . ? 1_555 ? 
47 AC9 9  LYS B 52 ? LYS B 51  . ? 1_555 ? 
48 AC9 9  ASP B 53 ? ASP B 52  . ? 1_555 ? 
49 AC9 9  HOH P .  ? HOH B 108 . ? 1_555 ? 
50 BC1 4  THR A 20 ? THR A 19  . ? 1_555 ? 
51 BC1 4  GLU A 23 ? GLU A 22  . ? 1_555 ? 
52 BC1 4  PHE A 24 ? PHE A 23  . ? 1_555 ? 
53 BC1 4  LYS A 27 ? LYS A 26  . ? 1_555 ? 
54 BC2 3  THR B 46 ? THR B 45  . ? 1_555 ? 
55 BC2 3  MSE B 49 ? MSE B 48  . ? 1_555 ? 
56 BC2 3  ARG B 54 ? ARG B 53  . ? 1_555 ? 
57 BC3 10 LEU B 33 ? LEU B 32  . ? 1_555 ? 
58 BC3 10 ALA B 34 ? ALA B 33  . ? 8_667 ? 
59 BC3 10 VAL B 37 ? VAL B 36  . ? 8_667 ? 
60 BC3 10 GLU B 44 ? GLU B 43  . ? 8_667 ? 
61 BC3 10 PHE B 48 ? PHE B 47  . ? 8_667 ? 
62 BC3 10 VAL B 70 ? VAL B 69  . ? 1_555 ? 
63 BC3 10 LYS B 71 ? LYS B 70  . ? 1_555 ? 
64 BC3 10 HOH P .  ? HOH B 111 . ? 8_667 ? 
65 BC3 10 HOH P .  ? HOH B 113 . ? 8_667 ? 
66 BC3 10 HOH P .  ? HOH B 113 . ? 1_555 ? 
# 
_pdbx_entry_details.entry_id                   2PG4 
_pdbx_entry_details.compound_details           ? 
_pdbx_entry_details.source_details             ? 
_pdbx_entry_details.nonpolymer_details         ? 
_pdbx_entry_details.sequence_details           ? 
_pdbx_entry_details.has_ligand_of_interest     ? 
_pdbx_entry_details.has_protein_modification   Y 
# 
loop_
_pdbx_validate_torsion.id 
_pdbx_validate_torsion.PDB_model_num 
_pdbx_validate_torsion.auth_comp_id 
_pdbx_validate_torsion.auth_asym_id 
_pdbx_validate_torsion.auth_seq_id 
_pdbx_validate_torsion.PDB_ins_code 
_pdbx_validate_torsion.label_alt_id 
_pdbx_validate_torsion.phi 
_pdbx_validate_torsion.psi 
1 1 ALA A 57 ? ? -68.64 0.19   
2 1 ALA A 57 ? ? -68.96 0.19   
3 1 LEU A 65 ? ? -92.76 -63.54 
4 1 LEU B 92 ? ? -85.29 -88.62 
# 
_pdbx_SG_project.project_name          'PSI, Protein Structure Initiative' 
_pdbx_SG_project.full_name_of_center   'Joint Center for Structural Genomics' 
_pdbx_SG_project.id                    1 
_pdbx_SG_project.initial_of_center     JCSG 
# 
loop_
_pdbx_struct_mod_residue.id 
_pdbx_struct_mod_residue.label_asym_id 
_pdbx_struct_mod_residue.label_comp_id 
_pdbx_struct_mod_residue.label_seq_id 
_pdbx_struct_mod_residue.auth_asym_id 
_pdbx_struct_mod_residue.auth_comp_id 
_pdbx_struct_mod_residue.auth_seq_id 
_pdbx_struct_mod_residue.PDB_ins_code 
_pdbx_struct_mod_residue.parent_comp_id 
_pdbx_struct_mod_residue.details 
1 A MSE 2  A MSE 1  ? MET SELENOMETHIONINE 
2 A MSE 49 A MSE 48 ? MET SELENOMETHIONINE 
3 B MSE 49 B MSE 48 ? MET SELENOMETHIONINE 
# 
loop_
_pdbx_refine_tls.id 
_pdbx_refine_tls.details 
_pdbx_refine_tls.method 
_pdbx_refine_tls.origin_x 
_pdbx_refine_tls.origin_y 
_pdbx_refine_tls.origin_z 
_pdbx_refine_tls.T[1][1] 
_pdbx_refine_tls.T[2][2] 
_pdbx_refine_tls.T[3][3] 
_pdbx_refine_tls.T[1][2] 
_pdbx_refine_tls.T[1][3] 
_pdbx_refine_tls.T[2][3] 
_pdbx_refine_tls.L[1][1] 
_pdbx_refine_tls.L[2][2] 
_pdbx_refine_tls.L[3][3] 
_pdbx_refine_tls.L[1][2] 
_pdbx_refine_tls.L[1][3] 
_pdbx_refine_tls.L[2][3] 
_pdbx_refine_tls.S[1][1] 
_pdbx_refine_tls.S[1][2] 
_pdbx_refine_tls.S[1][3] 
_pdbx_refine_tls.S[2][1] 
_pdbx_refine_tls.S[2][2] 
_pdbx_refine_tls.S[2][3] 
_pdbx_refine_tls.S[3][1] 
_pdbx_refine_tls.S[3][2] 
_pdbx_refine_tls.S[3][3] 
_pdbx_refine_tls.pdbx_refine_id 
1 ? refined -6.7837 8.1645  -6.8172 -0.1236 -0.0741 -0.0854 0.0293 0.0136  0.0536  3.6354 3.9545 4.6366 -1.9532 3.4243 -2.8507 0.0794 0.1294 0.1220  -0.0413 -0.1029 -0.2664 0.0154 0.3331 0.0234  'X-RAY DIFFRACTION' 
2 ? refined 7.2129  -9.0071 7.0350  -0.1477 -0.1283 -0.0997 0.0316 -0.0331 -0.0237 3.1637 2.8367 3.7884 -1.7717 1.8292 -2.2156 0.1648 0.3903 -0.0739 -0.2496 -0.0873 0.1329  0.1696 0.1279 -0.0776 'X-RAY DIFFRACTION' 
# 
loop_
_pdbx_refine_tls_group.id 
_pdbx_refine_tls_group.refine_tls_id 
_pdbx_refine_tls_group.beg_auth_asym_id 
_pdbx_refine_tls_group.beg_auth_seq_id 
_pdbx_refine_tls_group.beg_label_asym_id 
_pdbx_refine_tls_group.beg_label_seq_id 
_pdbx_refine_tls_group.end_auth_asym_id 
_pdbx_refine_tls_group.end_auth_seq_id 
_pdbx_refine_tls_group.end_label_asym_id 
_pdbx_refine_tls_group.end_label_seq_id 
_pdbx_refine_tls_group.selection 
_pdbx_refine_tls_group.pdbx_refine_id 
_pdbx_refine_tls_group.selection_details 
1 1 A 1 A 2 A 92 A 93 ? 'X-RAY DIFFRACTION' ? 
2 2 B 3 B 4 B 93 B 94 ? 'X-RAY DIFFRACTION' ? 
# 
_phasing.method   MAD 
# 
_pdbx_database_remark.id     999 
_pdbx_database_remark.text   
;
SEQUENCE
THE CONSTRUCT WAS EXPRESSED WITH A PURIFICATION
TAG MGSDKIHHHHHHENLYFQG. THE TAG WAS REMOVED
WITH TEV PROTEASE LEAVING ONLY A GLYCINE (0)
FOLLOWED BY THE TARGET SEQUENCE.
;
# 
loop_
_pdbx_unobs_or_zero_occ_residues.id 
_pdbx_unobs_or_zero_occ_residues.PDB_model_num 
_pdbx_unobs_or_zero_occ_residues.polymer_flag 
_pdbx_unobs_or_zero_occ_residues.occupancy_flag 
_pdbx_unobs_or_zero_occ_residues.auth_asym_id 
_pdbx_unobs_or_zero_occ_residues.auth_comp_id 
_pdbx_unobs_or_zero_occ_residues.auth_seq_id 
_pdbx_unobs_or_zero_occ_residues.PDB_ins_code 
_pdbx_unobs_or_zero_occ_residues.label_asym_id 
_pdbx_unobs_or_zero_occ_residues.label_comp_id 
_pdbx_unobs_or_zero_occ_residues.label_seq_id 
1 1 Y 1 A GLY 0  ? A GLY 1  
2 1 Y 1 A GLY 93 ? A GLY 94 
3 1 Y 1 A SER 94 ? A SER 95 
4 1 Y 1 B GLY 0  ? B GLY 1  
5 1 Y 1 B MSE 1  ? B MSE 2  
6 1 Y 1 B ASP 2  ? B ASP 3  
7 1 Y 1 B SER 94 ? B SER 95 
# 
loop_
_chem_comp_atom.comp_id 
_chem_comp_atom.atom_id 
_chem_comp_atom.type_symbol 
_chem_comp_atom.pdbx_aromatic_flag 
_chem_comp_atom.pdbx_stereo_config 
_chem_comp_atom.pdbx_ordinal 
ALA N    N  N N 1   
ALA CA   C  N S 2   
ALA C    C  N N 3   
ALA O    O  N N 4   
ALA CB   C  N N 5   
ALA OXT  O  N N 6   
ALA H    H  N N 7   
ALA H2   H  N N 8   
ALA HA   H  N N 9   
ALA HB1  H  N N 10  
ALA HB2  H  N N 11  
ALA HB3  H  N N 12  
ALA HXT  H  N N 13  
ARG N    N  N N 14  
ARG CA   C  N S 15  
ARG C    C  N N 16  
ARG O    O  N N 17  
ARG CB   C  N N 18  
ARG CG   C  N N 19  
ARG CD   C  N N 20  
ARG NE   N  N N 21  
ARG CZ   C  N N 22  
ARG NH1  N  N N 23  
ARG NH2  N  N N 24  
ARG OXT  O  N N 25  
ARG H    H  N N 26  
ARG H2   H  N N 27  
ARG HA   H  N N 28  
ARG HB2  H  N N 29  
ARG HB3  H  N N 30  
ARG HG2  H  N N 31  
ARG HG3  H  N N 32  
ARG HD2  H  N N 33  
ARG HD3  H  N N 34  
ARG HE   H  N N 35  
ARG HH11 H  N N 36  
ARG HH12 H  N N 37  
ARG HH21 H  N N 38  
ARG HH22 H  N N 39  
ARG HXT  H  N N 40  
ASP N    N  N N 41  
ASP CA   C  N S 42  
ASP C    C  N N 43  
ASP O    O  N N 44  
ASP CB   C  N N 45  
ASP CG   C  N N 46  
ASP OD1  O  N N 47  
ASP OD2  O  N N 48  
ASP OXT  O  N N 49  
ASP H    H  N N 50  
ASP H2   H  N N 51  
ASP HA   H  N N 52  
ASP HB2  H  N N 53  
ASP HB3  H  N N 54  
ASP HD2  H  N N 55  
ASP HXT  H  N N 56  
CIT C1   C  N N 57  
CIT O1   O  N N 58  
CIT O2   O  N N 59  
CIT C2   C  N N 60  
CIT C3   C  N N 61  
CIT O7   O  N N 62  
CIT C4   C  N N 63  
CIT C5   C  N N 64  
CIT O3   O  N N 65  
CIT O4   O  N N 66  
CIT C6   C  N N 67  
CIT O5   O  N N 68  
CIT O6   O  N N 69  
CIT HO2  H  N N 70  
CIT H21  H  N N 71  
CIT H22  H  N N 72  
CIT HO7  H  N N 73  
CIT H41  H  N N 74  
CIT H42  H  N N 75  
CIT HO4  H  N N 76  
CIT HO6  H  N N 77  
CL  CL   CL N N 78  
CYS N    N  N N 79  
CYS CA   C  N R 80  
CYS C    C  N N 81  
CYS O    O  N N 82  
CYS CB   C  N N 83  
CYS SG   S  N N 84  
CYS OXT  O  N N 85  
CYS H    H  N N 86  
CYS H2   H  N N 87  
CYS HA   H  N N 88  
CYS HB2  H  N N 89  
CYS HB3  H  N N 90  
CYS HG   H  N N 91  
CYS HXT  H  N N 92  
EDO C1   C  N N 93  
EDO O1   O  N N 94  
EDO C2   C  N N 95  
EDO O2   O  N N 96  
EDO H11  H  N N 97  
EDO H12  H  N N 98  
EDO HO1  H  N N 99  
EDO H21  H  N N 100 
EDO H22  H  N N 101 
EDO HO2  H  N N 102 
GLN N    N  N N 103 
GLN CA   C  N S 104 
GLN C    C  N N 105 
GLN O    O  N N 106 
GLN CB   C  N N 107 
GLN CG   C  N N 108 
GLN CD   C  N N 109 
GLN OE1  O  N N 110 
GLN NE2  N  N N 111 
GLN OXT  O  N N 112 
GLN H    H  N N 113 
GLN H2   H  N N 114 
GLN HA   H  N N 115 
GLN HB2  H  N N 116 
GLN HB3  H  N N 117 
GLN HG2  H  N N 118 
GLN HG3  H  N N 119 
GLN HE21 H  N N 120 
GLN HE22 H  N N 121 
GLN HXT  H  N N 122 
GLU N    N  N N 123 
GLU CA   C  N S 124 
GLU C    C  N N 125 
GLU O    O  N N 126 
GLU CB   C  N N 127 
GLU CG   C  N N 128 
GLU CD   C  N N 129 
GLU OE1  O  N N 130 
GLU OE2  O  N N 131 
GLU OXT  O  N N 132 
GLU H    H  N N 133 
GLU H2   H  N N 134 
GLU HA   H  N N 135 
GLU HB2  H  N N 136 
GLU HB3  H  N N 137 
GLU HG2  H  N N 138 
GLU HG3  H  N N 139 
GLU HE2  H  N N 140 
GLU HXT  H  N N 141 
GLY N    N  N N 142 
GLY CA   C  N N 143 
GLY C    C  N N 144 
GLY O    O  N N 145 
GLY OXT  O  N N 146 
GLY H    H  N N 147 
GLY H2   H  N N 148 
GLY HA2  H  N N 149 
GLY HA3  H  N N 150 
GLY HXT  H  N N 151 
HIS N    N  N N 152 
HIS CA   C  N S 153 
HIS C    C  N N 154 
HIS O    O  N N 155 
HIS CB   C  N N 156 
HIS CG   C  Y N 157 
HIS ND1  N  Y N 158 
HIS CD2  C  Y N 159 
HIS CE1  C  Y N 160 
HIS NE2  N  Y N 161 
HIS OXT  O  N N 162 
HIS H    H  N N 163 
HIS H2   H  N N 164 
HIS HA   H  N N 165 
HIS HB2  H  N N 166 
HIS HB3  H  N N 167 
HIS HD1  H  N N 168 
HIS HD2  H  N N 169 
HIS HE1  H  N N 170 
HIS HE2  H  N N 171 
HIS HXT  H  N N 172 
HOH O    O  N N 173 
HOH H1   H  N N 174 
HOH H2   H  N N 175 
ILE N    N  N N 176 
ILE CA   C  N S 177 
ILE C    C  N N 178 
ILE O    O  N N 179 
ILE CB   C  N S 180 
ILE CG1  C  N N 181 
ILE CG2  C  N N 182 
ILE CD1  C  N N 183 
ILE OXT  O  N N 184 
ILE H    H  N N 185 
ILE H2   H  N N 186 
ILE HA   H  N N 187 
ILE HB   H  N N 188 
ILE HG12 H  N N 189 
ILE HG13 H  N N 190 
ILE HG21 H  N N 191 
ILE HG22 H  N N 192 
ILE HG23 H  N N 193 
ILE HD11 H  N N 194 
ILE HD12 H  N N 195 
ILE HD13 H  N N 196 
ILE HXT  H  N N 197 
LEU N    N  N N 198 
LEU CA   C  N S 199 
LEU C    C  N N 200 
LEU O    O  N N 201 
LEU CB   C  N N 202 
LEU CG   C  N N 203 
LEU CD1  C  N N 204 
LEU CD2  C  N N 205 
LEU OXT  O  N N 206 
LEU H    H  N N 207 
LEU H2   H  N N 208 
LEU HA   H  N N 209 
LEU HB2  H  N N 210 
LEU HB3  H  N N 211 
LEU HG   H  N N 212 
LEU HD11 H  N N 213 
LEU HD12 H  N N 214 
LEU HD13 H  N N 215 
LEU HD21 H  N N 216 
LEU HD22 H  N N 217 
LEU HD23 H  N N 218 
LEU HXT  H  N N 219 
LYS N    N  N N 220 
LYS CA   C  N S 221 
LYS C    C  N N 222 
LYS O    O  N N 223 
LYS CB   C  N N 224 
LYS CG   C  N N 225 
LYS CD   C  N N 226 
LYS CE   C  N N 227 
LYS NZ   N  N N 228 
LYS OXT  O  N N 229 
LYS H    H  N N 230 
LYS H2   H  N N 231 
LYS HA   H  N N 232 
LYS HB2  H  N N 233 
LYS HB3  H  N N 234 
LYS HG2  H  N N 235 
LYS HG3  H  N N 236 
LYS HD2  H  N N 237 
LYS HD3  H  N N 238 
LYS HE2  H  N N 239 
LYS HE3  H  N N 240 
LYS HZ1  H  N N 241 
LYS HZ2  H  N N 242 
LYS HZ3  H  N N 243 
LYS HXT  H  N N 244 
MET N    N  N N 245 
MET CA   C  N S 246 
MET C    C  N N 247 
MET O    O  N N 248 
MET CB   C  N N 249 
MET CG   C  N N 250 
MET SD   S  N N 251 
MET CE   C  N N 252 
MET OXT  O  N N 253 
MET H    H  N N 254 
MET H2   H  N N 255 
MET HA   H  N N 256 
MET HB2  H  N N 257 
MET HB3  H  N N 258 
MET HG2  H  N N 259 
MET HG3  H  N N 260 
MET HE1  H  N N 261 
MET HE2  H  N N 262 
MET HE3  H  N N 263 
MET HXT  H  N N 264 
MSE N    N  N N 265 
MSE CA   C  N S 266 
MSE C    C  N N 267 
MSE O    O  N N 268 
MSE OXT  O  N N 269 
MSE CB   C  N N 270 
MSE CG   C  N N 271 
MSE SE   SE N N 272 
MSE CE   C  N N 273 
MSE H    H  N N 274 
MSE H2   H  N N 275 
MSE HA   H  N N 276 
MSE HXT  H  N N 277 
MSE HB2  H  N N 278 
MSE HB3  H  N N 279 
MSE HG2  H  N N 280 
MSE HG3  H  N N 281 
MSE HE1  H  N N 282 
MSE HE2  H  N N 283 
MSE HE3  H  N N 284 
PEG C1   C  N N 285 
PEG O1   O  N N 286 
PEG C2   C  N N 287 
PEG O2   O  N N 288 
PEG C3   C  N N 289 
PEG C4   C  N N 290 
PEG O4   O  N N 291 
PEG H11  H  N N 292 
PEG H12  H  N N 293 
PEG HO1  H  N N 294 
PEG H21  H  N N 295 
PEG H22  H  N N 296 
PEG H31  H  N N 297 
PEG H32  H  N N 298 
PEG H41  H  N N 299 
PEG H42  H  N N 300 
PEG HO4  H  N N 301 
PHE N    N  N N 302 
PHE CA   C  N S 303 
PHE C    C  N N 304 
PHE O    O  N N 305 
PHE CB   C  N N 306 
PHE CG   C  Y N 307 
PHE CD1  C  Y N 308 
PHE CD2  C  Y N 309 
PHE CE1  C  Y N 310 
PHE CE2  C  Y N 311 
PHE CZ   C  Y N 312 
PHE OXT  O  N N 313 
PHE H    H  N N 314 
PHE H2   H  N N 315 
PHE HA   H  N N 316 
PHE HB2  H  N N 317 
PHE HB3  H  N N 318 
PHE HD1  H  N N 319 
PHE HD2  H  N N 320 
PHE HE1  H  N N 321 
PHE HE2  H  N N 322 
PHE HZ   H  N N 323 
PHE HXT  H  N N 324 
PRO N    N  N N 325 
PRO CA   C  N S 326 
PRO C    C  N N 327 
PRO O    O  N N 328 
PRO CB   C  N N 329 
PRO CG   C  N N 330 
PRO CD   C  N N 331 
PRO OXT  O  N N 332 
PRO H    H  N N 333 
PRO HA   H  N N 334 
PRO HB2  H  N N 335 
PRO HB3  H  N N 336 
PRO HG2  H  N N 337 
PRO HG3  H  N N 338 
PRO HD2  H  N N 339 
PRO HD3  H  N N 340 
PRO HXT  H  N N 341 
SER N    N  N N 342 
SER CA   C  N S 343 
SER C    C  N N 344 
SER O    O  N N 345 
SER CB   C  N N 346 
SER OG   O  N N 347 
SER OXT  O  N N 348 
SER H    H  N N 349 
SER H2   H  N N 350 
SER HA   H  N N 351 
SER HB2  H  N N 352 
SER HB3  H  N N 353 
SER HG   H  N N 354 
SER HXT  H  N N 355 
THR N    N  N N 356 
THR CA   C  N S 357 
THR C    C  N N 358 
THR O    O  N N 359 
THR CB   C  N R 360 
THR OG1  O  N N 361 
THR CG2  C  N N 362 
THR OXT  O  N N 363 
THR H    H  N N 364 
THR H2   H  N N 365 
THR HA   H  N N 366 
THR HB   H  N N 367 
THR HG1  H  N N 368 
THR HG21 H  N N 369 
THR HG22 H  N N 370 
THR HG23 H  N N 371 
THR HXT  H  N N 372 
TYR N    N  N N 373 
TYR CA   C  N S 374 
TYR C    C  N N 375 
TYR O    O  N N 376 
TYR CB   C  N N 377 
TYR CG   C  Y N 378 
TYR CD1  C  Y N 379 
TYR CD2  C  Y N 380 
TYR CE1  C  Y N 381 
TYR CE2  C  Y N 382 
TYR CZ   C  Y N 383 
TYR OH   O  N N 384 
TYR OXT  O  N N 385 
TYR H    H  N N 386 
TYR H2   H  N N 387 
TYR HA   H  N N 388 
TYR HB2  H  N N 389 
TYR HB3  H  N N 390 
TYR HD1  H  N N 391 
TYR HD2  H  N N 392 
TYR HE1  H  N N 393 
TYR HE2  H  N N 394 
TYR HH   H  N N 395 
TYR HXT  H  N N 396 
VAL N    N  N N 397 
VAL CA   C  N S 398 
VAL C    C  N N 399 
VAL O    O  N N 400 
VAL CB   C  N N 401 
VAL CG1  C  N N 402 
VAL CG2  C  N N 403 
VAL OXT  O  N N 404 
VAL H    H  N N 405 
VAL H2   H  N N 406 
VAL HA   H  N N 407 
VAL HB   H  N N 408 
VAL HG11 H  N N 409 
VAL HG12 H  N N 410 
VAL HG13 H  N N 411 
VAL HG21 H  N N 412 
VAL HG22 H  N N 413 
VAL HG23 H  N N 414 
VAL HXT  H  N N 415 
# 
loop_
_chem_comp_bond.comp_id 
_chem_comp_bond.atom_id_1 
_chem_comp_bond.atom_id_2 
_chem_comp_bond.value_order 
_chem_comp_bond.pdbx_aromatic_flag 
_chem_comp_bond.pdbx_stereo_config 
_chem_comp_bond.pdbx_ordinal 
ALA N   CA   sing N N 1   
ALA N   H    sing N N 2   
ALA N   H2   sing N N 3   
ALA CA  C    sing N N 4   
ALA CA  CB   sing N N 5   
ALA CA  HA   sing N N 6   
ALA C   O    doub N N 7   
ALA C   OXT  sing N N 8   
ALA CB  HB1  sing N N 9   
ALA CB  HB2  sing N N 10  
ALA CB  HB3  sing N N 11  
ALA OXT HXT  sing N N 12  
ARG N   CA   sing N N 13  
ARG N   H    sing N N 14  
ARG N   H2   sing N N 15  
ARG CA  C    sing N N 16  
ARG CA  CB   sing N N 17  
ARG CA  HA   sing N N 18  
ARG C   O    doub N N 19  
ARG C   OXT  sing N N 20  
ARG CB  CG   sing N N 21  
ARG CB  HB2  sing N N 22  
ARG CB  HB3  sing N N 23  
ARG CG  CD   sing N N 24  
ARG CG  HG2  sing N N 25  
ARG CG  HG3  sing N N 26  
ARG CD  NE   sing N N 27  
ARG CD  HD2  sing N N 28  
ARG CD  HD3  sing N N 29  
ARG NE  CZ   sing N N 30  
ARG NE  HE   sing N N 31  
ARG CZ  NH1  sing N N 32  
ARG CZ  NH2  doub N N 33  
ARG NH1 HH11 sing N N 34  
ARG NH1 HH12 sing N N 35  
ARG NH2 HH21 sing N N 36  
ARG NH2 HH22 sing N N 37  
ARG OXT HXT  sing N N 38  
ASP N   CA   sing N N 39  
ASP N   H    sing N N 40  
ASP N   H2   sing N N 41  
ASP CA  C    sing N N 42  
ASP CA  CB   sing N N 43  
ASP CA  HA   sing N N 44  
ASP C   O    doub N N 45  
ASP C   OXT  sing N N 46  
ASP CB  CG   sing N N 47  
ASP CB  HB2  sing N N 48  
ASP CB  HB3  sing N N 49  
ASP CG  OD1  doub N N 50  
ASP CG  OD2  sing N N 51  
ASP OD2 HD2  sing N N 52  
ASP OXT HXT  sing N N 53  
CIT C1  O1   doub N N 54  
CIT C1  O2   sing N N 55  
CIT C1  C2   sing N N 56  
CIT O2  HO2  sing N N 57  
CIT C2  C3   sing N N 58  
CIT C2  H21  sing N N 59  
CIT C2  H22  sing N N 60  
CIT C3  O7   sing N N 61  
CIT C3  C4   sing N N 62  
CIT C3  C6   sing N N 63  
CIT O7  HO7  sing N N 64  
CIT C4  C5   sing N N 65  
CIT C4  H41  sing N N 66  
CIT C4  H42  sing N N 67  
CIT C5  O3   doub N N 68  
CIT C5  O4   sing N N 69  
CIT O4  HO4  sing N N 70  
CIT C6  O5   doub N N 71  
CIT C6  O6   sing N N 72  
CIT O6  HO6  sing N N 73  
CYS N   CA   sing N N 74  
CYS N   H    sing N N 75  
CYS N   H2   sing N N 76  
CYS CA  C    sing N N 77  
CYS CA  CB   sing N N 78  
CYS CA  HA   sing N N 79  
CYS C   O    doub N N 80  
CYS C   OXT  sing N N 81  
CYS CB  SG   sing N N 82  
CYS CB  HB2  sing N N 83  
CYS CB  HB3  sing N N 84  
CYS SG  HG   sing N N 85  
CYS OXT HXT  sing N N 86  
EDO C1  O1   sing N N 87  
EDO C1  C2   sing N N 88  
EDO C1  H11  sing N N 89  
EDO C1  H12  sing N N 90  
EDO O1  HO1  sing N N 91  
EDO C2  O2   sing N N 92  
EDO C2  H21  sing N N 93  
EDO C2  H22  sing N N 94  
EDO O2  HO2  sing N N 95  
GLN N   CA   sing N N 96  
GLN N   H    sing N N 97  
GLN N   H2   sing N N 98  
GLN CA  C    sing N N 99  
GLN CA  CB   sing N N 100 
GLN CA  HA   sing N N 101 
GLN C   O    doub N N 102 
GLN C   OXT  sing N N 103 
GLN CB  CG   sing N N 104 
GLN CB  HB2  sing N N 105 
GLN CB  HB3  sing N N 106 
GLN CG  CD   sing N N 107 
GLN CG  HG2  sing N N 108 
GLN CG  HG3  sing N N 109 
GLN CD  OE1  doub N N 110 
GLN CD  NE2  sing N N 111 
GLN NE2 HE21 sing N N 112 
GLN NE2 HE22 sing N N 113 
GLN OXT HXT  sing N N 114 
GLU N   CA   sing N N 115 
GLU N   H    sing N N 116 
GLU N   H2   sing N N 117 
GLU CA  C    sing N N 118 
GLU CA  CB   sing N N 119 
GLU CA  HA   sing N N 120 
GLU C   O    doub N N 121 
GLU C   OXT  sing N N 122 
GLU CB  CG   sing N N 123 
GLU CB  HB2  sing N N 124 
GLU CB  HB3  sing N N 125 
GLU CG  CD   sing N N 126 
GLU CG  HG2  sing N N 127 
GLU CG  HG3  sing N N 128 
GLU CD  OE1  doub N N 129 
GLU CD  OE2  sing N N 130 
GLU OE2 HE2  sing N N 131 
GLU OXT HXT  sing N N 132 
GLY N   CA   sing N N 133 
GLY N   H    sing N N 134 
GLY N   H2   sing N N 135 
GLY CA  C    sing N N 136 
GLY CA  HA2  sing N N 137 
GLY CA  HA3  sing N N 138 
GLY C   O    doub N N 139 
GLY C   OXT  sing N N 140 
GLY OXT HXT  sing N N 141 
HIS N   CA   sing N N 142 
HIS N   H    sing N N 143 
HIS N   H2   sing N N 144 
HIS CA  C    sing N N 145 
HIS CA  CB   sing N N 146 
HIS CA  HA   sing N N 147 
HIS C   O    doub N N 148 
HIS C   OXT  sing N N 149 
HIS CB  CG   sing N N 150 
HIS CB  HB2  sing N N 151 
HIS CB  HB3  sing N N 152 
HIS CG  ND1  sing Y N 153 
HIS CG  CD2  doub Y N 154 
HIS ND1 CE1  doub Y N 155 
HIS ND1 HD1  sing N N 156 
HIS CD2 NE2  sing Y N 157 
HIS CD2 HD2  sing N N 158 
HIS CE1 NE2  sing Y N 159 
HIS CE1 HE1  sing N N 160 
HIS NE2 HE2  sing N N 161 
HIS OXT HXT  sing N N 162 
HOH O   H1   sing N N 163 
HOH O   H2   sing N N 164 
ILE N   CA   sing N N 165 
ILE N   H    sing N N 166 
ILE N   H2   sing N N 167 
ILE CA  C    sing N N 168 
ILE CA  CB   sing N N 169 
ILE CA  HA   sing N N 170 
ILE C   O    doub N N 171 
ILE C   OXT  sing N N 172 
ILE CB  CG1  sing N N 173 
ILE CB  CG2  sing N N 174 
ILE CB  HB   sing N N 175 
ILE CG1 CD1  sing N N 176 
ILE CG1 HG12 sing N N 177 
ILE CG1 HG13 sing N N 178 
ILE CG2 HG21 sing N N 179 
ILE CG2 HG22 sing N N 180 
ILE CG2 HG23 sing N N 181 
ILE CD1 HD11 sing N N 182 
ILE CD1 HD12 sing N N 183 
ILE CD1 HD13 sing N N 184 
ILE OXT HXT  sing N N 185 
LEU N   CA   sing N N 186 
LEU N   H    sing N N 187 
LEU N   H2   sing N N 188 
LEU CA  C    sing N N 189 
LEU CA  CB   sing N N 190 
LEU CA  HA   sing N N 191 
LEU C   O    doub N N 192 
LEU C   OXT  sing N N 193 
LEU CB  CG   sing N N 194 
LEU CB  HB2  sing N N 195 
LEU CB  HB3  sing N N 196 
LEU CG  CD1  sing N N 197 
LEU CG  CD2  sing N N 198 
LEU CG  HG   sing N N 199 
LEU CD1 HD11 sing N N 200 
LEU CD1 HD12 sing N N 201 
LEU CD1 HD13 sing N N 202 
LEU CD2 HD21 sing N N 203 
LEU CD2 HD22 sing N N 204 
LEU CD2 HD23 sing N N 205 
LEU OXT HXT  sing N N 206 
LYS N   CA   sing N N 207 
LYS N   H    sing N N 208 
LYS N   H2   sing N N 209 
LYS CA  C    sing N N 210 
LYS CA  CB   sing N N 211 
LYS CA  HA   sing N N 212 
LYS C   O    doub N N 213 
LYS C   OXT  sing N N 214 
LYS CB  CG   sing N N 215 
LYS CB  HB2  sing N N 216 
LYS CB  HB3  sing N N 217 
LYS CG  CD   sing N N 218 
LYS CG  HG2  sing N N 219 
LYS CG  HG3  sing N N 220 
LYS CD  CE   sing N N 221 
LYS CD  HD2  sing N N 222 
LYS CD  HD3  sing N N 223 
LYS CE  NZ   sing N N 224 
LYS CE  HE2  sing N N 225 
LYS CE  HE3  sing N N 226 
LYS NZ  HZ1  sing N N 227 
LYS NZ  HZ2  sing N N 228 
LYS NZ  HZ3  sing N N 229 
LYS OXT HXT  sing N N 230 
MET N   CA   sing N N 231 
MET N   H    sing N N 232 
MET N   H2   sing N N 233 
MET CA  C    sing N N 234 
MET CA  CB   sing N N 235 
MET CA  HA   sing N N 236 
MET C   O    doub N N 237 
MET C   OXT  sing N N 238 
MET CB  CG   sing N N 239 
MET CB  HB2  sing N N 240 
MET CB  HB3  sing N N 241 
MET CG  SD   sing N N 242 
MET CG  HG2  sing N N 243 
MET CG  HG3  sing N N 244 
MET SD  CE   sing N N 245 
MET CE  HE1  sing N N 246 
MET CE  HE2  sing N N 247 
MET CE  HE3  sing N N 248 
MET OXT HXT  sing N N 249 
MSE N   CA   sing N N 250 
MSE N   H    sing N N 251 
MSE N   H2   sing N N 252 
MSE CA  C    sing N N 253 
MSE CA  CB   sing N N 254 
MSE CA  HA   sing N N 255 
MSE C   O    doub N N 256 
MSE C   OXT  sing N N 257 
MSE OXT HXT  sing N N 258 
MSE CB  CG   sing N N 259 
MSE CB  HB2  sing N N 260 
MSE CB  HB3  sing N N 261 
MSE CG  SE   sing N N 262 
MSE CG  HG2  sing N N 263 
MSE CG  HG3  sing N N 264 
MSE SE  CE   sing N N 265 
MSE CE  HE1  sing N N 266 
MSE CE  HE2  sing N N 267 
MSE CE  HE3  sing N N 268 
PEG C1  O1   sing N N 269 
PEG C1  C2   sing N N 270 
PEG C1  H11  sing N N 271 
PEG C1  H12  sing N N 272 
PEG O1  HO1  sing N N 273 
PEG C2  O2   sing N N 274 
PEG C2  H21  sing N N 275 
PEG C2  H22  sing N N 276 
PEG O2  C3   sing N N 277 
PEG C3  C4   sing N N 278 
PEG C3  H31  sing N N 279 
PEG C3  H32  sing N N 280 
PEG C4  O4   sing N N 281 
PEG C4  H41  sing N N 282 
PEG C4  H42  sing N N 283 
PEG O4  HO4  sing N N 284 
PHE N   CA   sing N N 285 
PHE N   H    sing N N 286 
PHE N   H2   sing N N 287 
PHE CA  C    sing N N 288 
PHE CA  CB   sing N N 289 
PHE CA  HA   sing N N 290 
PHE C   O    doub N N 291 
PHE C   OXT  sing N N 292 
PHE CB  CG   sing N N 293 
PHE CB  HB2  sing N N 294 
PHE CB  HB3  sing N N 295 
PHE CG  CD1  doub Y N 296 
PHE CG  CD2  sing Y N 297 
PHE CD1 CE1  sing Y N 298 
PHE CD1 HD1  sing N N 299 
PHE CD2 CE2  doub Y N 300 
PHE CD2 HD2  sing N N 301 
PHE CE1 CZ   doub Y N 302 
PHE CE1 HE1  sing N N 303 
PHE CE2 CZ   sing Y N 304 
PHE CE2 HE2  sing N N 305 
PHE CZ  HZ   sing N N 306 
PHE OXT HXT  sing N N 307 
PRO N   CA   sing N N 308 
PRO N   CD   sing N N 309 
PRO N   H    sing N N 310 
PRO CA  C    sing N N 311 
PRO CA  CB   sing N N 312 
PRO CA  HA   sing N N 313 
PRO C   O    doub N N 314 
PRO C   OXT  sing N N 315 
PRO CB  CG   sing N N 316 
PRO CB  HB2  sing N N 317 
PRO CB  HB3  sing N N 318 
PRO CG  CD   sing N N 319 
PRO CG  HG2  sing N N 320 
PRO CG  HG3  sing N N 321 
PRO CD  HD2  sing N N 322 
PRO CD  HD3  sing N N 323 
PRO OXT HXT  sing N N 324 
SER N   CA   sing N N 325 
SER N   H    sing N N 326 
SER N   H2   sing N N 327 
SER CA  C    sing N N 328 
SER CA  CB   sing N N 329 
SER CA  HA   sing N N 330 
SER C   O    doub N N 331 
SER C   OXT  sing N N 332 
SER CB  OG   sing N N 333 
SER CB  HB2  sing N N 334 
SER CB  HB3  sing N N 335 
SER OG  HG   sing N N 336 
SER OXT HXT  sing N N 337 
THR N   CA   sing N N 338 
THR N   H    sing N N 339 
THR N   H2   sing N N 340 
THR CA  C    sing N N 341 
THR CA  CB   sing N N 342 
THR CA  HA   sing N N 343 
THR C   O    doub N N 344 
THR C   OXT  sing N N 345 
THR CB  OG1  sing N N 346 
THR CB  CG2  sing N N 347 
THR CB  HB   sing N N 348 
THR OG1 HG1  sing N N 349 
THR CG2 HG21 sing N N 350 
THR CG2 HG22 sing N N 351 
THR CG2 HG23 sing N N 352 
THR OXT HXT  sing N N 353 
TYR N   CA   sing N N 354 
TYR N   H    sing N N 355 
TYR N   H2   sing N N 356 
TYR CA  C    sing N N 357 
TYR CA  CB   sing N N 358 
TYR CA  HA   sing N N 359 
TYR C   O    doub N N 360 
TYR C   OXT  sing N N 361 
TYR CB  CG   sing N N 362 
TYR CB  HB2  sing N N 363 
TYR CB  HB3  sing N N 364 
TYR CG  CD1  doub Y N 365 
TYR CG  CD2  sing Y N 366 
TYR CD1 CE1  sing Y N 367 
TYR CD1 HD1  sing N N 368 
TYR CD2 CE2  doub Y N 369 
TYR CD2 HD2  sing N N 370 
TYR CE1 CZ   doub Y N 371 
TYR CE1 HE1  sing N N 372 
TYR CE2 CZ   sing Y N 373 
TYR CE2 HE2  sing N N 374 
TYR CZ  OH   sing N N 375 
TYR OH  HH   sing N N 376 
TYR OXT HXT  sing N N 377 
VAL N   CA   sing N N 378 
VAL N   H    sing N N 379 
VAL N   H2   sing N N 380 
VAL CA  C    sing N N 381 
VAL CA  CB   sing N N 382 
VAL CA  HA   sing N N 383 
VAL C   O    doub N N 384 
VAL C   OXT  sing N N 385 
VAL CB  CG1  sing N N 386 
VAL CB  CG2  sing N N 387 
VAL CB  HB   sing N N 388 
VAL CG1 HG11 sing N N 389 
VAL CG1 HG12 sing N N 390 
VAL CG1 HG13 sing N N 391 
VAL CG2 HG21 sing N N 392 
VAL CG2 HG22 sing N N 393 
VAL CG2 HG23 sing N N 394 
VAL OXT HXT  sing N N 395 
# 
_atom_sites.entry_id                    2PG4 
_atom_sites.fract_transf_matrix[1][1]   0.00734509 
_atom_sites.fract_transf_matrix[1][2]   -0.00022056 
_atom_sites.fract_transf_matrix[1][3]   0.00536759 
_atom_sites.fract_transf_matrix[2][1]   -0.00446631 
_atom_sites.fract_transf_matrix[2][2]   0.00480184 
_atom_sites.fract_transf_matrix[2][3]   0.00630908 
_atom_sites.fract_transf_matrix[3][1]   -0.00892296 
_atom_sites.fract_transf_matrix[3][2]   -0.02309555 
_atom_sites.fract_transf_matrix[3][3]   0.01126129 
_atom_sites.fract_transf_vector[1]      0.540034 
_atom_sites.fract_transf_vector[2]      0.246298 
_atom_sites.fract_transf_vector[3]      0.582119 
# 
loop_
_atom_type.symbol 
C  
CL 
N  
O  
S  
SE 
# 
loop_
_atom_site.group_PDB 
_atom_site.id 
_atom_site.type_symbol 
_atom_site.label_atom_id 
_atom_site.label_alt_id 
_atom_site.label_comp_id 
_atom_site.label_asym_id 
_atom_site.label_entity_id 
_atom_site.label_seq_id 
_atom_site.pdbx_PDB_ins_code 
_atom_site.Cartn_x 
_atom_site.Cartn_y 
_atom_site.Cartn_z 
_atom_site.occupancy 
_atom_site.B_iso_or_equiv 
_atom_site.pdbx_formal_charge 
_atom_site.auth_seq_id 
_atom_site.auth_comp_id 
_atom_site.auth_asym_id 
_atom_site.auth_atom_id 
_atom_site.pdbx_PDB_model_num 
HETATM 1    N  N   A MSE A 1 2  ? 9.899   8.904   5.734   0.50 45.60 ? 1   MSE A N   1 
HETATM 2    N  N   B MSE A 1 2  ? 9.912   9.298   4.248   0.50 69.04 ? 1   MSE A N   1 
HETATM 3    C  CA  A MSE A 1 2  ? 9.297   8.462   7.022   0.50 44.89 ? 1   MSE A CA  1 
HETATM 4    C  CA  B MSE A 1 2  ? 8.853   8.326   4.633   0.50 69.26 ? 1   MSE A CA  1 
HETATM 5    C  C   A MSE A 1 2  ? 7.924   9.077   7.220   0.50 51.20 ? 1   MSE A C   1 
HETATM 6    C  C   B MSE A 1 2  ? 7.990   8.826   5.807   0.50 70.11 ? 1   MSE A C   1 
HETATM 7    O  O   A MSE A 1 2  ? 6.958   8.397   7.583   0.50 52.16 ? 1   MSE A O   1 
HETATM 8    O  O   B MSE A 1 2  ? 7.197   8.069   6.361   0.50 71.72 ? 1   MSE A O   1 
HETATM 9    C  CB  A MSE A 1 2  ? 10.178  8.884   8.180   0.50 45.53 ? 1   MSE A CB  1 
HETATM 10   C  CB  B MSE A 1 2  ? 9.469   6.943   4.937   0.50 68.50 ? 1   MSE A CB  1 
HETATM 11   C  CG  A MSE A 1 2  ? 9.590   8.571   9.529   0.50 38.66 ? 1   MSE A CG  1 
HETATM 12   C  CG  B MSE A 1 2  ? 9.974   6.205   3.693   0.50 68.45 ? 1   MSE A CG  1 
HETATM 13   SE SE  A MSE A 1 2  ? 10.790  9.126   10.912  0.37 34.25 ? 1   MSE A SE  1 
HETATM 14   SE SE  B MSE A 1 2  ? 9.712   4.249   3.718   0.38 69.34 ? 1   MSE A SE  1 
HETATM 15   C  CE  A MSE A 1 2  ? 12.392  8.119   10.446  0.50 34.56 ? 1   MSE A CE  1 
HETATM 16   C  CE  B MSE A 1 2  ? 9.335   3.984   1.828   0.50 61.72 ? 1   MSE A CE  1 
ATOM   17   N  N   A ASP A 1 3  ? 7.840   10.379  6.996   0.50 55.21 ? 2   ASP A N   1 
ATOM   18   N  N   B ASP A 1 3  ? 8.123   10.103  6.175   0.50 70.02 ? 2   ASP A N   1 
ATOM   19   C  CA  A ASP A 1 3  ? 6.605   11.105  7.272   0.50 57.80 ? 2   ASP A CA  1 
ATOM   20   C  CA  B ASP A 1 3  ? 7.094   10.785  7.013   0.50 69.01 ? 2   ASP A CA  1 
ATOM   21   C  C   A ASP A 1 3  ? 5.606   11.182  6.105   0.50 61.04 ? 2   ASP A C   1 
ATOM   22   C  C   B ASP A 1 3  ? 5.836   11.100  6.159   0.50 67.74 ? 2   ASP A C   1 
ATOM   23   O  O   A ASP A 1 3  ? 4.586   11.882  6.239   0.50 60.06 ? 2   ASP A O   1 
ATOM   24   O  O   B ASP A 1 3  ? 4.925   11.839  6.567   0.50 68.06 ? 2   ASP A O   1 
ATOM   25   C  CB  A ASP A 1 3  ? 6.926   12.528  7.757   0.50 57.50 ? 2   ASP A CB  1 
ATOM   26   C  CB  B ASP A 1 3  ? 7.659   12.073  7.653   0.50 68.91 ? 2   ASP A CB  1 
ATOM   27   C  CG  A ASP A 1 3  ? 7.538   13.389  6.674   0.50 54.64 ? 2   ASP A CG  1 
ATOM   28   C  CG  B ASP A 1 3  ? 7.765   11.990  9.179   0.50 68.44 ? 2   ASP A CG  1 
ATOM   29   O  OD1 A ASP A 1 3  ? 8.311   12.859  5.843   0.50 41.32 ? 2   ASP A OD1 1 
ATOM   30   O  OD1 B ASP A 1 3  ? 7.869   10.872  9.744   0.50 68.40 ? 2   ASP A OD1 1 
ATOM   31   O  OD2 A ASP A 1 3  ? 7.247   14.602  6.663   0.50 60.11 ? 2   ASP A OD2 1 
ATOM   32   O  OD2 B ASP A 1 3  ? 7.741   13.068  9.813   0.50 60.79 ? 2   ASP A OD2 1 
ATOM   33   N  N   . ASP A 1 4  ? 5.844   10.501  4.971   1.00 63.54 ? 3   ASP A N   1 
ATOM   34   C  CA  . ASP A 1 4  ? 4.852   10.608  3.922   1.00 62.74 ? 3   ASP A CA  1 
ATOM   35   C  C   . ASP A 1 4  ? 3.503   10.127  4.499   1.00 61.88 ? 3   ASP A C   1 
ATOM   36   O  O   . ASP A 1 4  ? 3.436   9.101   5.176   1.00 61.98 ? 3   ASP A O   1 
ATOM   37   C  CB  . ASP A 1 4  ? 5.296   9.798   2.683   1.00 61.48 ? 3   ASP A CB  1 
ATOM   38   C  CG  . ASP A 1 4  ? 4.576   10.238  1.391   1.00 61.40 ? 3   ASP A CG  1 
ATOM   39   O  OD1 . ASP A 1 4  ? 3.377   10.606  1.441   1.00 55.82 ? 3   ASP A OD1 1 
ATOM   40   O  OD2 . ASP A 1 4  ? 5.206   10.205  0.314   1.00 58.68 ? 3   ASP A OD2 1 
ATOM   41   N  N   . GLU A 1 5  ? 2.452   10.911  4.279   1.00 58.98 ? 4   GLU A N   1 
ATOM   42   C  CA  . GLU A 1 5  ? 1.121   10.540  4.736   1.00 58.96 ? 4   GLU A CA  1 
ATOM   43   C  C   . GLU A 1 5  ? 0.566   9.435   3.846   1.00 54.98 ? 4   GLU A C   1 
ATOM   44   O  O   . GLU A 1 5  ? -0.427  8.807   4.205   1.00 55.25 ? 4   GLU A O   1 
ATOM   45   C  CB  . GLU A 1 5  ? 0.188   11.760  4.740   1.00 61.99 ? 4   GLU A CB  1 
ATOM   46   C  CG  . GLU A 1 5  ? -0.876  11.758  5.874   1.00 69.14 ? 4   GLU A CG  1 
ATOM   47   C  CD  . GLU A 1 5  ? -2.235  11.180  5.460   1.00 67.63 ? 4   GLU A CD  1 
ATOM   48   O  OE1 . GLU A 1 5  ? -2.728  11.514  4.353   1.00 71.20 ? 4   GLU A OE1 1 
ATOM   49   O  OE2 . GLU A 1 5  ? -2.813  10.420  6.268   1.00 66.14 ? 4   GLU A OE2 1 
ATOM   50   N  N   . THR A 1 6  ? 1.226   9.202   2.704   1.00 50.19 ? 5   THR A N   1 
ATOM   51   C  CA  . THR A 1 6  ? 1.000   8.029   1.865   1.00 48.81 ? 5   THR A CA  1 
ATOM   52   C  C   . THR A 1 6  ? 1.092   6.714   2.659   1.00 44.85 ? 5   THR A C   1 
ATOM   53   O  O   . THR A 1 6  ? 0.362   5.768   2.405   1.00 41.21 ? 5   THR A O   1 
ATOM   54   C  CB  . THR A 1 6  ? 1.994   7.968   0.644   1.00 50.76 ? 5   THR A CB  1 
ATOM   55   O  OG1 . THR A 1 6  ? 1.842   9.125   -0.205  1.00 53.85 ? 5   THR A OG1 1 
ATOM   56   C  CG2 . THR A 1 6  ? 1.729   6.740   -0.197  1.00 50.95 ? 5   THR A CG2 1 
ATOM   57   N  N   . LEU A 1 7  ? 2.008   6.667   3.614   1.00 43.82 ? 6   LEU A N   1 
ATOM   58   C  CA  . LEU A 1 7  ? 2.210   5.488   4.437   1.00 43.30 ? 6   LEU A CA  1 
ATOM   59   C  C   . LEU A 1 7  ? 1.001   5.160   5.316   1.00 42.00 ? 6   LEU A C   1 
ATOM   60   O  O   . LEU A 1 7  ? 0.788   4.026   5.666   1.00 41.80 ? 6   LEU A O   1 
ATOM   61   C  CB  . LEU A 1 7  ? 3.467   5.670   5.293   1.00 40.90 ? 6   LEU A CB  1 
ATOM   62   C  CG  . LEU A 1 7  ? 4.750   5.882   4.484   1.00 43.93 ? 6   LEU A CG  1 
ATOM   63   C  CD1 . LEU A 1 7  ? 5.862   6.206   5.424   1.00 49.42 ? 6   LEU A CD1 1 
ATOM   64   C  CD2 . LEU A 1 7  ? 5.129   4.712   3.614   1.00 43.71 ? 6   LEU A CD2 1 
ATOM   65   N  N   . ARG A 1 8  ? 0.189   6.168   5.613   1.00 44.05 ? 7   ARG A N   1 
ATOM   66   C  CA  . ARG A 1 8  ? -0.920  6.055   6.521   1.00 46.82 ? 7   ARG A CA  1 
ATOM   67   C  C   . ARG A 1 8  ? -2.166  5.591   5.810   1.00 45.69 ? 7   ARG A C   1 
ATOM   68   O  O   . ARG A 1 8  ? -3.160  5.311   6.459   1.00 46.41 ? 7   ARG A O   1 
ATOM   69   C  CB  . ARG A 1 8  ? -1.183  7.413   7.203   1.00 49.10 ? 7   ARG A CB  1 
ATOM   70   C  CG  . ARG A 1 8  ? 0.048   7.999   7.979   1.00 49.33 ? 7   ARG A CG  1 
ATOM   71   C  CD  . ARG A 1 8  ? -0.354  9.229   8.788   1.00 54.00 ? 7   ARG A CD  1 
ATOM   72   N  NE  . ARG A 1 8  ? 0.771   10.099  9.155   1.00 62.45 ? 7   ARG A NE  1 
ATOM   73   N  N   . LEU A 1 9  ? -2.127  5.518   4.478   1.00 43.81 ? 8   LEU A N   1 
ATOM   74   C  CA  . LEU A 1 9  ? -3.312  5.142   3.705   1.00 43.67 ? 8   LEU A CA  1 
ATOM   75   C  C   . LEU A 1 9  ? -3.514  3.609   3.753   1.00 42.85 ? 8   LEU A C   1 
ATOM   76   O  O   . LEU A 1 9  ? -2.605  2.863   4.084   1.00 40.15 ? 8   LEU A O   1 
ATOM   77   C  CB  . LEU A 1 9  ? -3.216  5.679   2.289   1.00 41.94 ? 8   LEU A CB  1 
ATOM   78   C  CG  . LEU A 1 9  ? -3.084  7.215   2.254   1.00 43.00 ? 8   LEU A CG  1 
ATOM   79   C  CD1 . LEU A 1 9  ? -2.786  7.701   0.850   1.00 46.69 ? 8   LEU A CD1 1 
ATOM   80   C  CD2 . LEU A 1 9  ? -4.335  7.843   2.767   1.00 43.94 ? 8   LEU A CD2 1 
ATOM   81   N  N   . GLN A 1 10 ? -4.742  3.183   3.504   1.00 40.90 ? 9   GLN A N   1 
ATOM   82   C  CA  . GLN A 1 10 ? -5.110  1.785   3.473   1.00 43.24 ? 9   GLN A CA  1 
ATOM   83   C  C   . GLN A 1 10 ? -4.701  1.234   2.110   1.00 42.51 ? 9   GLN A C   1 
ATOM   84   O  O   . GLN A 1 10 ? -4.764  1.929   1.092   1.00 39.20 ? 9   GLN A O   1 
ATOM   85   C  CB  . GLN A 1 10 ? -6.621  1.632   3.673   1.00 41.88 ? 9   GLN A CB  1 
ATOM   86   C  CG  . GLN A 1 10 ? -7.074  0.234   3.988   1.00 42.59 ? 9   GLN A CG  1 
ATOM   87   C  CD  . GLN A 1 10 ? -8.430  -0.112  3.396   1.00 47.72 ? 9   GLN A CD  1 
ATOM   88   O  OE1 . GLN A 1 10 ? -8.620  -0.026  2.200   1.00 43.02 ? 9   GLN A OE1 1 
ATOM   89   N  NE2 . GLN A 1 10 ? -9.365  -0.552  4.239   1.00 39.78 ? 9   GLN A NE2 1 
ATOM   90   N  N   . PHE A 1 11 ? -4.285  -0.024  2.086   1.00 41.02 ? 10  PHE A N   1 
ATOM   91   C  CA  . PHE A 1 11 ? -3.710  -0.571  0.871   1.00 38.20 ? 10  PHE A CA  1 
ATOM   92   C  C   . PHE A 1 11 ? -4.799  -0.656  -0.176  1.00 41.04 ? 10  PHE A C   1 
ATOM   93   O  O   . PHE A 1 11 ? -4.582  -0.246  -1.314  1.00 43.49 ? 10  PHE A O   1 
ATOM   94   C  CB  . PHE A 1 11 ? -3.012  -1.930  1.160   1.00 38.65 ? 10  PHE A CB  1 
ATOM   95   C  CG  . PHE A 1 11 ? -2.316  -2.533  -0.034  1.00 37.79 ? 10  PHE A CG  1 
ATOM   96   C  CD1 . PHE A 1 11 ? -1.414  -1.779  -0.794  1.00 38.98 ? 10  PHE A CD1 1 
ATOM   97   C  CD2 . PHE A 1 11 ? -2.586  -3.841  -0.428  1.00 36.32 ? 10  PHE A CD2 1 
ATOM   98   C  CE1 . PHE A 1 11 ? -0.783  -2.325  -1.921  1.00 39.88 ? 10  PHE A CE1 1 
ATOM   99   C  CE2 . PHE A 1 11 ? -1.943  -4.384  -1.539  1.00 39.18 ? 10  PHE A CE2 1 
ATOM   100  C  CZ  . PHE A 1 11 ? -1.051  -3.605  -2.288  1.00 37.18 ? 10  PHE A CZ  1 
ATOM   101  N  N   . GLY A 1 12 ? -5.967  -1.183  0.207   1.00 42.01 ? 11  GLY A N   1 
ATOM   102  C  CA  . GLY A 1 12 ? -7.125  -1.308  -0.697  1.00 47.08 ? 11  GLY A CA  1 
ATOM   103  C  C   . GLY A 1 12 ? -7.601  -0.047  -1.416  1.00 48.46 ? 11  GLY A C   1 
ATOM   104  O  O   . GLY A 1 12 ? -7.818  -0.059  -2.628  1.00 51.61 ? 11  GLY A O   1 
ATOM   105  N  N   . HIS A 1 13 ? -7.779  1.022   -0.655  1.00 48.86 ? 12  HIS A N   1 
ATOM   106  C  CA  . HIS A 1 13 ? -8.074  2.358   -1.182  1.00 48.75 ? 12  HIS A CA  1 
ATOM   107  C  C   . HIS A 1 13 ? -7.051  2.845   -2.208  1.00 49.16 ? 12  HIS A C   1 
ATOM   108  O  O   . HIS A 1 13 ? -7.403  3.441   -3.236  1.00 50.47 ? 12  HIS A O   1 
ATOM   109  C  CB  . HIS A 1 13 ? -8.162  3.377   -0.006  1.00 49.35 ? 12  HIS A CB  1 
ATOM   110  C  CG  . HIS A 1 13 ? -9.264  3.079   0.992   1.00 38.49 ? 12  HIS A CG  1 
ATOM   111  N  ND1 . HIS A 1 13 ? -9.243  3.547   2.292   1.00 41.83 ? 12  HIS A ND1 1 
ATOM   112  C  CD2 . HIS A 1 13 ? -10.392 2.338   0.884   1.00 45.86 ? 12  HIS A CD2 1 
ATOM   113  C  CE1 . HIS A 1 13 ? -10.318 3.120   2.932   1.00 41.69 ? 12  HIS A CE1 1 
ATOM   114  N  NE2 . HIS A 1 13 ? -11.035 2.384   2.102   1.00 40.15 ? 12  HIS A NE2 1 
ATOM   115  N  N   . LEU A 1 14 ? -5.778  2.627   -1.921  1.00 48.88 ? 13  LEU A N   1 
ATOM   116  C  CA  . LEU A 1 14 ? -4.695  2.978   -2.853  1.00 48.92 ? 13  LEU A CA  1 
ATOM   117  C  C   . LEU A 1 14 ? -4.730  2.148   -4.146  1.00 48.66 ? 13  LEU A C   1 
ATOM   118  O  O   . LEU A 1 14 ? -4.721  2.680   -5.224  1.00 47.77 ? 13  LEU A O   1 
ATOM   119  C  CB  . LEU A 1 14 ? -3.316  2.770   -2.189  1.00 50.96 ? 13  LEU A CB  1 
ATOM   120  C  CG  . LEU A 1 14 ? -2.821  3.843   -1.227  1.00 51.42 ? 13  LEU A CG  1 
ATOM   121  C  CD1 . LEU A 1 14 ? -1.497  3.431   -0.545  1.00 47.46 ? 13  LEU A CD1 1 
ATOM   122  C  CD2 . LEU A 1 14 ? -2.685  5.153   -1.990  1.00 52.28 ? 13  LEU A CD2 1 
ATOM   123  N  N   . ILE A 1 15 ? -4.743  0.833   -3.991  1.00 47.35 ? 14  ILE A N   1 
ATOM   124  C  CA  . ILE A 1 15 ? -4.726  -0.110  -5.097  1.00 46.59 ? 14  ILE A CA  1 
ATOM   125  C  C   . ILE A 1 15 ? -5.965  -0.024  -5.999  1.00 47.86 ? 14  ILE A C   1 
ATOM   126  O  O   . ILE A 1 15 ? -5.937  -0.409  -7.189  1.00 45.55 ? 14  ILE A O   1 
ATOM   127  C  CB  . ILE A 1 15 ? -4.428  -1.574  -4.540  1.00 46.15 ? 14  ILE A CB  1 
ATOM   128  C  CG1 . ILE A 1 15 ? -3.800  -2.454  -5.622  1.00 52.77 ? 14  ILE A CG1 1 
ATOM   129  C  CG2 . ILE A 1 15 ? -5.660  -2.267  -3.898  1.00 39.92 ? 14  ILE A CG2 1 
ATOM   130  C  CD1 . ILE A 1 15 ? -2.584  -3.160  -5.161  1.00 46.91 ? 14  ILE A CD1 1 
ATOM   131  N  N   . ARG A 1 16 ? -7.049  0.486   -5.425  1.00 49.01 ? 15  ARG A N   1 
ATOM   132  C  CA  . ARG A 1 16 ? -8.268  0.802   -6.179  1.00 49.51 ? 15  ARG A CA  1 
ATOM   133  C  C   . ARG A 1 16 ? -8.243  2.147   -6.938  1.00 47.80 ? 15  ARG A C   1 
ATOM   134  O  O   . ARG A 1 16 ? -8.419  2.165   -8.152  1.00 43.15 ? 15  ARG A O   1 
ATOM   135  C  CB  . ARG A 1 16 ? -9.474  0.772   -5.234  1.00 52.76 ? 15  ARG A CB  1 
ATOM   136  C  CG  . ARG A 1 16 ? -9.990  -0.593  -4.979  1.00 51.81 ? 15  ARG A CG  1 
ATOM   137  C  CD  . ARG A 1 16 ? -11.228 -0.560  -4.151  1.00 60.84 ? 15  ARG A CD  1 
ATOM   138  N  NE  . ARG A 1 16 ? -11.842 -1.889  -4.116  1.00 63.71 ? 15  ARG A NE  1 
ATOM   139  C  CZ  . ARG A 1 16 ? -11.763 -2.745  -3.100  1.00 74.28 ? 15  ARG A CZ  1 
ATOM   140  N  NH1 . ARG A 1 16 ? -11.098 -2.438  -1.981  1.00 84.25 ? 15  ARG A NH1 1 
ATOM   141  N  NH2 . ARG A 1 16 ? -12.362 -3.931  -3.195  1.00 74.82 ? 15  ARG A NH2 1 
ATOM   142  N  N   . ILE A 1 17 ? -8.038  3.251   -6.217  1.00 47.80 ? 16  ILE A N   1 
ATOM   143  C  CA  . ILE A 1 17 ? -8.186  4.591   -6.795  1.00 47.72 ? 16  ILE A CA  1 
ATOM   144  C  C   . ILE A 1 17 ? -7.044  4.968   -7.709  1.00 45.56 ? 16  ILE A C   1 
ATOM   145  O  O   . ILE A 1 17 ? -7.280  5.494   -8.750  1.00 44.53 ? 16  ILE A O   1 
ATOM   146  C  CB  . ILE A 1 17 ? -8.317  5.734   -5.757  1.00 48.39 ? 16  ILE A CB  1 
ATOM   147  C  CG1 . ILE A 1 17 ? -9.603  5.616   -4.922  1.00 49.36 ? 16  ILE A CG1 1 
ATOM   148  C  CG2 . ILE A 1 17 ? -8.362  7.053   -6.496  1.00 46.65 ? 16  ILE A CG2 1 
ATOM   149  C  CD1 . ILE A 1 17 ? -9.532  6.384   -3.656  1.00 59.06 ? 16  ILE A CD1 1 
ATOM   150  N  N   . LEU A 1 18 ? -5.817  4.635   -7.339  1.00 46.22 ? 17  LEU A N   1 
ATOM   151  C  CA  . LEU A 1 18 ? -4.655  5.141   -8.066  1.00 46.24 ? 17  LEU A CA  1 
ATOM   152  C  C   . LEU A 1 18 ? -4.482  4.495   -9.448  1.00 46.10 ? 17  LEU A C   1 
ATOM   153  O  O   . LEU A 1 18 ? -4.331  5.212   -10.438 1.00 44.00 ? 17  LEU A O   1 
ATOM   154  C  CB  . LEU A 1 18 ? -3.401  5.049   -7.209  1.00 45.41 ? 17  LEU A CB  1 
ATOM   155  C  CG  . LEU A 1 18 ? -2.957  6.397   -6.630  1.00 44.81 ? 17  LEU A CG  1 
ATOM   156  C  CD1 . LEU A 1 18 ? -4.064  7.185   -5.934  1.00 40.50 ? 17  LEU A CD1 1 
ATOM   157  C  CD2 . LEU A 1 18 ? -1.776  6.178   -5.693  1.00 44.56 ? 17  LEU A CD2 1 
ATOM   158  N  N   . PRO A 1 19 ? -4.504  3.141   -9.540  1.00 43.57 ? 18  PRO A N   1 
ATOM   159  C  CA  . PRO A 1 19 ? -4.718  2.518   -10.855 1.00 43.21 ? 18  PRO A CA  1 
ATOM   160  C  C   . PRO A 1 19 ? -5.951  2.934   -11.682 1.00 43.69 ? 18  PRO A C   1 
ATOM   161  O  O   . PRO A 1 19 ? -5.853  3.022   -12.915 1.00 41.93 ? 18  PRO A O   1 
ATOM   162  C  CB  . PRO A 1 19 ? -4.802  1.044   -10.498 1.00 43.00 ? 18  PRO A CB  1 
ATOM   163  C  CG  . PRO A 1 19 ? -3.826  0.944   -9.393  1.00 40.93 ? 18  PRO A CG  1 
ATOM   164  C  CD  . PRO A 1 19 ? -4.213  2.113   -8.542  1.00 44.31 ? 18  PRO A CD  1 
ATOM   165  N  N   . THR A 1 20 ? -7.114  3.133   -11.055 1.00 44.72 ? 19  THR A N   1 
ATOM   166  C  CA  . THR A 1 20 ? -8.278  3.594   -11.823 1.00 45.19 ? 19  THR A CA  1 
ATOM   167  C  C   . THR A 1 20 ? -7.955  4.946   -12.533 1.00 45.62 ? 19  THR A C   1 
ATOM   168  O  O   . THR A 1 20 ? -8.231  5.146   -13.719 1.00 49.55 ? 19  THR A O   1 
ATOM   169  C  CB  . THR A 1 20 ? -9.512  3.736   -10.902 1.00 48.15 ? 19  THR A CB  1 
ATOM   170  O  OG1 . THR A 1 20 ? -9.920  2.451   -10.475 1.00 45.76 ? 19  THR A OG1 1 
ATOM   171  C  CG2 . THR A 1 20 ? -10.695 4.416   -11.602 1.00 54.19 ? 19  THR A CG2 1 
ATOM   172  N  N   . LEU A 1 21 ? -7.353  5.879   -11.806 1.00 44.89 ? 20  LEU A N   1 
ATOM   173  C  CA  . LEU A 1 21 ? -7.027  7.175   -12.386 1.00 41.70 ? 20  LEU A CA  1 
ATOM   174  C  C   . LEU A 1 21 ? -5.950  7.089   -13.475 1.00 40.00 ? 20  LEU A C   1 
ATOM   175  O  O   . LEU A 1 21 ? -5.998  7.821   -14.478 1.00 38.29 ? 20  LEU A O   1 
ATOM   176  C  CB  . LEU A 1 21 ? -6.570  8.135   -11.293 1.00 43.98 ? 20  LEU A CB  1 
ATOM   177  C  CG  . LEU A 1 21 ? -7.442  8.642   -10.156 1.00 48.91 ? 20  LEU A CG  1 
ATOM   178  C  CD1 . LEU A 1 21 ? -6.588  9.549   -9.267  1.00 46.82 ? 20  LEU A CD1 1 
ATOM   179  C  CD2 . LEU A 1 21 ? -8.616  9.404   -10.702 1.00 50.19 ? 20  LEU A CD2 1 
ATOM   180  N  N   . LEU A 1 22 ? -4.959  6.223   -13.286 1.00 37.62 ? 21  LEU A N   1 
ATOM   181  C  CA  . LEU A 1 22 ? -3.974  5.969   -14.361 1.00 42.11 ? 21  LEU A CA  1 
ATOM   182  C  C   . LEU A 1 22 ? -4.628  5.400   -15.662 1.00 44.81 ? 21  LEU A C   1 
ATOM   183  O  O   . LEU A 1 22 ? -4.262  5.763   -16.781 1.00 43.55 ? 21  LEU A O   1 
ATOM   184  C  CB  . LEU A 1 22 ? -2.853  5.066   -13.839 1.00 40.05 ? 21  LEU A CB  1 
ATOM   185  C  CG  . LEU A 1 22 ? -1.630  4.848   -14.701 1.00 43.08 ? 21  LEU A CG  1 
ATOM   186  C  CD1 . LEU A 1 22 ? -0.788  6.091   -14.850 1.00 43.85 ? 21  LEU A CD1 1 
ATOM   187  C  CD2 . LEU A 1 22 ? -0.861  3.747   -14.072 1.00 44.57 ? 21  LEU A CD2 1 
ATOM   188  N  N   . GLU A 1 23 ? -5.612  4.528   -15.500 1.00 46.38 ? 22  GLU A N   1 
ATOM   189  C  CA  . GLU A 1 23 ? -6.242  3.889   -16.647 1.00 46.77 ? 22  GLU A CA  1 
ATOM   190  C  C   . GLU A 1 23 ? -7.138  4.845   -17.436 1.00 44.15 ? 22  GLU A C   1 
ATOM   191  O  O   . GLU A 1 23 ? -7.155  4.779   -18.655 1.00 44.14 ? 22  GLU A O   1 
ATOM   192  C  CB  . GLU A 1 23 ? -6.998  2.637   -16.181 1.00 48.17 ? 22  GLU A CB  1 
ATOM   193  C  CG  . GLU A 1 23 ? -6.057  1.493   -15.766 1.00 51.96 ? 22  GLU A CG  1 
ATOM   194  C  CD  . GLU A 1 23 ? -6.745  0.359   -14.973 1.00 54.11 ? 22  GLU A CD  1 
ATOM   195  O  OE1 . GLU A 1 23 ? -7.992  0.212   -15.039 1.00 56.22 ? 22  GLU A OE1 1 
ATOM   196  O  OE2 . GLU A 1 23 ? -6.006  -0.391  -14.288 1.00 63.16 ? 22  GLU A OE2 1 
ATOM   197  N  N   . PHE A 1 24 ? -7.863  5.733   -16.744 1.00 42.12 ? 23  PHE A N   1 
ATOM   198  C  CA  . PHE A 1 24 ? -8.578  6.850   -17.381 1.00 37.35 ? 23  PHE A CA  1 
ATOM   199  C  C   . PHE A 1 24 ? -7.608  7.759   -18.120 1.00 38.52 ? 23  PHE A C   1 
ATOM   200  O  O   . PHE A 1 24 ? -7.856  8.155   -19.259 1.00 41.11 ? 23  PHE A O   1 
ATOM   201  C  CB  . PHE A 1 24 ? -9.310  7.720   -16.370 1.00 35.30 ? 23  PHE A CB  1 
ATOM   202  C  CG  . PHE A 1 24 ? -10.640 7.170   -15.890 1.00 32.48 ? 23  PHE A CG  1 
ATOM   203  C  CD1 . PHE A 1 24 ? -11.654 6.858   -16.791 1.00 37.30 ? 23  PHE A CD1 1 
ATOM   204  C  CD2 . PHE A 1 24 ? -10.881 7.019   -14.523 1.00 44.33 ? 23  PHE A CD2 1 
ATOM   205  C  CE1 . PHE A 1 24 ? -12.889 6.363   -16.352 1.00 48.86 ? 23  PHE A CE1 1 
ATOM   206  C  CE2 . PHE A 1 24 ? -12.097 6.531   -14.046 1.00 42.23 ? 23  PHE A CE2 1 
ATOM   207  C  CZ  . PHE A 1 24 ? -13.129 6.198   -14.967 1.00 44.41 ? 23  PHE A CZ  1 
ATOM   208  N  N   . GLU A 1 25 ? -6.508  8.101   -17.477 1.00 40.46 ? 24  GLU A N   1 
ATOM   209  C  CA  . GLU A 1 25 ? -5.494  8.968   -18.079 1.00 41.50 ? 24  GLU A CA  1 
ATOM   210  C  C   . GLU A 1 25 ? -4.861  8.382   -19.344 1.00 42.69 ? 24  GLU A C   1 
ATOM   211  O  O   . GLU A 1 25 ? -4.634  9.093   -20.316 1.00 40.53 ? 24  GLU A O   1 
ATOM   212  C  CB  . GLU A 1 25 ? -4.408  9.201   -17.045 1.00 43.43 ? 24  GLU A CB  1 
ATOM   213  C  CG  . GLU A 1 25 ? -3.562  10.445  -17.201 1.00 50.52 ? 24  GLU A CG  1 
ATOM   214  C  CD  . GLU A 1 25 ? -2.548  10.537  -16.061 1.00 48.07 ? 24  GLU A CD  1 
ATOM   215  O  OE1 . GLU A 1 25 ? -1.549  9.790   -16.108 1.00 52.72 ? 24  GLU A OE1 1 
ATOM   216  O  OE2 . GLU A 1 25 ? -2.772  11.337  -15.124 1.00 65.10 ? 24  GLU A OE2 1 
ATOM   217  N  N   . LYS A 1 26 ? -4.545  7.086   -19.317 1.00 44.23 ? 25  LYS A N   1 
ATOM   218  C  CA  . LYS A 1 26 ? -4.042  6.409   -20.508 1.00 44.15 ? 25  LYS A CA  1 
ATOM   219  C  C   . LYS A 1 26 ? -5.075  6.458   -21.641 1.00 43.46 ? 25  LYS A C   1 
ATOM   220  O  O   . LYS A 1 26 ? -4.705  6.555   -22.787 1.00 43.09 ? 25  LYS A O   1 
ATOM   221  C  CB  . LYS A 1 26 ? -3.571  4.974   -20.194 1.00 41.81 ? 25  LYS A CB  1 
ATOM   222  C  CG  . LYS A 1 26 ? -2.480  4.966   -19.108 1.00 45.57 ? 25  LYS A CG  1 
ATOM   223  C  CD  . LYS A 1 26 ? -1.434  3.837   -19.191 1.00 45.56 ? 25  LYS A CD  1 
ATOM   224  C  CE  . LYS A 1 26 ? -1.677  2.710   -18.208 1.00 53.83 ? 25  LYS A CE  1 
ATOM   225  N  NZ  . LYS A 1 26 ? -0.392  2.070   -17.770 1.00 53.98 ? 25  LYS A NZ  1 
ATOM   226  N  N   . LYS A 1 27 ? -6.362  6.434   -21.327 1.00 43.71 ? 26  LYS A N   1 
ATOM   227  C  CA  . LYS A 1 27 ? -7.404  6.568   -22.362 1.00 46.03 ? 26  LYS A CA  1 
ATOM   228  C  C   . LYS A 1 27 ? -7.710  8.015   -22.803 1.00 43.00 ? 26  LYS A C   1 
ATOM   229  O  O   . LYS A 1 27 ? -8.538  8.214   -23.674 1.00 42.00 ? 26  LYS A O   1 
ATOM   230  C  CB  . LYS A 1 27 ? -8.707  5.901   -21.873 1.00 49.22 ? 26  LYS A CB  1 
ATOM   231  C  CG  . LYS A 1 27 ? -8.627  4.360   -21.728 1.00 49.75 ? 26  LYS A CG  1 
ATOM   232  C  CD  . LYS A 1 27 ? -9.952  3.789   -21.143 1.00 51.74 ? 26  LYS A CD  1 
ATOM   233  C  CE  . LYS A 1 27 ? -9.855  2.274   -20.800 1.00 56.38 ? 26  LYS A CE  1 
ATOM   234  N  NZ  . LYS A 1 27 ? -8.728  1.930   -19.838 1.00 51.59 ? 26  LYS A NZ  1 
ATOM   235  N  N   . GLY A 1 28 ? -7.089  9.019   -22.170 1.00 42.85 ? 27  GLY A N   1 
ATOM   236  C  CA  . GLY A 1 28 ? -7.397  10.435  -22.416 1.00 40.37 ? 27  GLY A CA  1 
ATOM   237  C  C   . GLY A 1 28 ? -8.673  10.992  -21.753 1.00 41.53 ? 27  GLY A C   1 
ATOM   238  O  O   . GLY A 1 28 ? -9.123  12.066  -22.106 1.00 41.98 ? 27  GLY A O   1 
ATOM   239  N  N   . TYR A 1 29 ? -9.236  10.295  -20.773 1.00 38.38 ? 28  TYR A N   1 
ATOM   240  C  CA  . TYR A 1 29 ? -10.521 10.679  -20.204 1.00 39.61 ? 28  TYR A CA  1 
ATOM   241  C  C   . TYR A 1 29 ? -10.337 11.351  -18.843 1.00 38.86 ? 28  TYR A C   1 
ATOM   242  O  O   . TYR A 1 29 ? -9.539  10.898  -18.035 1.00 40.72 ? 28  TYR A O   1 
ATOM   243  C  CB  . TYR A 1 29 ? -11.420 9.444   -20.066 1.00 39.28 ? 28  TYR A CB  1 
ATOM   244  C  CG  . TYR A 1 29 ? -12.870 9.692   -19.700 1.00 35.26 ? 28  TYR A CG  1 
ATOM   245  C  CD1 . TYR A 1 29 ? -13.782 10.071  -20.656 1.00 33.58 ? 28  TYR A CD1 1 
ATOM   246  C  CD2 . TYR A 1 29 ? -13.346 9.468   -18.404 1.00 45.95 ? 28  TYR A CD2 1 
ATOM   247  C  CE1 . TYR A 1 29 ? -15.112 10.293  -20.361 1.00 37.62 ? 28  TYR A CE1 1 
ATOM   248  C  CE2 . TYR A 1 29 ? -14.729 9.683   -18.076 1.00 36.55 ? 28  TYR A CE2 1 
ATOM   249  C  CZ  . TYR A 1 29 ? -15.594 10.081  -19.062 1.00 43.09 ? 28  TYR A CZ  1 
ATOM   250  O  OH  . TYR A 1 29 ? -16.937 10.303  -18.771 1.00 37.42 ? 28  TYR A OH  1 
ATOM   251  N  N   . GLU A 1 30 ? -11.074 12.449  -18.648 1.00 40.77 ? 29  GLU A N   1 
ATOM   252  C  CA  . GLU A 1 30 ? -11.174 13.195  -17.396 1.00 40.86 ? 29  GLU A CA  1 
ATOM   253  C  C   . GLU A 1 30 ? -12.450 12.885  -16.637 1.00 40.18 ? 29  GLU A C   1 
ATOM   254  O  O   . GLU A 1 30 ? -13.502 13.482  -16.937 1.00 38.55 ? 29  GLU A O   1 
ATOM   255  C  CB  . GLU A 1 30 ? -11.157 14.703  -17.682 1.00 39.51 ? 29  GLU A CB  1 
ATOM   256  C  CG  . GLU A 1 30 ? -9.841  15.144  -18.230 1.00 47.42 ? 29  GLU A CG  1 
ATOM   257  C  CD  . GLU A 1 30 ? -9.876  16.550  -18.756 1.00 53.62 ? 29  GLU A CD  1 
ATOM   258  O  OE1 . GLU A 1 30 ? -10.939 17.036  -19.199 1.00 53.53 ? 29  GLU A OE1 1 
ATOM   259  O  OE2 . GLU A 1 30 ? -8.815  17.165  -18.748 1.00 57.70 ? 29  GLU A OE2 1 
ATOM   260  N  N   . PRO A 1 31 ? -12.357 11.985  -15.634 1.00 39.67 ? 30  PRO A N   1 
ATOM   261  C  CA  . PRO A 1 31 ? -13.531 11.513  -14.950 1.00 40.65 ? 30  PRO A CA  1 
ATOM   262  C  C   . PRO A 1 31 ? -13.963 12.404  -13.782 1.00 42.68 ? 30  PRO A C   1 
ATOM   263  O  O   . PRO A 1 31 ? -13.119 13.054  -13.110 1.00 44.57 ? 30  PRO A O   1 
ATOM   264  C  CB  . PRO A 1 31 ? -13.081 10.162  -14.429 1.00 37.38 ? 30  PRO A CB  1 
ATOM   265  C  CG  . PRO A 1 31 ? -11.695 10.458  -14.006 1.00 41.52 ? 30  PRO A CG  1 
ATOM   266  C  CD  . PRO A 1 31 ? -11.149 11.337  -15.093 1.00 37.74 ? 30  PRO A CD  1 
ATOM   267  N  N   . SER A 1 32 ? -15.270 12.421  -13.551 1.00 39.81 ? 31  SER A N   1 
ATOM   268  C  CA  . SER A 1 32 ? -15.846 13.136  -12.410 1.00 38.21 ? 31  SER A CA  1 
ATOM   269  C  C   . SER A 1 32 ? -15.560 12.367  -11.128 1.00 38.44 ? 31  SER A C   1 
ATOM   270  O  O   . SER A 1 32 ? -15.229 11.203  -11.165 1.00 41.26 ? 31  SER A O   1 
ATOM   271  C  CB  . SER A 1 32 ? -17.340 13.238  -12.578 1.00 37.28 ? 31  SER A CB  1 
ATOM   272  O  OG  . SER A 1 32 ? -17.870 11.914  -12.433 1.00 39.09 ? 31  SER A OG  1 
ATOM   273  N  N   . LEU A 1 33 ? -15.662 13.021  -9.979  1.00 40.57 ? 32  LEU A N   1 
ATOM   274  C  CA  . LEU A 1 33 ? -15.449 12.338  -8.679  1.00 40.99 ? 32  LEU A CA  1 
ATOM   275  C  C   . LEU A 1 33 ? -16.345 11.116  -8.561  1.00 39.18 ? 32  LEU A C   1 
ATOM   276  O  O   . LEU A 1 33 ? -15.953 10.113  -8.037  1.00 41.93 ? 32  LEU A O   1 
ATOM   277  C  CB  . LEU A 1 33 ? -15.707 13.298  -7.510  1.00 39.44 ? 32  LEU A CB  1 
ATOM   278  C  CG  . LEU A 1 33 ? -14.830 14.563  -7.473  1.00 38.47 ? 32  LEU A CG  1 
ATOM   279  C  CD1 . LEU A 1 33 ? -15.177 15.312  -6.230  1.00 29.25 ? 32  LEU A CD1 1 
ATOM   280  C  CD2 . LEU A 1 33 ? -13.364 14.257  -7.495  1.00 34.96 ? 32  LEU A CD2 1 
ATOM   281  N  N   . ALA A 1 34 ? -17.565 11.238  -9.072  1.00 39.61 ? 33  ALA A N   1 
ATOM   282  C  CA  . ALA A 1 34 ? -18.552 10.193  -9.070  1.00 41.53 ? 33  ALA A CA  1 
ATOM   283  C  C   . ALA A 1 34 ? -18.098 8.985   -9.959  1.00 43.66 ? 33  ALA A C   1 
ATOM   284  O  O   . ALA A 1 34 ? -18.288 7.821   -9.584  1.00 42.11 ? 33  ALA A O   1 
ATOM   285  C  CB  . ALA A 1 34 ? -19.874 10.786  -9.564  1.00 39.66 ? 33  ALA A CB  1 
ATOM   286  N  N   . GLU A 1 35 ? -17.525 9.264   -11.138 1.00 42.47 ? 34  GLU A N   1 
ATOM   287  C  CA  . GLU A 1 35 ? -17.053 8.202   -12.057 1.00 42.16 ? 34  GLU A CA  1 
ATOM   288  C  C   . GLU A 1 35 ? -15.845 7.520   -11.472 1.00 44.19 ? 34  GLU A C   1 
ATOM   289  O  O   . GLU A 1 35 ? -15.677 6.304   -11.629 1.00 45.49 ? 34  GLU A O   1 
ATOM   290  C  CB  . GLU A 1 35 ? -16.677 8.751   -13.448 1.00 43.09 ? 34  GLU A CB  1 
ATOM   291  C  CG  . GLU A 1 35 ? -17.874 9.118   -14.331 1.00 48.80 ? 34  GLU A CG  1 
ATOM   292  C  CD  . GLU A 1 35 ? -17.476 9.871   -15.598 1.00 41.88 ? 34  GLU A CD  1 
ATOM   293  O  OE1 . GLU A 1 35 ? -16.640 10.775  -15.535 1.00 43.84 ? 34  GLU A OE1 1 
ATOM   294  O  OE2 . GLU A 1 35 ? -18.062 9.602   -16.648 1.00 39.81 ? 34  GLU A OE2 1 
ATOM   295  N  N   . ILE A 1 36 ? -14.973 8.308   -10.831 1.00 42.24 ? 35  ILE A N   1 
ATOM   296  C  CA  . ILE A 1 36 ? -13.820 7.754   -10.117 1.00 40.76 ? 35  ILE A CA  1 
ATOM   297  C  C   . ILE A 1 36 ? -14.245 6.762   -9.033  1.00 41.67 ? 35  ILE A C   1 
ATOM   298  O  O   . ILE A 1 36 ? -13.670 5.658   -8.899  1.00 43.83 ? 35  ILE A O   1 
ATOM   299  C  CB  . ILE A 1 36 ? -12.941 8.854   -9.466  1.00 41.52 ? 35  ILE A CB  1 
ATOM   300  C  CG1 . ILE A 1 36 ? -12.305 9.734   -10.550 1.00 38.11 ? 35  ILE A CG1 1 
ATOM   301  C  CG2 . ILE A 1 36 ? -11.908 8.167   -8.502  1.00 39.98 ? 35  ILE A CG2 1 
ATOM   302  C  CD1 . ILE A 1 36 ? -11.768 11.117  -10.067 1.00 40.50 ? 35  ILE A CD1 1 
ATOM   303  N  N   . VAL A 1 37 ? -15.233 7.147   -8.234  1.00 42.32 ? 36  VAL A N   1 
ATOM   304  C  CA  . VAL A 1 37 ? -15.748 6.249   -7.197  1.00 44.02 ? 36  VAL A CA  1 
ATOM   305  C  C   . VAL A 1 37 ? -16.339 4.976   -7.810  1.00 44.31 ? 36  VAL A C   1 
ATOM   306  O  O   . VAL A 1 37 ? -16.040 3.855   -7.375  1.00 44.83 ? 36  VAL A O   1 
ATOM   307  C  CB  . VAL A 1 37 ? -16.788 6.969   -6.302  1.00 45.88 ? 36  VAL A CB  1 
ATOM   308  C  CG1 . VAL A 1 37 ? -17.542 5.985   -5.418  1.00 42.41 ? 36  VAL A CG1 1 
ATOM   309  C  CG2 . VAL A 1 37 ? -16.086 8.021   -5.476  1.00 40.12 ? 36  VAL A CG2 1 
ATOM   310  N  N   . LYS A 1 38 ? -17.187 5.168   -8.805  1.00 43.97 ? 37  LYS A N   1 
ATOM   311  C  CA  . LYS A 1 38 ? -17.882 4.093   -9.500  1.00 42.38 ? 37  LYS A CA  1 
ATOM   312  C  C   . LYS A 1 38 ? -16.927 3.108   -10.132 1.00 44.58 ? 37  LYS A C   1 
ATOM   313  O  O   . LYS A 1 38 ? -17.075 1.916   -9.905  1.00 43.81 ? 37  LYS A O   1 
ATOM   314  C  CB  . LYS A 1 38 ? -18.795 4.674   -10.587 1.00 44.59 ? 37  LYS A CB  1 
ATOM   315  C  CG  . LYS A 1 38 ? -19.668 3.618   -11.370 1.00 50.59 ? 37  LYS A CG  1 
ATOM   316  C  CD  . LYS A 1 38 ? -20.284 2.563   -10.445 1.00 57.21 ? 37  LYS A CD  1 
ATOM   317  N  N   . ALA A 1 39 ? -15.960 3.583   -10.932 1.00 42.57 ? 38  ALA A N   1 
ATOM   318  C  CA  . ALA A 1 39 ? -14.957 2.675   -11.579 1.00 44.23 ? 38  ALA A CA  1 
ATOM   319  C  C   . ALA A 1 39 ? -14.027 1.966   -10.569 1.00 46.05 ? 38  ALA A C   1 
ATOM   320  O  O   . ALA A 1 39 ? -13.673 0.790   -10.736 1.00 47.84 ? 38  ALA A O   1 
ATOM   321  C  CB  . ALA A 1 39 ? -14.110 3.454   -12.679 1.00 41.15 ? 38  ALA A CB  1 
ATOM   322  N  N   . SER A 1 40 ? -13.635 2.668   -9.506  1.00 48.86 ? 39  SER A N   1 
ATOM   323  C  CA  . SER A 1 40 ? -12.669 2.127   -8.482  1.00 45.88 ? 39  SER A CA  1 
ATOM   324  C  C   . SER A 1 40 ? -13.270 1.152   -7.492  1.00 44.67 ? 39  SER A C   1 
ATOM   325  O  O   . SER A 1 40 ? -12.589 0.267   -7.008  1.00 47.68 ? 39  SER A O   1 
ATOM   326  C  CB  . SER A 1 40 ? -12.083 3.263   -7.650  1.00 46.67 ? 39  SER A CB  1 
ATOM   327  O  OG  . SER A 1 40 ? -13.075 3.794   -6.797  1.00 48.24 ? 39  SER A OG  1 
ATOM   328  N  N   . GLY A 1 41 ? -14.520 1.334   -7.124  1.00 45.33 ? 40  GLY A N   1 
ATOM   329  C  CA  . GLY A 1 41 ? -15.157 0.402   -6.205  1.00 45.55 ? 40  GLY A CA  1 
ATOM   330  C  C   . GLY A 1 41 ? -15.028 0.805   -4.740  1.00 46.93 ? 40  GLY A C   1 
ATOM   331  O  O   . GLY A 1 41 ? -15.476 0.082   -3.878  1.00 45.28 ? 40  GLY A O   1 
ATOM   332  N  N   . VAL A 1 42 ? -14.482 1.985   -4.435  1.00 48.56 ? 41  VAL A N   1 
ATOM   333  C  CA  . VAL A 1 42 ? -14.531 2.477   -3.054  1.00 48.69 ? 41  VAL A CA  1 
ATOM   334  C  C   . VAL A 1 42 ? -15.969 2.942   -2.755  1.00 48.11 ? 41  VAL A C   1 
ATOM   335  O  O   . VAL A 1 42 ? -16.750 3.175   -3.662  1.00 45.77 ? 41  VAL A O   1 
ATOM   336  C  CB  . VAL A 1 42 ? -13.528 3.592   -2.766  1.00 49.51 ? 41  VAL A CB  1 
ATOM   337  C  CG1 . VAL A 1 42 ? -12.091 3.084   -3.061  1.00 48.07 ? 41  VAL A CG1 1 
ATOM   338  C  CG2 . VAL A 1 42 ? -13.908 4.835   -3.547  1.00 47.44 ? 41  VAL A CG2 1 
ATOM   339  N  N   . SER A 1 43 ? -16.340 3.032   -1.480  1.00 47.98 ? 42  SER A N   1 
ATOM   340  C  CA  . SER A 1 43 ? -17.674 3.523   -1.169  1.00 47.92 ? 42  SER A CA  1 
ATOM   341  C  C   . SER A 1 43 ? -17.662 5.044   -1.302  1.00 46.35 ? 42  SER A C   1 
ATOM   342  O  O   . SER A 1 43 ? -16.635 5.706   -1.028  1.00 48.33 ? 42  SER A O   1 
ATOM   343  C  CB  . SER A 1 43 ? -18.139 3.041   0.215   1.00 47.77 ? 42  SER A CB  1 
ATOM   344  O  OG  . SER A 1 43 ? -17.735 3.879   1.280   1.00 52.43 ? 42  SER A OG  1 
ATOM   345  N  N   A GLU A 1 44 ? -18.774 5.614   -1.742  0.50 46.54 ? 43  GLU A N   1 
ATOM   346  N  N   B GLU A 1 44 ? -18.795 5.596   -1.734  0.50 46.34 ? 43  GLU A N   1 
ATOM   347  C  CA  A GLU A 1 44 ? -18.861 7.065   -1.860  0.50 45.30 ? 43  GLU A CA  1 
ATOM   348  C  CA  B GLU A 1 44 ? -18.968 7.045   -1.847  0.50 44.91 ? 43  GLU A CA  1 
ATOM   349  C  C   A GLU A 1 44 ? -18.779 7.734   -0.487  0.50 44.89 ? 43  GLU A C   1 
ATOM   350  C  C   B GLU A 1 44 ? -18.755 7.700   -0.492  0.50 44.56 ? 43  GLU A C   1 
ATOM   351  O  O   A GLU A 1 44 ? -18.190 8.801   -0.361  0.50 44.47 ? 43  GLU A O   1 
ATOM   352  O  O   B GLU A 1 44 ? -18.085 8.721   -0.390  0.50 43.69 ? 43  GLU A O   1 
ATOM   353  C  CB  A GLU A 1 44 ? -20.110 7.493   -2.639  0.50 45.49 ? 43  GLU A CB  1 
ATOM   354  C  CB  B GLU A 1 44 ? -20.371 7.415   -2.336  0.50 44.87 ? 43  GLU A CB  1 
ATOM   355  C  CG  A GLU A 1 44 ? -19.849 7.614   -4.147  0.50 47.45 ? 43  GLU A CG  1 
ATOM   356  C  CG  B GLU A 1 44 ? -20.747 6.922   -3.718  0.50 43.80 ? 43  GLU A CG  1 
ATOM   357  C  CD  A GLU A 1 44 ? -21.054 8.026   -4.927  0.50 43.73 ? 43  GLU A CD  1 
ATOM   358  C  CD  B GLU A 1 44 ? -21.496 5.616   -3.671  0.50 46.17 ? 43  GLU A CD  1 
ATOM   359  O  OE1 A GLU A 1 44 ? -22.166 7.795   -4.423  0.50 43.50 ? 43  GLU A OE1 1 
ATOM   360  O  OE1 B GLU A 1 44 ? -20.878 4.550   -3.466  0.50 44.25 ? 43  GLU A OE1 1 
ATOM   361  O  OE2 A GLU A 1 44 ? -20.886 8.576   -6.038  0.50 38.02 ? 43  GLU A OE2 1 
ATOM   362  O  OE2 B GLU A 1 44 ? -22.716 5.662   -3.835  0.50 40.47 ? 43  GLU A OE2 1 
ATOM   363  N  N   . LYS A 1 45 ? -19.327 7.088   0.538   1.00 45.37 ? 44  LYS A N   1 
ATOM   364  C  CA  . LYS A 1 45 ? -19.211 7.576   1.915   1.00 45.83 ? 44  LYS A CA  1 
ATOM   365  C  C   . LYS A 1 45 ? -17.746 7.625   2.406   1.00 44.75 ? 44  LYS A C   1 
ATOM   366  O  O   . LYS A 1 45 ? -17.298 8.659   2.873   1.00 46.71 ? 44  LYS A O   1 
ATOM   367  C  CB  . LYS A 1 45 ? -20.073 6.727   2.852   1.00 46.59 ? 44  LYS A CB  1 
ATOM   368  C  CG  . LYS A 1 45 ? -20.768 7.505   4.003   1.00 52.31 ? 44  LYS A CG  1 
ATOM   369  C  CD  . LYS A 1 45 ? -19.844 7.887   5.149   1.00 52.67 ? 44  LYS A CD  1 
ATOM   370  C  CE  . LYS A 1 45 ? -19.917 9.387   5.455   1.00 48.71 ? 44  LYS A CE  1 
ATOM   371  N  NZ  . LYS A 1 45 ? -21.172 9.755   6.206   1.00 47.14 ? 44  LYS A NZ  1 
ATOM   372  N  N   . THR A 1 46 ? -17.005 6.535   2.271   1.00 43.23 ? 45  THR A N   1 
ATOM   373  C  CA  . THR A 1 46 ? -15.539 6.544   2.489   1.00 45.42 ? 45  THR A CA  1 
ATOM   374  C  C   . THR A 1 46 ? -14.776 7.629   1.689   1.00 44.45 ? 45  THR A C   1 
ATOM   375  O  O   . THR A 1 46 ? -13.874 8.267   2.219   1.00 45.28 ? 45  THR A O   1 
ATOM   376  C  CB  . THR A 1 46 ? -14.886 5.181   2.074   1.00 48.12 ? 45  THR A CB  1 
ATOM   377  O  OG1 . THR A 1 46 ? -15.451 4.111   2.831   1.00 47.08 ? 45  THR A OG1 1 
ATOM   378  C  CG2 . THR A 1 46 ? -13.401 5.202   2.321   1.00 43.49 ? 45  THR A CG2 1 
ATOM   379  N  N   . PHE A 1 47 ? -15.121 7.804   0.413   1.00 43.97 ? 46  PHE A N   1 
ATOM   380  C  CA  . PHE A 1 47 ? -14.487 8.828   -0.445  1.00 43.12 ? 46  PHE A CA  1 
ATOM   381  C  C   . PHE A 1 47 ? -14.710 10.260  0.052   1.00 47.04 ? 46  PHE A C   1 
ATOM   382  O  O   . PHE A 1 47 ? -13.768 11.009  0.345   1.00 49.19 ? 46  PHE A O   1 
ATOM   383  C  CB  . PHE A 1 47 ? -15.008 8.698   -1.865  1.00 44.83 ? 46  PHE A CB  1 
ATOM   384  C  CG  . PHE A 1 47 ? -14.196 9.469   -2.906  1.00 44.87 ? 46  PHE A CG  1 
ATOM   385  C  CD1 . PHE A 1 47 ? -12.973 8.980   -3.371  1.00 45.57 ? 46  PHE A CD1 1 
ATOM   386  C  CD2 . PHE A 1 47 ? -14.658 10.676  -3.426  1.00 41.16 ? 46  PHE A CD2 1 
ATOM   387  C  CE1 . PHE A 1 47 ? -12.223 9.687   -4.361  1.00 42.25 ? 46  PHE A CE1 1 
ATOM   388  C  CE2 . PHE A 1 47 ? -13.907 11.381  -4.382  1.00 35.43 ? 46  PHE A CE2 1 
ATOM   389  C  CZ  . PHE A 1 47 ? -12.706 10.881  -4.849  1.00 39.43 ? 46  PHE A CZ  1 
ATOM   390  N  N   . PHE A 1 48 ? -15.976 10.628  0.198   1.00 49.24 ? 47  PHE A N   1 
ATOM   391  C  CA  . PHE A 1 48 ? -16.350 11.998  0.516   1.00 48.11 ? 47  PHE A CA  1 
ATOM   392  C  C   . PHE A 1 48 ? -16.252 12.366  1.974   1.00 46.79 ? 47  PHE A C   1 
ATOM   393  O  O   . PHE A 1 48 ? -16.443 13.526  2.317   1.00 44.67 ? 47  PHE A O   1 
ATOM   394  C  CB  . PHE A 1 48 ? -17.782 12.283  -0.016  1.00 51.38 ? 47  PHE A CB  1 
ATOM   395  C  CG  . PHE A 1 48 ? -17.847 12.339  -1.519  1.00 46.96 ? 47  PHE A CG  1 
ATOM   396  C  CD1 . PHE A 1 48 ? -17.410 13.472  -2.192  1.00 49.52 ? 47  PHE A CD1 1 
ATOM   397  C  CD2 . PHE A 1 48 ? -18.296 11.244  -2.262  1.00 50.72 ? 47  PHE A CD2 1 
ATOM   398  C  CE1 . PHE A 1 48 ? -17.419 13.511  -3.579  1.00 48.20 ? 47  PHE A CE1 1 
ATOM   399  C  CE2 . PHE A 1 48 ? -18.314 11.273  -3.650  1.00 41.69 ? 47  PHE A CE2 1 
ATOM   400  C  CZ  . PHE A 1 48 ? -17.860 12.391  -4.310  1.00 48.29 ? 47  PHE A CZ  1 
HETATM 401  N  N   . MSE A 1 49 ? -16.006 11.379  2.834   1.00 46.84 ? 48  MSE A N   1 
HETATM 402  C  CA  . MSE A 1 49 ? -15.959 11.577  4.271   1.00 44.05 ? 48  MSE A CA  1 
HETATM 403  C  C   . MSE A 1 49 ? -14.523 11.468  4.764   1.00 44.39 ? 48  MSE A C   1 
HETATM 404  O  O   . MSE A 1 49 ? -14.312 11.263  5.938   1.00 46.03 ? 48  MSE A O   1 
HETATM 405  C  CB  . MSE A 1 49 ? -16.843 10.539  5.003   1.00 44.00 ? 48  MSE A CB  1 
ATOM   406  N  N   . GLY A 1 50 ? -13.551 11.580  3.864   1.00 43.33 ? 49  GLY A N   1 
ATOM   407  C  CA  . GLY A 1 50 ? -12.137 11.605  4.251   1.00 43.26 ? 49  GLY A CA  1 
ATOM   408  C  C   . GLY A 1 50 ? -11.106 11.150  3.233   1.00 42.11 ? 49  GLY A C   1 
ATOM   409  O  O   . GLY A 1 50 ? -10.039 11.726  3.150   1.00 45.24 ? 49  GLY A O   1 
ATOM   410  N  N   . LEU A 1 51 ? -11.385 10.111  2.470   1.00 40.94 ? 50  LEU A N   1 
ATOM   411  C  CA  . LEU A 1 51 ? -10.350 9.526   1.574   1.00 41.56 ? 50  LEU A CA  1 
ATOM   412  C  C   . LEU A 1 51 ? -9.775  10.489  0.531   1.00 41.57 ? 50  LEU A C   1 
ATOM   413  O  O   . LEU A 1 51 ? -8.552  10.640  0.396   1.00 44.05 ? 50  LEU A O   1 
ATOM   414  C  CB  . LEU A 1 51 ? -10.881 8.258   0.894   1.00 41.61 ? 50  LEU A CB  1 
ATOM   415  C  CG  . LEU A 1 51 ? -9.923  7.493   -0.028  1.00 42.42 ? 50  LEU A CG  1 
ATOM   416  C  CD1 . LEU A 1 51 ? -8.535  7.198   0.631   1.00 39.53 ? 50  LEU A CD1 1 
ATOM   417  C  CD2 . LEU A 1 51 ? -10.605 6.202   -0.470  1.00 39.65 ? 50  LEU A CD2 1 
ATOM   418  N  N   . LYS A 1 52 ? -10.647 11.139  -0.210  1.00 41.00 ? 51  LYS A N   1 
ATOM   419  C  CA  . LYS A 1 52 ? -10.231 12.155  -1.164  1.00 42.63 ? 51  LYS A CA  1 
ATOM   420  C  C   . LYS A 1 52 ? -9.222  13.140  -0.601  1.00 43.00 ? 51  LYS A C   1 
ATOM   421  O  O   . LYS A 1 52 ? -8.171  13.375  -1.175  1.00 44.18 ? 51  LYS A O   1 
ATOM   422  C  CB  . LYS A 1 52 ? -11.453 12.941  -1.659  1.00 43.41 ? 51  LYS A CB  1 
ATOM   423  C  CG  . LYS A 1 52 ? -11.155 13.844  -2.843  1.00 42.13 ? 51  LYS A CG  1 
ATOM   424  C  CD  . LYS A 1 52 ? -12.384 14.578  -3.391  1.00 39.20 ? 51  LYS A CD  1 
ATOM   425  C  CE  . LYS A 1 52 ? -13.049 15.509  -2.427  1.00 42.58 ? 51  LYS A CE  1 
ATOM   426  N  NZ  . LYS A 1 52 ? -12.419 16.852  -2.311  1.00 43.44 ? 51  LYS A NZ  1 
ATOM   427  N  N   . ASP A 1 53 ? -9.567  13.746  0.513   1.00 44.03 ? 52  ASP A N   1 
ATOM   428  C  CA  . ASP A 1 53 ? -8.697  14.761  1.097   1.00 44.50 ? 52  ASP A CA  1 
ATOM   429  C  C   . ASP A 1 53 ? -7.369  14.173  1.582   1.00 42.17 ? 52  ASP A C   1 
ATOM   430  O  O   . ASP A 1 53 ? -6.361  14.869  1.562   1.00 42.69 ? 52  ASP A O   1 
ATOM   431  C  CB  . ASP A 1 53 ? -9.433  15.523  2.216   1.00 43.87 ? 52  ASP A CB  1 
ATOM   432  C  CG  . ASP A 1 53 ? -10.455 16.545  1.682   1.00 50.74 ? 52  ASP A CG  1 
ATOM   433  O  OD1 . ASP A 1 53 ? -10.512 16.839  0.447   1.00 51.24 ? 52  ASP A OD1 1 
ATOM   434  O  OD2 . ASP A 1 53 ? -11.211 17.076  2.526   1.00 57.54 ? 52  ASP A OD2 1 
ATOM   435  N  N   . ARG A 1 54 ? -7.358  12.901  1.978   1.00 39.81 ? 53  ARG A N   1 
ATOM   436  C  CA  . ARG A 1 54 ? -6.119  12.241  2.386   1.00 42.54 ? 53  ARG A CA  1 
ATOM   437  C  C   . ARG A 1 54 ? -5.194  11.994  1.216   1.00 43.08 ? 53  ARG A C   1 
ATOM   438  O  O   . ARG A 1 54 ? -3.957  12.055  1.378   1.00 45.41 ? 53  ARG A O   1 
ATOM   439  C  CB  . ARG A 1 54 ? -6.358  10.900  3.113   1.00 42.29 ? 53  ARG A CB  1 
ATOM   440  C  CG  . ARG A 1 54 ? -6.995  11.079  4.495   1.00 42.46 ? 53  ARG A CG  1 
ATOM   441  C  CD  . ARG A 1 54 ? -6.936  9.845   5.373   1.00 42.34 ? 53  ARG A CD  1 
ATOM   442  N  NE  . ARG A 1 54 ? -7.774  8.764   4.870   1.00 47.85 ? 53  ARG A NE  1 
ATOM   443  C  CZ  . ARG A 1 54 ? -9.085  8.613   5.085   1.00 47.46 ? 53  ARG A CZ  1 
ATOM   444  N  NH1 . ARG A 1 54 ? -9.787  9.471   5.816   1.00 47.87 ? 53  ARG A NH1 1 
ATOM   445  N  NH2 . ARG A 1 54 ? -9.701  7.553   4.574   1.00 48.18 ? 53  ARG A NH2 1 
ATOM   446  N  N   . LEU A 1 55 ? -5.771  11.668  0.058   1.00 45.01 ? 54  LEU A N   1 
ATOM   447  C  CA  . LEU A 1 55 ? -4.977  11.468  -1.165  1.00 43.33 ? 54  LEU A CA  1 
ATOM   448  C  C   . LEU A 1 55 ? -4.391  12.796  -1.615  1.00 44.96 ? 54  LEU A C   1 
ATOM   449  O  O   . LEU A 1 55 ? -3.264  12.848  -2.077  1.00 44.53 ? 54  LEU A O   1 
ATOM   450  C  CB  . LEU A 1 55 ? -5.827  10.882  -2.277  1.00 44.97 ? 54  LEU A CB  1 
ATOM   451  C  CG  . LEU A 1 55 ? -6.399  9.512   -2.030  1.00 42.32 ? 54  LEU A CG  1 
ATOM   452  C  CD1 . LEU A 1 55 ? -7.500  9.211   -3.009  1.00 37.06 ? 54  LEU A CD1 1 
ATOM   453  C  CD2 . LEU A 1 55 ? -5.318  8.431   -2.065  1.00 41.46 ? 54  LEU A CD2 1 
ATOM   454  N  N   . ILE A 1 56 ? -5.166  13.879  -1.470  1.00 46.86 ? 55  ILE A N   1 
ATOM   455  C  CA  . ILE A 1 56 ? -4.641  15.226  -1.723  1.00 45.46 ? 55  ILE A CA  1 
ATOM   456  C  C   . ILE A 1 56 ? -3.485  15.591  -0.744  1.00 47.54 ? 55  ILE A C   1 
ATOM   457  O  O   . ILE A 1 56 ? -2.402  16.008  -1.178  1.00 45.34 ? 55  ILE A O   1 
ATOM   458  C  CB  . ILE A 1 56 ? -5.748  16.327  -1.704  1.00 44.57 ? 55  ILE A CB  1 
ATOM   459  C  CG1 . ILE A 1 56 ? -6.793  16.109  -2.820  1.00 41.52 ? 55  ILE A CG1 1 
ATOM   460  C  CG2 . ILE A 1 56 ? -5.092  17.705  -1.900  1.00 38.09 ? 55  ILE A CG2 1 
ATOM   461  C  CD1 . ILE A 1 56 ? -8.041  16.985  -2.725  1.00 41.20 ? 55  ILE A CD1 1 
ATOM   462  N  N   A ARG A 1 57 ? -3.737  15.445  0.554   0.50 48.84 ? 56  ARG A N   1 
ATOM   463  N  N   B ARG A 1 57 ? -3.737  15.438  0.557   0.50 48.90 ? 56  ARG A N   1 
ATOM   464  C  CA  A ARG A 1 57 ? -2.724  15.685  1.577   0.50 49.08 ? 56  ARG A CA  1 
ATOM   465  C  CA  B ARG A 1 57 ? -2.728  15.676  1.589   0.50 49.21 ? 56  ARG A CA  1 
ATOM   466  C  C   A ARG A 1 57 ? -1.443  14.917  1.278   0.50 47.61 ? 56  ARG A C   1 
ATOM   467  C  C   B ARG A 1 57 ? -1.445  14.916  1.284   0.50 47.68 ? 56  ARG A C   1 
ATOM   468  O  O   A ARG A 1 57 ? -0.357  15.476  1.333   0.50 51.06 ? 56  ARG A O   1 
ATOM   469  O  O   B ARG A 1 57 ? -0.361  15.477  1.339   0.50 51.13 ? 56  ARG A O   1 
ATOM   470  C  CB  A ARG A 1 57 ? -3.230  15.248  2.950   0.50 50.17 ? 56  ARG A CB  1 
ATOM   471  C  CB  B ARG A 1 57 ? -3.227  15.228  2.968   0.50 50.31 ? 56  ARG A CB  1 
ATOM   472  C  CG  A ARG A 1 57 ? -4.144  16.240  3.654   0.50 52.65 ? 56  ARG A CG  1 
ATOM   473  C  CG  B ARG A 1 57 ? -4.240  16.155  3.642   0.50 52.79 ? 56  ARG A CG  1 
ATOM   474  C  CD  A ARG A 1 57 ? -4.461  15.763  5.088   0.50 52.65 ? 56  ARG A CD  1 
ATOM   475  C  CD  B ARG A 1 57 ? -4.192  16.044  5.189   0.50 52.95 ? 56  ARG A CD  1 
ATOM   476  N  NE  A ARG A 1 57 ? -5.670  14.943  5.168   0.50 52.52 ? 56  ARG A NE  1 
ATOM   477  N  NE  B ARG A 1 57 ? -4.706  14.773  5.729   0.50 51.27 ? 56  ARG A NE  1 
ATOM   478  C  CZ  A ARG A 1 57 ? -6.909  15.422  5.121   0.50 49.44 ? 56  ARG A CZ  1 
ATOM   479  C  CZ  B ARG A 1 57 ? -4.076  13.980  6.601   0.50 54.11 ? 56  ARG A CZ  1 
ATOM   480  N  NH1 A ARG A 1 57 ? -7.128  16.730  4.978   0.50 51.34 ? 56  ARG A NH1 1 
ATOM   481  N  NH1 B ARG A 1 57 ? -4.677  12.869  7.016   0.50 51.88 ? 56  ARG A NH1 1 
ATOM   482  N  NH2 A ARG A 1 57 ? -7.938  14.587  5.206   0.50 53.13 ? 56  ARG A NH2 1 
ATOM   483  N  NH2 B ARG A 1 57 ? -2.867  14.284  7.081   0.50 51.94 ? 56  ARG A NH2 1 
ATOM   484  N  N   . ALA A 1 58 ? -1.577  13.633  0.967   1.00 46.74 ? 57  ALA A N   1 
ATOM   485  C  CA  . ALA A 1 58 ? -0.428  12.773  0.670   1.00 42.83 ? 57  ALA A CA  1 
ATOM   486  C  C   . ALA A 1 58 ? 0.338   13.057  -0.635  1.00 43.36 ? 57  ALA A C   1 
ATOM   487  O  O   . ALA A 1 58 ? 1.326   12.358  -0.936  1.00 43.85 ? 57  ALA A O   1 
ATOM   488  C  CB  . ALA A 1 58 ? -0.859  11.359  0.692   1.00 40.40 ? 57  ALA A CB  1 
ATOM   489  N  N   . GLY A 1 59 ? -0.088  14.070  -1.409  1.00 44.54 ? 58  GLY A N   1 
ATOM   490  C  CA  . GLY A 1 59 ? 0.672   14.519  -2.601  1.00 41.87 ? 58  GLY A CA  1 
ATOM   491  C  C   . GLY A 1 59 ? 0.482   13.605  -3.795  1.00 40.76 ? 58  GLY A C   1 
ATOM   492  O  O   . GLY A 1 59 ? 1.300   13.598  -4.728  1.00 39.80 ? 58  GLY A O   1 
ATOM   493  N  N   . LEU A 1 60 ? -0.614  12.841  -3.775  1.00 40.37 ? 59  LEU A N   1 
ATOM   494  C  CA  . LEU A 1 60 ? -0.862  11.780  -4.778  1.00 41.70 ? 59  LEU A CA  1 
ATOM   495  C  C   . LEU A 1 60 ? -1.784  12.232  -5.910  1.00 40.97 ? 59  LEU A C   1 
ATOM   496  O  O   . LEU A 1 60 ? -1.741  11.683  -7.023  1.00 42.25 ? 59  LEU A O   1 
ATOM   497  C  CB  . LEU A 1 60 ? -1.452  10.508  -4.099  1.00 38.93 ? 59  LEU A CB  1 
ATOM   498  C  CG  . LEU A 1 60 ? -0.567  9.713   -3.126  1.00 39.17 ? 59  LEU A CG  1 
ATOM   499  C  CD1 . LEU A 1 60 ? -1.335  8.550   -2.584  1.00 41.14 ? 59  LEU A CD1 1 
ATOM   500  C  CD2 . LEU A 1 60 ? 0.710   9.245   -3.784  1.00 33.64 ? 59  LEU A CD2 1 
ATOM   501  N  N   . VAL A 1 61 ? -2.623  13.219  -5.611  1.00 40.88 ? 60  VAL A N   1 
ATOM   502  C  CA  . VAL A 1 61 ? -3.602  13.736  -6.568  1.00 42.24 ? 60  VAL A CA  1 
ATOM   503  C  C   . VAL A 1 61 ? -3.841  15.199  -6.271  1.00 44.50 ? 60  VAL A C   1 
ATOM   504  O  O   . VAL A 1 61 ? -3.569  15.660  -5.182  1.00 44.27 ? 60  VAL A O   1 
ATOM   505  C  CB  . VAL A 1 61 ? -5.017  13.003  -6.546  1.00 42.79 ? 60  VAL A CB  1 
ATOM   506  C  CG1 . VAL A 1 61 ? -4.909  11.579  -7.017  1.00 36.42 ? 60  VAL A CG1 1 
ATOM   507  C  CG2 . VAL A 1 61 ? -5.716  13.058  -5.154  1.00 38.15 ? 60  VAL A CG2 1 
ATOM   508  N  N   . LYS A 1 62 ? -4.358  15.913  -7.261  1.00 45.64 ? 61  LYS A N   1 
ATOM   509  C  CA  . LYS A 1 62 ? -4.868  17.249  -7.046  1.00 48.86 ? 61  LYS A CA  1 
ATOM   510  C  C   . LYS A 1 62 ? -6.257  17.362  -7.649  1.00 43.78 ? 61  LYS A C   1 
ATOM   511  O  O   . LYS A 1 62 ? -6.515  16.795  -8.681  1.00 43.97 ? 61  LYS A O   1 
ATOM   512  C  CB  . LYS A 1 62 ? -3.923  18.288  -7.665  1.00 51.21 ? 61  LYS A CB  1 
ATOM   513  C  CG  . LYS A 1 62 ? -3.986  19.628  -6.948  1.00 62.68 ? 61  LYS A CG  1 
ATOM   514  C  CD  . LYS A 1 62 ? -3.526  19.508  -5.462  1.00 63.03 ? 61  LYS A CD  1 
ATOM   515  C  CE  . LYS A 1 62 ? -4.535  20.141  -4.481  1.00 64.55 ? 61  LYS A CE  1 
ATOM   516  N  NZ  . LYS A 1 62 ? -5.990  19.836  -4.809  1.00 33.46 ? 61  LYS A NZ  1 
ATOM   517  N  N   . GLU A 1 63 ? -7.148  18.073  -6.970  1.00 44.96 ? 62  GLU A N   1 
ATOM   518  C  CA  . GLU A 1 63 ? -8.530  18.280  -7.410  1.00 44.25 ? 62  GLU A CA  1 
ATOM   519  C  C   . GLU A 1 63 ? -8.614  19.499  -8.316  1.00 45.40 ? 62  GLU A C   1 
ATOM   520  O  O   . GLU A 1 63 ? -8.013  20.549  -8.025  1.00 47.17 ? 62  GLU A O   1 
ATOM   521  C  CB  . GLU A 1 63 ? -9.466  18.463  -6.206  1.00 44.12 ? 62  GLU A CB  1 
ATOM   522  C  CG  . GLU A 1 63 ? -10.909 18.125  -6.531  1.00 47.10 ? 62  GLU A CG  1 
ATOM   523  C  CD  . GLU A 1 63 ? -11.838 18.310  -5.375  1.00 46.60 ? 62  GLU A CD  1 
ATOM   524  O  OE1 . GLU A 1 63 ? -11.347 18.480  -4.257  1.00 59.26 ? 62  GLU A OE1 1 
ATOM   525  O  OE2 . GLU A 1 63 ? -13.061 18.302  -5.596  1.00 55.91 ? 62  GLU A OE2 1 
ATOM   526  N  N   . GLU A 1 64 ? -9.341  19.352  -9.417  1.00 45.35 ? 63  GLU A N   1 
ATOM   527  C  CA  . GLU A 1 64 ? -9.548  20.440  -10.349 1.00 46.73 ? 63  GLU A CA  1 
ATOM   528  C  C   . GLU A 1 64 ? -11.015 20.504  -10.738 1.00 47.19 ? 63  GLU A C   1 
ATOM   529  O  O   . GLU A 1 64 ? -11.732 19.513  -10.685 1.00 48.34 ? 63  GLU A O   1 
ATOM   530  C  CB  . GLU A 1 64 ? -8.708  20.240  -11.609 1.00 45.22 ? 63  GLU A CB  1 
ATOM   531  C  CG  . GLU A 1 64 ? -7.198  20.176  -11.351 1.00 55.68 ? 63  GLU A CG  1 
ATOM   532  C  CD  . GLU A 1 64 ? -6.368  20.622  -12.541 1.00 57.90 ? 63  GLU A CD  1 
ATOM   533  O  OE1 . GLU A 1 64 ? -6.753  20.356  -13.705 1.00 65.87 ? 63  GLU A OE1 1 
ATOM   534  O  OE2 . GLU A 1 64 ? -5.319  21.247  -12.303 1.00 69.97 ? 63  GLU A OE2 1 
ATOM   535  N  N   . THR A 1 65 ? -11.447 21.687  -11.126 1.00 48.66 ? 64  THR A N   1 
ATOM   536  C  CA  . THR A 1 65 ? -12.768 21.886  -11.707 1.00 49.12 ? 64  THR A CA  1 
ATOM   537  C  C   . THR A 1 65 ? -12.816 21.297  -13.100 1.00 50.01 ? 64  THR A C   1 
ATOM   538  O  O   . THR A 1 65 ? -11.948 21.603  -13.917 1.00 52.77 ? 64  THR A O   1 
ATOM   539  C  CB  . THR A 1 65 ? -13.079 23.355  -11.824 1.00 45.69 ? 64  THR A CB  1 
ATOM   540  O  OG1 . THR A 1 65 ? -13.168 23.894  -10.506 1.00 50.53 ? 64  THR A OG1 1 
ATOM   541  C  CG2 . THR A 1 65 ? -14.384 23.553  -12.563 1.00 41.56 ? 64  THR A CG2 1 
ATOM   542  N  N   . LEU A 1 66 ? -13.831 20.473  -13.359 1.00 48.67 ? 65  LEU A N   1 
ATOM   543  C  CA  . LEU A 1 66 ? -14.084 19.910  -14.682 1.00 50.61 ? 65  LEU A CA  1 
ATOM   544  C  C   . LEU A 1 66 ? -15.077 20.838  -15.432 1.00 54.02 ? 65  LEU A C   1 
ATOM   545  O  O   . LEU A 1 66 ? -14.752 21.490  -16.458 1.00 51.34 ? 65  LEU A O   1 
ATOM   546  C  CB  . LEU A 1 66 ? -14.619 18.497  -14.502 1.00 50.57 ? 65  LEU A CB  1 
ATOM   547  C  CG  . LEU A 1 66 ? -14.459 17.497  -15.638 1.00 54.47 ? 65  LEU A CG  1 
ATOM   548  C  CD1 . LEU A 1 66 ? -12.980 17.212  -15.936 1.00 52.80 ? 65  LEU A CD1 1 
ATOM   549  C  CD2 . LEU A 1 66 ? -15.192 16.227  -15.281 1.00 50.17 ? 65  LEU A CD2 1 
ATOM   550  N  N   . SER A 1 67 ? -16.285 20.942  -14.888 1.00 56.54 ? 66  SER A N   1 
ATOM   551  C  CA  . SER A 1 67 ? -17.243 21.939  -15.355 1.00 57.97 ? 66  SER A CA  1 
ATOM   552  C  C   . SER A 1 67 ? -18.048 22.482  -14.161 1.00 59.45 ? 66  SER A C   1 
ATOM   553  O  O   . SER A 1 67 ? -17.657 22.305  -12.993 1.00 61.26 ? 66  SER A O   1 
ATOM   554  C  CB  . SER A 1 67 ? -18.119 21.356  -16.478 1.00 58.26 ? 66  SER A CB  1 
ATOM   555  O  OG  . SER A 1 67 ? -18.876 20.268  -16.016 1.00 56.57 ? 66  SER A OG  1 
ATOM   556  N  N   . TYR A 1 68 ? -19.127 23.198  -14.430 1.00 57.47 ? 67  TYR A N   1 
ATOM   557  C  CA  . TYR A 1 68 ? -19.984 23.666  -13.344 1.00 58.38 ? 67  TYR A CA  1 
ATOM   558  C  C   . TYR A 1 68 ? -20.416 22.510  -12.447 1.00 58.34 ? 67  TYR A C   1 
ATOM   559  O  O   . TYR A 1 68 ? -21.066 21.553  -12.919 1.00 58.41 ? 67  TYR A O   1 
ATOM   560  C  CB  . TYR A 1 68 ? -21.238 24.337  -13.917 1.00 60.88 ? 67  TYR A CB  1 
ATOM   561  C  CG  . TYR A 1 68 ? -22.173 24.917  -12.868 1.00 59.51 ? 67  TYR A CG  1 
ATOM   562  C  CD1 . TYR A 1 68 ? -21.707 25.816  -11.913 1.00 63.62 ? 67  TYR A CD1 1 
ATOM   563  C  CD2 . TYR A 1 68 ? -23.525 24.573  -12.849 1.00 62.86 ? 67  TYR A CD2 1 
ATOM   564  C  CE1 . TYR A 1 68 ? -22.564 26.360  -10.954 1.00 72.13 ? 67  TYR A CE1 1 
ATOM   565  C  CE2 . TYR A 1 68 ? -24.395 25.108  -11.906 1.00 66.22 ? 67  TYR A CE2 1 
ATOM   566  C  CZ  . TYR A 1 68 ? -23.917 26.006  -10.960 1.00 69.03 ? 67  TYR A CZ  1 
ATOM   567  O  OH  . TYR A 1 68 ? -24.787 26.544  -10.024 1.00 70.02 ? 67  TYR A OH  1 
ATOM   568  N  N   . ARG A 1 69 ? -20.069 22.577  -11.163 1.00 56.03 ? 68  ARG A N   1 
ATOM   569  C  CA  . ARG A 1 69 ? -20.564 21.575  -10.215 1.00 54.46 ? 68  ARG A CA  1 
ATOM   570  C  C   . ARG A 1 69 ? -19.824 20.224  -10.316 1.00 55.30 ? 68  ARG A C   1 
ATOM   571  O  O   . ARG A 1 69 ? -20.183 19.271  -9.604  1.00 57.42 ? 68  ARG A O   1 
ATOM   572  C  CB  . ARG A 1 69 ? -22.076 21.344  -10.443 1.00 52.81 ? 68  ARG A CB  1 
ATOM   573  N  N   . VAL A 1 70 ? -18.798 20.131  -11.167 1.00 49.72 ? 69  VAL A N   1 
ATOM   574  C  CA  . VAL A 1 70 ? -18.141 18.843  -11.411 1.00 49.19 ? 69  VAL A CA  1 
ATOM   575  C  C   . VAL A 1 70 ? -16.636 18.992  -11.297 1.00 46.51 ? 69  VAL A C   1 
ATOM   576  O  O   . VAL A 1 70 ? -16.029 19.827  -11.984 1.00 38.65 ? 69  VAL A O   1 
ATOM   577  C  CB  . VAL A 1 70 ? -18.564 18.193  -12.753 1.00 49.49 ? 69  VAL A CB  1 
ATOM   578  C  CG1 . VAL A 1 70 ? -17.925 16.825  -12.931 1.00 53.71 ? 69  VAL A CG1 1 
ATOM   579  C  CG2 . VAL A 1 70 ? -20.078 18.057  -12.779 1.00 46.94 ? 69  VAL A CG2 1 
ATOM   580  N  N   . LYS A 1 71 ? -16.077 18.177  -10.391 1.00 45.69 ? 70  LYS A N   1 
ATOM   581  C  CA  . LYS A 1 71 ? -14.650 18.143  -10.074 1.00 45.07 ? 70  LYS A CA  1 
ATOM   582  C  C   . LYS A 1 71 ? -14.032 16.835  -10.554 1.00 42.29 ? 70  LYS A C   1 
ATOM   583  O  O   . LYS A 1 71 ? -14.703 15.840  -10.748 1.00 38.74 ? 70  LYS A O   1 
ATOM   584  C  CB  . LYS A 1 71 ? -14.415 18.274  -8.567  1.00 46.50 ? 70  LYS A CB  1 
ATOM   585  C  CG  . LYS A 1 71 ? -14.955 19.568  -7.911  1.00 49.39 ? 70  LYS A CG  1 
ATOM   586  C  CD  . LYS A 1 71 ? -14.179 20.782  -8.371  1.00 57.39 ? 70  LYS A CD  1 
ATOM   587  C  CE  . LYS A 1 71 ? -14.418 22.012  -7.479  1.00 57.58 ? 70  LYS A CE  1 
ATOM   588  N  NZ  . LYS A 1 71 ? -13.419 22.073  -6.355  1.00 69.63 ? 70  LYS A NZ  1 
ATOM   589  N  N   . THR A 1 72 ? -12.730 16.857  -10.738 1.00 41.57 ? 71  THR A N   1 
ATOM   590  C  CA  . THR A 1 72 ? -11.986 15.671  -11.108 1.00 40.91 ? 71  THR A CA  1 
ATOM   591  C  C   . THR A 1 72 ? -10.761 15.600  -10.206 1.00 42.02 ? 71  THR A C   1 
ATOM   592  O  O   . THR A 1 72 ? -10.470 16.553  -9.453  1.00 38.88 ? 71  THR A O   1 
ATOM   593  C  CB  . THR A 1 72 ? -11.625 15.718  -12.622 1.00 40.61 ? 71  THR A CB  1 
ATOM   594  O  OG1 . THR A 1 72 ? -11.118 14.451  -13.048 1.00 39.56 ? 71  THR A OG1 1 
ATOM   595  C  CG2 . THR A 1 72 ? -10.653 16.808  -12.945 1.00 34.92 ? 71  THR A CG2 1 
ATOM   596  N  N   . LEU A 1 73 ? -10.089 14.455  -10.215 1.00 43.27 ? 72  LEU A N   1 
ATOM   597  C  CA  . LEU A 1 73 ? -8.755  14.324  -9.606  1.00 41.18 ? 72  LEU A CA  1 
ATOM   598  C  C   . LEU A 1 73 ? -7.757  14.149  -10.712 1.00 45.67 ? 72  LEU A C   1 
ATOM   599  O  O   . LEU A 1 73 ? -8.013  13.371  -11.641 1.00 42.23 ? 72  LEU A O   1 
ATOM   600  C  CB  . LEU A 1 73 ? -8.675  13.118  -8.647  1.00 41.95 ? 72  LEU A CB  1 
ATOM   601  C  CG  . LEU A 1 73 ? -9.636  13.185  -7.432  1.00 33.62 ? 72  LEU A CG  1 
ATOM   602  C  CD1 . LEU A 1 73 ? -9.583  11.952  -6.581  1.00 34.85 ? 72  LEU A CD1 1 
ATOM   603  C  CD2 . LEU A 1 73 ? -9.400  14.426  -6.559  1.00 37.32 ? 72  LEU A CD2 1 
ATOM   604  N  N   . LYS A 1 74 ? -6.636  14.893  -10.625 1.00 44.49 ? 73  LYS A N   1 
ATOM   605  C  CA  . LYS A 1 74 ? -5.470  14.669  -11.488 1.00 47.21 ? 73  LYS A CA  1 
ATOM   606  C  C   . LYS A 1 74 ? -4.319  14.011  -10.686 1.00 46.18 ? 73  LYS A C   1 
ATOM   607  O  O   . LYS A 1 74 ? -3.965  14.461  -9.604  1.00 46.28 ? 73  LYS A O   1 
ATOM   608  C  CB  . LYS A 1 74 ? -4.994  15.994  -12.097 1.00 47.54 ? 73  LYS A CB  1 
ATOM   609  C  CG  . LYS A 1 74 ? -5.645  16.379  -13.427 1.00 55.03 ? 73  LYS A CG  1 
ATOM   610  C  CD  . LYS A 1 74 ? -4.776  15.983  -14.609 1.00 63.81 ? 73  LYS A CD  1 
ATOM   611  N  N   . LEU A 1 75 ? -3.744  12.948  -11.221 1.00 44.59 ? 74  LEU A N   1 
ATOM   612  C  CA  . LEU A 1 75 ? -2.547  12.372  -10.643 1.00 43.03 ? 74  LEU A CA  1 
ATOM   613  C  C   . LEU A 1 75 ? -1.366  13.356  -10.634 1.00 42.50 ? 74  LEU A C   1 
ATOM   614  O  O   . LEU A 1 75 ? -1.220  14.134  -11.551 1.00 40.31 ? 74  LEU A O   1 
ATOM   615  C  CB  . LEU A 1 75 ? -2.152  11.124  -11.410 1.00 43.77 ? 74  LEU A CB  1 
ATOM   616  C  CG  . LEU A 1 75 ? -2.989  9.869   -11.222 1.00 36.71 ? 74  LEU A CG  1 
ATOM   617  C  CD1 . LEU A 1 75 ? -2.588  8.913   -12.363 1.00 33.06 ? 74  LEU A CD1 1 
ATOM   618  C  CD2 . LEU A 1 75 ? -2.821  9.202   -9.878  1.00 33.87 ? 74  LEU A CD2 1 
ATOM   619  N  N   . THR A 1 76 ? -0.548  13.327  -9.572  1.00 44.17 ? 75  THR A N   1 
ATOM   620  C  CA  . THR A 1 76 ? 0.716   14.075  -9.515  1.00 41.62 ? 75  THR A CA  1 
ATOM   621  C  C   . THR A 1 76 ? 1.741   13.114  -10.135 1.00 44.47 ? 75  THR A C   1 
ATOM   622  O  O   . THR A 1 76 ? 1.398   11.953  -10.386 1.00 45.26 ? 75  THR A O   1 
ATOM   623  C  CB  . THR A 1 76 ? 1.103   14.439  -8.068  1.00 41.64 ? 75  THR A CB  1 
ATOM   624  O  OG1 . THR A 1 76 ? 1.041   13.270  -7.232  1.00 45.43 ? 75  THR A OG1 1 
ATOM   625  C  CG2 . THR A 1 76 ? 0.194   15.516  -7.483  1.00 34.15 ? 75  THR A CG2 1 
ATOM   626  N  N   A GLU A 1 77 ? 2.965   13.579  -10.397 0.50 44.15 ? 76  GLU A N   1 
ATOM   627  N  N   B GLU A 1 77 ? 2.970   13.568  -10.406 0.50 44.61 ? 76  GLU A N   1 
ATOM   628  C  CA  A GLU A 1 77 ? 4.001   12.701  -10.953 0.50 43.97 ? 76  GLU A CA  1 
ATOM   629  C  CA  B GLU A 1 77 ? 3.995   12.653  -10.927 0.50 44.95 ? 76  GLU A CA  1 
ATOM   630  C  C   A GLU A 1 77 ? 4.306   11.530  -9.985  0.50 44.07 ? 76  GLU A C   1 
ATOM   631  C  C   B GLU A 1 77 ? 4.186   11.486  -9.964  0.50 44.36 ? 76  GLU A C   1 
ATOM   632  O  O   A GLU A 1 77 ? 4.511   10.397  -10.422 0.50 43.86 ? 76  GLU A O   1 
ATOM   633  O  O   B GLU A 1 77 ? 4.224   10.323  -10.379 0.50 43.46 ? 76  GLU A O   1 
ATOM   634  C  CB  A GLU A 1 77 ? 5.263   13.495  -11.336 0.50 45.13 ? 76  GLU A CB  1 
ATOM   635  C  CB  B GLU A 1 77 ? 5.339   13.341  -11.146 0.50 46.15 ? 76  GLU A CB  1 
ATOM   636  C  CG  A GLU A 1 77 ? 5.096   14.380  -12.602 0.50 43.06 ? 76  GLU A CG  1 
ATOM   637  C  CG  B GLU A 1 77 ? 6.468   12.346  -11.479 0.50 47.06 ? 76  GLU A CG  1 
ATOM   638  C  CD  A GLU A 1 77 ? 6.257   15.345  -12.832 0.50 42.59 ? 76  GLU A CD  1 
ATOM   639  C  CD  B GLU A 1 77 ? 7.801   13.002  -11.683 0.50 44.77 ? 76  GLU A CD  1 
ATOM   640  O  OE1 A GLU A 1 77 ? 7.408   14.956  -12.547 0.50 42.18 ? 76  GLU A OE1 1 
ATOM   641  O  OE1 B GLU A 1 77 ? 8.818   12.275  -11.734 0.50 43.26 ? 76  GLU A OE1 1 
ATOM   642  O  OE2 A GLU A 1 77 ? 6.025   16.486  -13.313 0.50 30.87 ? 76  GLU A OE2 1 
ATOM   643  O  OE2 B GLU A 1 77 ? 7.831   14.241  -11.810 0.50 49.29 ? 76  GLU A OE2 1 
ATOM   644  N  N   . LYS A 1 78 ? 4.304   11.813  -8.680  1.00 43.81 ? 77  LYS A N   1 
ATOM   645  C  CA  . LYS A 1 78 ? 4.394   10.800  -7.621  1.00 43.57 ? 77  LYS A CA  1 
ATOM   646  C  C   . LYS A 1 78 ? 3.207   9.840   -7.553  1.00 46.02 ? 77  LYS A C   1 
ATOM   647  O  O   . LYS A 1 78 ? 3.387   8.654   -7.293  1.00 48.91 ? 77  LYS A O   1 
ATOM   648  C  CB  . LYS A 1 78 ? 4.485   11.502  -6.286  1.00 42.27 ? 77  LYS A CB  1 
ATOM   649  C  CG  . LYS A 1 78 ? 4.529   10.580  -5.102  1.00 49.60 ? 77  LYS A CG  1 
ATOM   650  C  CD  . LYS A 1 78 ? 4.864   11.374  -3.841  1.00 49.80 ? 77  LYS A CD  1 
ATOM   651  C  CE  . LYS A 1 78 ? 4.271   10.765  -2.588  1.00 49.74 ? 77  LYS A CE  1 
ATOM   652  N  NZ  . LYS A 1 78 ? 3.940   11.833  -1.596  1.00 42.00 ? 77  LYS A NZ  1 
ATOM   653  N  N   . GLY A 1 79 ? 1.988   10.360  -7.732  1.00 44.48 ? 78  GLY A N   1 
ATOM   654  C  CA  . GLY A 1 79 ? 0.807   9.525   -7.753  1.00 43.39 ? 78  GLY A CA  1 
ATOM   655  C  C   . GLY A 1 79 ? 0.806   8.626   -8.958  1.00 42.40 ? 78  GLY A C   1 
ATOM   656  O  O   . GLY A 1 79 ? 0.400   7.485   -8.869  1.00 43.25 ? 78  GLY A O   1 
ATOM   657  N  N   . ARG A 1 80 ? 1.269   9.134   -10.096 1.00 43.72 ? 79  ARG A N   1 
ATOM   658  C  CA  . ARG A 1 80 ? 1.376   8.318   -11.312 1.00 45.45 ? 79  ARG A CA  1 
ATOM   659  C  C   . ARG A 1 80 ? 2.499   7.281   -11.228 1.00 45.25 ? 79  ARG A C   1 
ATOM   660  O  O   . ARG A 1 80 ? 2.345   6.162   -11.698 1.00 46.01 ? 79  ARG A O   1 
ATOM   661  C  CB  . ARG A 1 80 ? 1.564   9.216   -12.531 1.00 46.07 ? 79  ARG A CB  1 
ATOM   662  C  CG  . ARG A 1 80 ? 1.985   8.488   -13.823 1.00 48.39 ? 79  ARG A CG  1 
ATOM   663  C  CD  . ARG A 1 80 ? 1.930   9.436   -15.033 1.00 52.59 ? 79  ARG A CD  1 
ATOM   664  N  NE  . ARG A 1 80 ? 0.863   10.454  -14.913 1.00 57.47 ? 79  ARG A NE  1 
ATOM   665  C  CZ  . ARG A 1 80 ? 1.034   11.754  -14.620 1.00 55.93 ? 79  ARG A CZ  1 
ATOM   666  N  NH1 . ARG A 1 80 ? 2.244   12.277  -14.382 1.00 62.21 ? 79  ARG A NH1 1 
ATOM   667  N  NH2 . ARG A 1 80 ? -0.039  12.542  -14.532 1.00 47.13 ? 79  ARG A NH2 1 
ATOM   668  N  N   . ARG A 1 81 ? 3.634   7.653   -10.652 1.00 44.12 ? 80  ARG A N   1 
ATOM   669  C  CA  . ARG A 1 81 ? 4.696   6.696   -10.439 1.00 45.96 ? 80  ARG A CA  1 
ATOM   670  C  C   . ARG A 1 81 ? 4.226   5.533   -9.543  1.00 44.90 ? 80  ARG A C   1 
ATOM   671  O  O   . ARG A 1 81 ? 4.485   4.356   -9.850  1.00 45.88 ? 80  ARG A O   1 
ATOM   672  C  CB  . ARG A 1 81 ? 5.951   7.389   -9.863  1.00 45.64 ? 80  ARG A CB  1 
ATOM   673  C  CG  . ARG A 1 81 ? 6.715   8.213   -10.893 1.00 52.21 ? 80  ARG A CG  1 
ATOM   674  C  CD  . ARG A 1 81 ? 7.997   8.803   -10.316 1.00 52.25 ? 80  ARG A CD  1 
ATOM   675  N  NE  . ARG A 1 81 ? 8.993   7.762   -10.099 1.00 60.59 ? 80  ARG A NE  1 
ATOM   676  C  CZ  . ARG A 1 81 ? 10.116  7.919   -9.399  1.00 62.67 ? 80  ARG A CZ  1 
ATOM   677  N  NH1 . ARG A 1 81 ? 10.407  9.081   -8.824  1.00 67.70 ? 80  ARG A NH1 1 
ATOM   678  N  NH2 . ARG A 1 81 ? 10.955  6.897   -9.266  1.00 61.53 ? 80  ARG A NH2 1 
ATOM   679  N  N   . LEU A 1 82 ? 3.534   5.863   -8.454  1.00 41.94 ? 81  LEU A N   1 
ATOM   680  C  CA  . LEU A 1 82 ? 2.982   4.860   -7.545  1.00 43.01 ? 81  LEU A CA  1 
ATOM   681  C  C   . LEU A 1 82 ? 1.852   4.039   -8.168  1.00 42.96 ? 81  LEU A C   1 
ATOM   682  O  O   . LEU A 1 82 ? 1.830   2.820   -7.996  1.00 43.91 ? 81  LEU A O   1 
ATOM   683  C  CB  . LEU A 1 82 ? 2.487   5.520   -6.261  1.00 42.36 ? 81  LEU A CB  1 
ATOM   684  C  CG  . LEU A 1 82 ? 2.235   4.610   -5.055  1.00 48.85 ? 81  LEU A CG  1 
ATOM   685  C  CD1 . LEU A 1 82 ? 3.515   3.872   -4.583  1.00 54.88 ? 81  LEU A CD1 1 
ATOM   686  C  CD2 . LEU A 1 82 ? 1.648   5.445   -3.936  1.00 49.45 ? 81  LEU A CD2 1 
ATOM   687  N  N   . ALA A 1 83 ? 0.914   4.693   -8.871  1.00 39.68 ? 82  ALA A N   1 
ATOM   688  C  CA  . ALA A 1 83 ? -0.136  4.018   -9.626  1.00 39.03 ? 82  ALA A CA  1 
ATOM   689  C  C   . ALA A 1 83 ? 0.401   2.848   -10.487 1.00 43.55 ? 82  ALA A C   1 
ATOM   690  O  O   . ALA A 1 83 ? -0.153  1.737   -10.477 1.00 40.94 ? 82  ALA A O   1 
ATOM   691  C  CB  . ALA A 1 83 ? -0.902  5.049   -10.514 1.00 37.89 ? 82  ALA A CB  1 
ATOM   692  N  N   . GLU A 1 84 ? 1.486   3.109   -11.217 1.00 44.47 ? 83  GLU A N   1 
ATOM   693  C  CA  . GLU A 1 84 ? 2.120   2.100   -12.050 1.00 48.07 ? 83  GLU A CA  1 
ATOM   694  C  C   . GLU A 1 84 ? 2.668   0.944   -11.218 1.00 48.88 ? 83  GLU A C   1 
ATOM   695  O  O   . GLU A 1 84 ? 2.517   -0.208  -11.600 1.00 48.44 ? 83  GLU A O   1 
ATOM   696  C  CB  . GLU A 1 84 ? 3.247   2.707   -12.895 1.00 49.22 ? 83  GLU A CB  1 
ATOM   697  C  CG  . GLU A 1 84 ? 2.778   3.596   -14.032 1.00 51.24 ? 83  GLU A CG  1 
ATOM   698  C  CD  . GLU A 1 84 ? 2.381   2.803   -15.316 1.00 61.92 ? 83  GLU A CD  1 
ATOM   699  O  OE1 . GLU A 1 84 ? 2.199   1.558   -15.252 1.00 51.31 ? 83  GLU A OE1 1 
ATOM   700  O  OE2 . GLU A 1 84 ? 2.233   3.447   -16.391 1.00 56.93 ? 83  GLU A OE2 1 
ATOM   701  N  N   . CYS A 1 85 ? 3.296   1.250   -10.081 1.00 49.17 ? 84  CYS A N   1 
ATOM   702  C  CA  . CYS A 1 85 ? 3.758   0.205   -9.179  1.00 48.18 ? 84  CYS A CA  1 
ATOM   703  C  C   . CYS A 1 85 ? 2.592   -0.587  -8.636  1.00 46.10 ? 84  CYS A C   1 
ATOM   704  O  O   . CYS A 1 85 ? 2.651   -1.791  -8.555  1.00 47.20 ? 84  CYS A O   1 
ATOM   705  C  CB  . CYS A 1 85 ? 4.569   0.788   -8.020  1.00 47.47 ? 84  CYS A CB  1 
ATOM   706  S  SG  . CYS A 1 85 ? 6.098   1.577   -8.553  1.00 55.82 ? 84  CYS A SG  1 
ATOM   707  N  N   . LEU A 1 86 ? 1.523   0.089   -8.264  1.00 48.64 ? 85  LEU A N   1 
ATOM   708  C  CA  . LEU A 1 86 ? 0.309   -0.606  -7.767  1.00 50.25 ? 85  LEU A CA  1 
ATOM   709  C  C   . LEU A 1 86 ? -0.446  -1.462  -8.812  1.00 51.95 ? 85  LEU A C   1 
ATOM   710  O  O   . LEU A 1 86 ? -1.282  -2.294  -8.446  1.00 53.90 ? 85  LEU A O   1 
ATOM   711  C  CB  . LEU A 1 86 ? -0.644  0.395   -7.123  1.00 48.10 ? 85  LEU A CB  1 
ATOM   712  C  CG  . LEU A 1 86 ? -0.085  1.062   -5.871  1.00 48.25 ? 85  LEU A CG  1 
ATOM   713  C  CD1 . LEU A 1 86 ? -0.913  2.247   -5.466  1.00 41.18 ? 85  LEU A CD1 1 
ATOM   714  C  CD2 . LEU A 1 86 ? 0.009   0.049   -4.740  1.00 42.79 ? 85  LEU A CD2 1 
ATOM   715  N  N   . GLU A 1 87 ? -0.159  -1.271  -10.100 1.00 52.42 ? 86  GLU A N   1 
ATOM   716  C  CA  . GLU A 1 87 ? -0.796  -2.076  -11.156 1.00 51.08 ? 86  GLU A CA  1 
ATOM   717  C  C   . GLU A 1 87 ? -0.242  -3.478  -11.105 1.00 49.53 ? 86  GLU A C   1 
ATOM   718  O  O   . GLU A 1 87 ? -0.962  -4.429  -11.363 1.00 48.39 ? 86  GLU A O   1 
ATOM   719  C  CB  . GLU A 1 87 ? -0.536  -1.495  -12.554 1.00 51.97 ? 86  GLU A CB  1 
ATOM   720  C  CG  . GLU A 1 87 ? -1.246  -0.188  -12.860 1.00 55.31 ? 86  GLU A CG  1 
ATOM   721  C  CD  . GLU A 1 87 ? -2.677  -0.364  -13.388 1.00 62.47 ? 86  GLU A CD  1 
ATOM   722  O  OE1 . GLU A 1 87 ? -3.295  -1.420  -13.116 1.00 61.61 ? 86  GLU A OE1 1 
ATOM   723  O  OE2 . GLU A 1 87 ? -3.196  0.580   -14.041 1.00 52.84 ? 86  GLU A OE2 1 
ATOM   724  N  N   . LYS A 1 88 ? 1.046   -3.592  -10.771 1.00 48.54 ? 87  LYS A N   1 
ATOM   725  C  CA  . LYS A 1 88 ? 1.709   -4.874  -10.705 1.00 47.23 ? 87  LYS A CA  1 
ATOM   726  C  C   . LYS A 1 88 ? 1.276   -5.598  -9.431  1.00 46.06 ? 87  LYS A C   1 
ATOM   727  O  O   . LYS A 1 88 ? 1.088   -6.815  -9.431  1.00 44.92 ? 87  LYS A O   1 
ATOM   728  C  CB  . LYS A 1 88 ? 3.233   -4.720  -10.764 1.00 49.35 ? 87  LYS A CB  1 
ATOM   729  C  CG  . LYS A 1 88 ? 3.773   -3.745  -11.810 1.00 53.52 ? 87  LYS A CG  1 
ATOM   730  C  CD  . LYS A 1 88 ? 3.180   -3.946  -13.187 1.00 62.84 ? 87  LYS A CD  1 
ATOM   731  C  CE  . LYS A 1 88 ? 3.519   -2.765  -14.094 1.00 69.90 ? 87  LYS A CE  1 
ATOM   732  N  NZ  . LYS A 1 88 ? 2.759   -1.508  -13.773 1.00 63.62 ? 87  LYS A NZ  1 
ATOM   733  N  N   . CYS A 1 89 ? 1.098   -4.850  -8.350  1.00 46.87 ? 88  CYS A N   1 
ATOM   734  C  CA  . CYS A 1 89 ? 0.566   -5.416  -7.127  1.00 49.03 ? 88  CYS A CA  1 
ATOM   735  C  C   . CYS A 1 89 ? -0.767  -6.086  -7.442  1.00 51.95 ? 88  CYS A C   1 
ATOM   736  O  O   . CYS A 1 89 ? -1.014  -7.181  -6.983  1.00 52.39 ? 88  CYS A O   1 
ATOM   737  C  CB  . CYS A 1 89 ? 0.372   -4.341  -6.034  1.00 49.57 ? 88  CYS A CB  1 
ATOM   738  S  SG  . CYS A 1 89 ? 1.902   -3.704  -5.302  1.00 45.95 ? 88  CYS A SG  1 
ATOM   739  N  N   . ARG A 1 90 ? -1.621  -5.423  -8.223  1.00 55.10 ? 89  ARG A N   1 
ATOM   740  C  CA  . ARG A 1 90 ? -2.929  -5.987  -8.591  1.00 58.10 ? 89  ARG A CA  1 
ATOM   741  C  C   . ARG A 1 90 ? -2.830  -7.325  -9.317  1.00 57.63 ? 89  ARG A C   1 
ATOM   742  O  O   . ARG A 1 90 ? -3.640  -8.209  -9.063  1.00 56.96 ? 89  ARG A O   1 
ATOM   743  C  CB  . ARG A 1 90 ? -3.720  -5.017  -9.456  1.00 58.26 ? 89  ARG A CB  1 
ATOM   744  C  CG  . ARG A 1 90 ? -4.512  -4.006  -8.695  1.00 61.57 ? 89  ARG A CG  1 
ATOM   745  C  CD  . ARG A 1 90 ? -5.276  -3.053  -9.647  1.00 63.49 ? 89  ARG A CD  1 
ATOM   746  N  NE  . ARG A 1 90 ? -6.003  -3.749  -10.713 1.00 69.07 ? 89  ARG A NE  1 
ATOM   747  C  CZ  . ARG A 1 90 ? -6.735  -3.147  -11.655 1.00 71.96 ? 89  ARG A CZ  1 
ATOM   748  N  NH1 . ARG A 1 90 ? -6.876  -1.820  -11.675 1.00 72.38 ? 89  ARG A NH1 1 
ATOM   749  N  NH2 . ARG A 1 90 ? -7.343  -3.883  -12.578 1.00 70.59 ? 89  ARG A NH2 1 
ATOM   750  N  N   . ASP A 1 91 ? -1.843  -7.462  -10.209 1.00 59.14 ? 90  ASP A N   1 
ATOM   751  C  CA  . ASP A 1 91 ? -1.601  -8.719  -10.932 1.00 60.86 ? 90  ASP A CA  1 
ATOM   752  C  C   . ASP A 1 91 ? -1.354  -9.856  -9.963  1.00 61.70 ? 90  ASP A C   1 
ATOM   753  O  O   . ASP A 1 91 ? -2.001  -10.897 -10.053 1.00 62.77 ? 90  ASP A O   1 
ATOM   754  C  CB  . ASP A 1 91 ? -0.383  -8.621  -11.866 1.00 61.94 ? 90  ASP A CB  1 
ATOM   755  C  CG  . ASP A 1 91 ? -0.578  -7.625  -12.997 1.00 62.55 ? 90  ASP A CG  1 
ATOM   756  O  OD1 . ASP A 1 91 ? -1.710  -7.140  -13.199 1.00 56.75 ? 90  ASP A OD1 1 
ATOM   757  O  OD2 . ASP A 1 91 ? 0.413   -7.327  -13.694 1.00 70.47 ? 90  ASP A OD2 1 
ATOM   758  N  N   . VAL A 1 92 ? -0.398  -9.641  -9.053  1.00 61.15 ? 91  VAL A N   1 
ATOM   759  C  CA  . VAL A 1 92 ? -0.071  -10.587 -7.998  1.00 60.13 ? 91  VAL A CA  1 
ATOM   760  C  C   . VAL A 1 92 ? -1.332  -11.023 -7.262  1.00 60.81 ? 91  VAL A C   1 
ATOM   761  O  O   . VAL A 1 92 ? -1.594  -12.221 -7.124  1.00 64.52 ? 91  VAL A O   1 
ATOM   762  C  CB  . VAL A 1 92 ? 0.945   -9.992  -6.972  1.00 60.82 ? 91  VAL A CB  1 
ATOM   763  C  CG1 . VAL A 1 92 ? 0.977   -10.838 -5.667  1.00 56.98 ? 91  VAL A CG1 1 
ATOM   764  C  CG2 . VAL A 1 92 ? 2.334   -9.861  -7.613  1.00 54.93 ? 91  VAL A CG2 1 
ATOM   765  N  N   . LEU A 1 93 ? -2.101  -10.055 -6.786  1.00 59.48 ? 92  LEU A N   1 
ATOM   766  C  CA  . LEU A 1 93 ? -3.348  -10.342 -6.095  1.00 60.38 ? 92  LEU A CA  1 
ATOM   767  C  C   . LEU A 1 93 ? -4.389  -10.769 -7.127  1.00 61.27 ? 92  LEU A C   1 
ATOM   768  O  O   . LEU A 1 93 ? -4.827  -11.915 -7.117  1.00 62.85 ? 92  LEU A O   1 
ATOM   769  C  CB  . LEU A 1 93 ? -3.869  -9.120  -5.328  1.00 60.28 ? 92  LEU A CB  1 
ATOM   770  C  CG  . LEU A 1 93 ? -2.945  -8.162  -4.565  1.00 62.63 ? 92  LEU A CG  1 
ATOM   771  C  CD1 . LEU A 1 93 ? -3.798  -6.995  -3.997  1.00 61.04 ? 92  LEU A CD1 1 
ATOM   772  C  CD2 . LEU A 1 93 ? -2.163  -8.888  -3.495  1.00 50.80 ? 92  LEU A CD2 1 
ATOM   773  N  N   A ASP B 1 4  ? -10.128 -9.617  0.328   0.50 65.10 ? 3   ASP B N   1 
ATOM   774  N  N   B ASP B 1 4  ? -9.451  -8.933  -0.050  0.50 65.66 ? 3   ASP B N   1 
ATOM   775  C  CA  A ASP B 1 4  ? -8.882  -10.087 1.011   0.50 66.21 ? 3   ASP B CA  1 
ATOM   776  C  CA  B ASP B 1 4  ? -8.648  -9.786  0.871   0.50 66.05 ? 3   ASP B CA  1 
ATOM   777  C  C   A ASP B 1 4  ? -8.564  -9.196  2.218   0.50 64.97 ? 3   ASP B C   1 
ATOM   778  C  C   B ASP B 1 4  ? -8.600  -9.151  2.265   0.50 64.94 ? 3   ASP B C   1 
ATOM   779  O  O   A ASP B 1 4  ? -8.942  -8.022  2.270   0.50 65.40 ? 3   ASP B O   1 
ATOM   780  O  O   B ASP B 1 4  ? -9.226  -8.114  2.506   0.50 65.27 ? 3   ASP B O   1 
ATOM   781  C  CB  A ASP B 1 4  ? -7.694  -10.119 0.024   0.50 65.80 ? 3   ASP B CB  1 
ATOM   782  C  CB  B ASP B 1 4  ? -7.216  -9.949  0.345   0.50 65.95 ? 3   ASP B CB  1 
ATOM   783  C  CG  A ASP B 1 4  ? -6.520  -10.998 0.508   0.50 67.80 ? 3   ASP B CG  1 
ATOM   784  C  CG  B ASP B 1 4  ? -7.150  -10.381 -1.114  0.50 65.92 ? 3   ASP B CG  1 
ATOM   785  O  OD1 A ASP B 1 4  ? -6.575  -11.574 1.622   0.50 69.17 ? 3   ASP B OD1 1 
ATOM   786  O  OD1 B ASP B 1 4  ? -8.150  -10.248 -1.858  0.50 63.34 ? 3   ASP B OD1 1 
ATOM   787  O  OD2 A ASP B 1 4  ? -5.520  -11.106 -0.240  0.50 63.54 ? 3   ASP B OD2 1 
ATOM   788  O  OD2 B ASP B 1 4  ? -6.060  -10.851 -1.514  0.50 69.36 ? 3   ASP B OD2 1 
ATOM   789  N  N   . GLU B 1 5  ? -7.871  -9.785  3.184   1.00 63.26 ? 4   GLU B N   1 
ATOM   790  C  CA  . GLU B 1 5  ? -7.414  -9.087  4.381   1.00 60.79 ? 4   GLU B CA  1 
ATOM   791  C  C   . GLU B 1 5  ? -6.233  -8.196  3.974   1.00 56.86 ? 4   GLU B C   1 
ATOM   792  O  O   . GLU B 1 5  ? -5.976  -7.190  4.617   1.00 58.18 ? 4   GLU B O   1 
ATOM   793  C  CB  . GLU B 1 5  ? -7.029  -10.087 5.500   1.00 60.19 ? 4   GLU B CB  1 
ATOM   794  C  CG  . GLU B 1 5  ? -6.436  -9.472  6.827   1.00 66.59 ? 4   GLU B CG  1 
ATOM   795  C  CD  . GLU B 1 5  ? -7.376  -8.462  7.526   1.00 74.42 ? 4   GLU B CD  1 
ATOM   796  O  OE1 . GLU B 1 5  ? -8.601  -8.735  7.593   1.00 85.76 ? 4   GLU B OE1 1 
ATOM   797  O  OE2 . GLU B 1 5  ? -6.894  -7.395  8.004   1.00 66.79 ? 4   GLU B OE2 1 
ATOM   798  N  N   . THR B 1 6  ? -5.514  -8.561  2.909   1.00 53.48 ? 5   THR B N   1 
ATOM   799  C  CA  . THR B 1 6  ? -4.407  -7.740  2.378   1.00 51.34 ? 5   THR B CA  1 
ATOM   800  C  C   . THR B 1 6  ? -4.822  -6.282  2.118   1.00 48.11 ? 5   THR B C   1 
ATOM   801  O  O   . THR B 1 6  ? -4.087  -5.349  2.420   1.00 47.86 ? 5   THR B O   1 
ATOM   802  C  CB  . THR B 1 6  ? -3.819  -8.329  1.062   1.00 52.57 ? 5   THR B CB  1 
ATOM   803  O  OG1 . THR B 1 6  ? -3.584  -9.742  1.204   1.00 51.54 ? 5   THR B OG1 1 
ATOM   804  C  CG2 . THR B 1 6  ? -2.506  -7.623  0.710   1.00 53.61 ? 5   THR B CG2 1 
ATOM   805  N  N   . LEU B 1 7  ? -6.002  -6.104  1.553   1.00 45.39 ? 6   LEU B N   1 
ATOM   806  C  CA  . LEU B 1 7  ? -6.514  -4.786  1.253   1.00 46.67 ? 6   LEU B CA  1 
ATOM   807  C  C   . LEU B 1 7  ? -6.825  -3.949  2.506   1.00 46.80 ? 6   LEU B C   1 
ATOM   808  O  O   . LEU B 1 7  ? -6.781  -2.722  2.454   1.00 48.88 ? 6   LEU B O   1 
ATOM   809  C  CB  . LEU B 1 7  ? -7.766  -4.918  0.379   1.00 45.23 ? 6   LEU B CB  1 
ATOM   810  C  CG  . LEU B 1 7  ? -7.565  -4.911  -1.147  1.00 48.11 ? 6   LEU B CG  1 
ATOM   811  C  CD1 . LEU B 1 7  ? -6.387  -5.741  -1.646  1.00 50.88 ? 6   LEU B CD1 1 
ATOM   812  C  CD2 . LEU B 1 7  ? -8.842  -5.360  -1.797  1.00 53.22 ? 6   LEU B CD2 1 
ATOM   813  N  N   . ARG B 1 8  ? -7.130  -4.603  3.626   1.00 46.23 ? 7   ARG B N   1 
ATOM   814  C  CA  . ARG B 1 8  ? -7.452  -3.899  4.871   1.00 48.24 ? 7   ARG B CA  1 
ATOM   815  C  C   . ARG B 1 8  ? -6.202  -3.413  5.607   1.00 45.33 ? 7   ARG B C   1 
ATOM   816  O  O   . ARG B 1 8  ? -6.308  -2.651  6.559   1.00 49.78 ? 7   ARG B O   1 
ATOM   817  C  CB  . ARG B 1 8  ? -8.319  -4.782  5.786   1.00 46.67 ? 7   ARG B CB  1 
ATOM   818  C  CG  . ARG B 1 8  ? -9.800  -4.811  5.374   1.00 54.58 ? 7   ARG B CG  1 
ATOM   819  C  CD  . ARG B 1 8  ? -10.626 -5.723  6.293   1.00 55.99 ? 7   ARG B CD  1 
ATOM   820  N  NE  . ARG B 1 8  ? -12.046 -5.697  5.944   1.00 64.94 ? 7   ARG B NE  1 
ATOM   821  N  N   . LEU B 1 9  ? -5.030  -3.830  5.148   1.00 44.26 ? 8   LEU B N   1 
ATOM   822  C  CA  . LEU B 1 9  ? -3.752  -3.418  5.734   1.00 43.63 ? 8   LEU B CA  1 
ATOM   823  C  C   . LEU B 1 9  ? -3.353  -1.988  5.359   1.00 45.17 ? 8   LEU B C   1 
ATOM   824  O  O   . LEU B 1 9  ? -3.674  -1.482  4.266   1.00 41.56 ? 8   LEU B O   1 
ATOM   825  C  CB  . LEU B 1 9  ? -2.637  -4.330  5.251   1.00 45.00 ? 8   LEU B CB  1 
ATOM   826  C  CG  . LEU B 1 9  ? -2.748  -5.851  5.487   1.00 53.57 ? 8   LEU B CG  1 
ATOM   827  C  CD1 . LEU B 1 9  ? -1.558  -6.534  4.807   1.00 49.54 ? 8   LEU B CD1 1 
ATOM   828  C  CD2 . LEU B 1 9  ? -2.792  -6.179  6.934   1.00 47.97 ? 8   LEU B CD2 1 
ATOM   829  N  N   . GLN B 1 10 ? -2.591  -1.381  6.256   1.00 42.60 ? 9   GLN B N   1 
ATOM   830  C  CA  . GLN B 1 10 ? -2.023  -0.070  6.046   1.00 44.28 ? 9   GLN B CA  1 
ATOM   831  C  C   . GLN B 1 10 ? -0.849  -0.222  5.083   1.00 44.93 ? 9   GLN B C   1 
ATOM   832  O  O   . GLN B 1 10 ? -0.019  -1.113  5.251   1.00 46.20 ? 9   GLN B O   1 
ATOM   833  C  CB  . GLN B 1 10 ? -1.519  0.465   7.394   1.00 44.93 ? 9   GLN B CB  1 
ATOM   834  C  CG  . GLN B 1 10 ? -1.396  1.946   7.507   1.00 43.66 ? 9   GLN B CG  1 
ATOM   835  C  CD  . GLN B 1 10 ? -0.153  2.399   8.222   1.00 43.40 ? 9   GLN B CD  1 
ATOM   836  O  OE1 . GLN B 1 10 ? 0.927   1.921   7.944   1.00 43.95 ? 9   GLN B OE1 1 
ATOM   837  N  NE2 . GLN B 1 10 ? -0.297  3.353   9.126   1.00 39.40 ? 9   GLN B NE2 1 
ATOM   838  N  N   . PHE B 1 11 ? -0.761  0.666   4.096   1.00 43.43 ? 10  PHE B N   1 
ATOM   839  C  CA  . PHE B 1 11 ? 0.315   0.641   3.115   1.00 41.43 ? 10  PHE B CA  1 
ATOM   840  C  C   . PHE B 1 11 ? 1.724   0.738   3.738   1.00 43.46 ? 10  PHE B C   1 
ATOM   841  O  O   . PHE B 1 11 ? 2.656   0.019   3.330   1.00 42.74 ? 10  PHE B O   1 
ATOM   842  C  CB  . PHE B 1 11 ? 0.102   1.783   2.120   1.00 40.59 ? 10  PHE B CB  1 
ATOM   843  C  CG  . PHE B 1 11 ? 1.015   1.740   0.913   1.00 46.72 ? 10  PHE B CG  1 
ATOM   844  C  CD1 . PHE B 1 11 ? 1.105   0.605   0.122   1.00 44.80 ? 10  PHE B CD1 1 
ATOM   845  C  CD2 . PHE B 1 11 ? 1.727   2.859   0.533   1.00 44.46 ? 10  PHE B CD2 1 
ATOM   846  C  CE1 . PHE B 1 11 ? 1.889   0.592   -1.017  1.00 38.18 ? 10  PHE B CE1 1 
ATOM   847  C  CE2 . PHE B 1 11 ? 2.520   2.825   -0.583  1.00 44.67 ? 10  PHE B CE2 1 
ATOM   848  C  CZ  . PHE B 1 11 ? 2.590   1.694   -1.355  1.00 42.67 ? 10  PHE B CZ  1 
ATOM   849  N  N   . GLY B 1 12 ? 1.894   1.624   4.710   1.00 42.31 ? 11  GLY B N   1 
ATOM   850  C  CA  . GLY B 1 12 ? 3.202   1.768   5.379   1.00 45.55 ? 11  GLY B CA  1 
ATOM   851  C  C   . GLY B 1 12 ? 3.728   0.512   6.049   1.00 44.97 ? 11  GLY B C   1 
ATOM   852  O  O   . GLY B 1 12 ? 4.910   0.173   5.921   1.00 43.95 ? 11  GLY B O   1 
ATOM   853  N  N   . HIS B 1 13 ? 2.848   -0.193  6.755   1.00 46.83 ? 12  HIS B N   1 
ATOM   854  C  CA  . HIS B 1 13 ? 3.228   -1.466  7.426   1.00 46.80 ? 12  HIS B CA  1 
ATOM   855  C  C   . HIS B 1 13 ? 3.658   -2.541  6.430   1.00 48.17 ? 12  HIS B C   1 
ATOM   856  O  O   . HIS B 1 13 ? 4.535   -3.356  6.716   1.00 47.47 ? 12  HIS B O   1 
ATOM   857  C  CB  . HIS B 1 13 ? 2.054   -2.015  8.263   1.00 48.49 ? 12  HIS B CB  1 
ATOM   858  C  CG  . HIS B 1 13 ? 1.701   -1.159  9.438   1.00 46.34 ? 12  HIS B CG  1 
ATOM   859  N  ND1 . HIS B 1 13 ? 0.497   -1.267  10.107  1.00 46.63 ? 12  HIS B ND1 1 
ATOM   860  C  CD2 . HIS B 1 13 ? 2.381   -0.157  10.043  1.00 43.28 ? 12  HIS B CD2 1 
ATOM   861  C  CE1 . HIS B 1 13 ? 0.469   -0.388  11.095  1.00 40.33 ? 12  HIS B CE1 1 
ATOM   862  N  NE2 . HIS B 1 13 ? 1.589   0.313   11.066  1.00 39.85 ? 12  HIS B NE2 1 
ATOM   863  N  N   . LEU B 1 14 ? 2.996   -2.555  5.272   1.00 48.57 ? 13  LEU B N   1 
ATOM   864  C  CA  . LEU B 1 14 ? 3.258   -3.515  4.186   1.00 47.63 ? 13  LEU B CA  1 
ATOM   865  C  C   . LEU B 1 14 ? 4.594   -3.211  3.566   1.00 47.93 ? 13  LEU B C   1 
ATOM   866  O  O   . LEU B 1 14 ? 5.451   -4.082  3.320   1.00 46.54 ? 13  LEU B O   1 
ATOM   867  C  CB  . LEU B 1 14 ? 2.139   -3.422  3.108   1.00 49.48 ? 13  LEU B CB  1 
ATOM   868  C  CG  . LEU B 1 14 ? 0.892   -4.291  3.273   1.00 48.43 ? 13  LEU B CG  1 
ATOM   869  C  CD1 . LEU B 1 14 ? -0.112  -4.113  2.152   1.00 54.68 ? 13  LEU B CD1 1 
ATOM   870  C  CD2 . LEU B 1 14 ? 1.333   -5.773  3.399   1.00 55.33 ? 13  LEU B CD2 1 
ATOM   871  N  N   . ILE B 1 15 ? 4.773   -1.934  3.314   1.00 49.34 ? 14  ILE B N   1 
ATOM   872  C  CA  . ILE B 1 15 ? 5.933   -1.448  2.571   1.00 49.84 ? 14  ILE B CA  1 
ATOM   873  C  C   . ILE B 1 15 ? 7.205   -1.614  3.410   1.00 45.54 ? 14  ILE B C   1 
ATOM   874  O  O   . ILE B 1 15 ? 8.290   -1.780  2.875   1.00 47.28 ? 14  ILE B O   1 
ATOM   875  C  CB  . ILE B 1 15 ? 5.693   0.034   2.084   1.00 45.95 ? 14  ILE B CB  1 
ATOM   876  C  CG1 . ILE B 1 15 ? 6.203   0.236   0.683   1.00 47.88 ? 14  ILE B CG1 1 
ATOM   877  C  CG2 . ILE B 1 15 ? 6.337   1.013   3.011   1.00 57.45 ? 14  ILE B CG2 1 
ATOM   878  C  CD1 . ILE B 1 15 ? 6.439   1.691   0.379   1.00 46.62 ? 14  ILE B CD1 1 
ATOM   879  N  N   . ARG B 1 16 ? 7.062   -1.617  4.722   1.00 47.95 ? 15  ARG B N   1 
ATOM   880  C  CA  . ARG B 1 16 ? 8.194   -1.834  5.653   1.00 46.47 ? 15  ARG B CA  1 
ATOM   881  C  C   . ARG B 1 16 ? 8.480   -3.293  5.912   1.00 48.00 ? 15  ARG B C   1 
ATOM   882  O  O   . ARG B 1 16 ? 9.611   -3.712  5.894   1.00 51.61 ? 15  ARG B O   1 
ATOM   883  C  CB  . ARG B 1 16 ? 7.899   -1.210  7.003   1.00 45.63 ? 15  ARG B CB  1 
ATOM   884  C  CG  . ARG B 1 16 ? 8.042   0.284   7.038   1.00 51.74 ? 15  ARG B CG  1 
ATOM   885  C  CD  . ARG B 1 16 ? 7.456   0.846   8.297   1.00 51.41 ? 15  ARG B CD  1 
ATOM   886  N  NE  . ARG B 1 16 ? 7.460   2.301   8.263   1.00 51.15 ? 15  ARG B NE  1 
ATOM   887  C  CZ  . ARG B 1 16 ? 8.528   3.048   8.488   1.00 51.37 ? 15  ARG B CZ  1 
ATOM   888  N  NH1 . ARG B 1 16 ? 9.710   2.484   8.747   1.00 45.24 ? 15  ARG B NH1 1 
ATOM   889  N  NH2 . ARG B 1 16 ? 8.409   4.363   8.446   1.00 51.32 ? 15  ARG B NH2 1 
ATOM   890  N  N   . ILE B 1 17 ? 7.455   -4.061  6.242   1.00 49.31 ? 16  ILE B N   1 
ATOM   891  C  CA  . ILE B 1 17 ? 7.671   -5.456  6.631   1.00 47.99 ? 16  ILE B CA  1 
ATOM   892  C  C   . ILE B 1 17 ? 8.060   -6.381  5.470   1.00 46.72 ? 16  ILE B C   1 
ATOM   893  O  O   . ILE B 1 17 ? 9.036   -7.116  5.611   1.00 50.06 ? 16  ILE B O   1 
ATOM   894  C  CB  . ILE B 1 17 ? 6.453   -6.078  7.373   1.00 45.54 ? 16  ILE B CB  1 
ATOM   895  C  CG1 . ILE B 1 17 ? 6.124   -5.310  8.675   1.00 47.89 ? 16  ILE B CG1 1 
ATOM   896  C  CG2 . ILE B 1 17 ? 6.720   -7.560  7.677   1.00 40.74 ? 16  ILE B CG2 1 
ATOM   897  C  CD1 . ILE B 1 17 ? 7.002   -5.642  9.879   1.00 43.82 ? 16  ILE B CD1 1 
ATOM   898  N  N   . LEU B 1 18 ? 7.298   -6.398  4.369   1.00 45.48 ? 17  LEU B N   1 
ATOM   899  C  CA  . LEU B 1 18 ? 7.473   -7.443  3.339   1.00 46.19 ? 17  LEU B CA  1 
ATOM   900  C  C   . LEU B 1 18 ? 8.769   -7.266  2.542   1.00 46.76 ? 17  LEU B C   1 
ATOM   901  O  O   . LEU B 1 18 ? 9.484   -8.247  2.298   1.00 48.35 ? 17  LEU B O   1 
ATOM   902  C  CB  . LEU B 1 18 ? 6.271   -7.593  2.385   1.00 46.55 ? 17  LEU B CB  1 
ATOM   903  C  CG  . LEU B 1 18 ? 4.890   -8.054  2.886   1.00 49.87 ? 17  LEU B CG  1 
ATOM   904  C  CD1 . LEU B 1 18 ? 4.033   -8.621  1.767   1.00 48.33 ? 17  LEU B CD1 1 
ATOM   905  C  CD2 . LEU B 1 18 ? 4.966   -9.008  3.975   1.00 42.37 ? 17  LEU B CD2 1 
ATOM   906  N  N   . PRO B 1 19 ? 9.086   -6.033  2.107   1.00 46.27 ? 18  PRO B N   1 
ATOM   907  C  CA  . PRO B 1 19 ? 10.456  -5.776  1.587   1.00 44.58 ? 18  PRO B CA  1 
ATOM   908  C  C   . PRO B 1 19 ? 11.637  -6.147  2.525   1.00 43.54 ? 18  PRO B C   1 
ATOM   909  O  O   . PRO B 1 19 ? 12.649  -6.633  2.069   1.00 46.78 ? 18  PRO B O   1 
ATOM   910  C  CB  . PRO B 1 19 ? 10.412  -4.281  1.299   1.00 41.44 ? 18  PRO B CB  1 
ATOM   911  C  CG  . PRO B 1 19 ? 8.999   -4.060  0.896   1.00 45.83 ? 18  PRO B CG  1 
ATOM   912  C  CD  . PRO B 1 19 ? 8.236   -4.851  1.928   1.00 44.76 ? 18  PRO B CD  1 
ATOM   913  N  N   . THR B 1 20 ? 11.501  -5.916  3.820   1.00 42.90 ? 19  THR B N   1 
ATOM   914  C  CA  . THR B 1 20 ? 12.545  -6.230  4.780   1.00 42.06 ? 19  THR B CA  1 
ATOM   915  C  C   . THR B 1 20 ? 12.792  -7.713  4.811   1.00 43.28 ? 19  THR B C   1 
ATOM   916  O  O   . THR B 1 20 ? 13.932  -8.145  4.786   1.00 47.75 ? 19  THR B O   1 
ATOM   917  C  CB  . THR B 1 20 ? 12.167  -5.702  6.204   1.00 44.33 ? 19  THR B CB  1 
ATOM   918  O  OG1 . THR B 1 20 ? 12.393  -4.287  6.249   1.00 46.81 ? 19  THR B OG1 1 
ATOM   919  C  CG2 . THR B 1 20 ? 12.941  -6.391  7.360   1.00 38.29 ? 19  THR B CG2 1 
ATOM   920  N  N   . LEU B 1 21 ? 11.715  -8.484  4.846   1.00 46.36 ? 20  LEU B N   1 
ATOM   921  C  CA  . LEU B 1 21 ? 11.789  -9.944  4.839   1.00 45.70 ? 20  LEU B CA  1 
ATOM   922  C  C   . LEU B 1 21 ? 12.412  -10.504 3.570   1.00 46.98 ? 20  LEU B C   1 
ATOM   923  O  O   . LEU B 1 21 ? 13.258  -11.396 3.633   1.00 47.89 ? 20  LEU B O   1 
ATOM   924  C  CB  . LEU B 1 21 ? 10.404  -10.562 5.054   1.00 43.84 ? 20  LEU B CB  1 
ATOM   925  C  CG  . LEU B 1 21 ? 9.684   -10.371 6.399   1.00 48.10 ? 20  LEU B CG  1 
ATOM   926  C  CD1 . LEU B 1 21 ? 8.309   -11.011 6.266   1.00 40.37 ? 20  LEU B CD1 1 
ATOM   927  C  CD2 . LEU B 1 21 ? 10.443  -10.941 7.606   1.00 39.61 ? 20  LEU B CD2 1 
ATOM   928  N  N   . LEU B 1 22 ? 11.981  -9.991  2.427   1.00 45.68 ? 21  LEU B N   1 
ATOM   929  C  CA  . LEU B 1 22 ? 12.538  -10.356 1.138   1.00 44.94 ? 21  LEU B CA  1 
ATOM   930  C  C   . LEU B 1 22 ? 14.041  -10.104 1.062   1.00 45.94 ? 21  LEU B C   1 
ATOM   931  O  O   . LEU B 1 22 ? 14.784  -10.942 0.582   1.00 44.23 ? 21  LEU B O   1 
ATOM   932  C  CB  . LEU B 1 22 ? 11.832  -9.570  0.034   1.00 45.54 ? 21  LEU B CB  1 
ATOM   933  C  CG  . LEU B 1 22 ? 12.267  -9.790  -1.432  1.00 48.52 ? 21  LEU B CG  1 
ATOM   934  C  CD1 . LEU B 1 22 ? 11.664  -11.035 -2.048  1.00 42.81 ? 21  LEU B CD1 1 
ATOM   935  C  CD2 . LEU B 1 22 ? 11.905  -8.555  -2.255  1.00 39.94 ? 21  LEU B CD2 1 
ATOM   936  N  N   . GLU B 1 23 ? 14.488  -8.948  1.521   1.00 48.46 ? 22  GLU B N   1 
ATOM   937  C  CA  . GLU B 1 23 ? 15.926  -8.626  1.487   1.00 50.63 ? 22  GLU B CA  1 
ATOM   938  C  C   . GLU B 1 23 ? 16.737  -9.553  2.390   1.00 48.57 ? 22  GLU B C   1 
ATOM   939  O  O   . GLU B 1 23 ? 17.830  -9.932  2.021   1.00 50.23 ? 22  GLU B O   1 
ATOM   940  C  CB  . GLU B 1 23 ? 16.177  -7.162  1.887   1.00 49.79 ? 22  GLU B CB  1 
ATOM   941  C  CG  . GLU B 1 23 ? 15.606  -6.135  0.918   1.00 55.63 ? 22  GLU B CG  1 
ATOM   942  C  CD  . GLU B 1 23 ? 15.294  -4.772  1.575   1.00 60.75 ? 22  GLU B CD  1 
ATOM   943  O  OE1 . GLU B 1 23 ? 15.477  -4.607  2.812   1.00 67.57 ? 22  GLU B OE1 1 
ATOM   944  O  OE2 . GLU B 1 23 ? 14.846  -3.858  0.841   1.00 74.84 ? 22  GLU B OE2 1 
ATOM   945  N  N   . PHE B 1 24 ? 16.212  -9.919  3.563   1.00 47.44 ? 23  PHE B N   1 
ATOM   946  C  CA  . PHE B 1 24 ? 16.876  -10.951 4.423   1.00 44.98 ? 23  PHE B CA  1 
ATOM   947  C  C   . PHE B 1 24 ? 17.009  -12.265 3.669   1.00 44.66 ? 23  PHE B C   1 
ATOM   948  O  O   . PHE B 1 24 ? 18.046  -12.884 3.690   1.00 45.40 ? 23  PHE B O   1 
ATOM   949  C  CB  . PHE B 1 24 ? 16.098  -11.224 5.722   1.00 40.63 ? 23  PHE B CB  1 
ATOM   950  C  CG  . PHE B 1 24 ? 16.338  -10.231 6.824   1.00 39.81 ? 23  PHE B CG  1 
ATOM   951  C  CD1 . PHE B 1 24 ? 17.615  -9.969  7.305   1.00 50.70 ? 23  PHE B CD1 1 
ATOM   952  C  CD2 . PHE B 1 24 ? 15.265  -9.580  7.430   1.00 46.41 ? 23  PHE B CD2 1 
ATOM   953  C  CE1 . PHE B 1 24 ? 17.830  -9.020  8.356   1.00 50.43 ? 23  PHE B CE1 1 
ATOM   954  C  CE2 . PHE B 1 24 ? 15.461  -8.655  8.455   1.00 40.98 ? 23  PHE B CE2 1 
ATOM   955  C  CZ  . PHE B 1 24 ? 16.735  -8.374  8.926   1.00 47.94 ? 23  PHE B CZ  1 
ATOM   956  N  N   . GLU B 1 25 ? 15.943  -12.677 2.987   1.00 49.52 ? 24  GLU B N   1 
ATOM   957  C  CA  . GLU B 1 25 ? 15.861  -13.967 2.287   1.00 50.26 ? 24  GLU B CA  1 
ATOM   958  C  C   . GLU B 1 25 ? 16.836  -14.080 1.097   1.00 48.63 ? 24  GLU B C   1 
ATOM   959  O  O   . GLU B 1 25 ? 17.444  -15.134 0.885   1.00 49.13 ? 24  GLU B O   1 
ATOM   960  C  CB  . GLU B 1 25 ? 14.403  -14.184 1.860   1.00 49.83 ? 24  GLU B CB  1 
ATOM   961  C  CG  . GLU B 1 25 ? 14.068  -15.459 1.107   1.00 55.18 ? 24  GLU B CG  1 
ATOM   962  C  CD  . GLU B 1 25 ? 12.571  -15.478 0.666   1.00 56.33 ? 24  GLU B CD  1 
ATOM   963  O  OE1 . GLU B 1 25 ? 11.700  -15.721 1.535   1.00 69.66 ? 24  GLU B OE1 1 
ATOM   964  O  OE2 . GLU B 1 25 ? 12.268  -15.233 -0.527  1.00 53.02 ? 24  GLU B OE2 1 
ATOM   965  N  N   . LYS B 1 26 ? 16.980  -13.003 0.330   1.00 48.01 ? 25  LYS B N   1 
ATOM   966  C  CA  . LYS B 1 26 ? 17.929  -12.931 -0.779  1.00 47.73 ? 25  LYS B CA  1 
ATOM   967  C  C   . LYS B 1 26 ? 19.350  -13.077 -0.306  1.00 49.44 ? 25  LYS B C   1 
ATOM   968  O  O   . LYS B 1 26 ? 20.174  -13.646 -1.018  1.00 51.34 ? 25  LYS B O   1 
ATOM   969  C  CB  . LYS B 1 26 ? 17.790  -11.609 -1.544  1.00 46.99 ? 25  LYS B CB  1 
ATOM   970  C  CG  . LYS B 1 26 ? 16.533  -11.534 -2.416  1.00 50.12 ? 25  LYS B CG  1 
ATOM   971  C  CD  . LYS B 1 26 ? 16.449  -10.211 -3.171  1.00 52.56 ? 25  LYS B CD  1 
ATOM   972  C  CE  . LYS B 1 26 ? 15.084  -9.987  -3.865  1.00 56.99 ? 25  LYS B CE  1 
ATOM   973  N  NZ  . LYS B 1 26 ? 15.008  -10.576 -5.223  1.00 57.24 ? 25  LYS B NZ  1 
ATOM   974  N  N   . LYS B 1 27 ? 19.631  -12.557 0.887   1.00 51.53 ? 26  LYS B N   1 
ATOM   975  C  CA  . LYS B 1 27 ? 20.924  -12.720 1.565   1.00 52.58 ? 26  LYS B CA  1 
ATOM   976  C  C   . LYS B 1 27 ? 21.068  -14.034 2.316   1.00 49.93 ? 26  LYS B C   1 
ATOM   977  O  O   . LYS B 1 27 ? 22.118  -14.286 2.890   1.00 48.81 ? 26  LYS B O   1 
ATOM   978  C  CB  . LYS B 1 27 ? 21.100  -11.605 2.610   1.00 54.01 ? 26  LYS B CB  1 
ATOM   979  C  CG  . LYS B 1 27 ? 21.271  -10.203 2.042   1.00 59.81 ? 26  LYS B CG  1 
ATOM   980  C  CD  . LYS B 1 27 ? 21.926  -9.253  3.066   1.00 60.15 ? 26  LYS B CD  1 
ATOM   981  C  CE  . LYS B 1 27 ? 21.018  -8.964  4.271   1.00 63.75 ? 26  LYS B CE  1 
ATOM   982  N  NZ  . LYS B 1 27 ? 19.826  -8.188  3.861   1.00 61.62 ? 26  LYS B NZ  1 
ATOM   983  N  N   . GLY B 1 28 ? 20.002  -14.828 2.390   1.00 49.04 ? 27  GLY B N   1 
ATOM   984  C  CA  . GLY B 1 28 ? 20.033  -16.127 3.060   1.00 46.28 ? 27  GLY B CA  1 
ATOM   985  C  C   . GLY B 1 28 ? 19.990  -16.040 4.570   1.00 48.40 ? 27  GLY B C   1 
ATOM   986  O  O   . GLY B 1 28 ? 20.351  -16.996 5.275   1.00 46.70 ? 27  GLY B O   1 
ATOM   987  N  N   . TYR B 1 29 ? 19.553  -14.890 5.073   1.00 46.07 ? 28  TYR B N   1 
ATOM   988  C  CA  . TYR B 1 29 ? 19.553  -14.639 6.487   1.00 46.87 ? 28  TYR B CA  1 
ATOM   989  C  C   . TYR B 1 29 ? 18.177  -14.910 7.142   1.00 46.21 ? 28  TYR B C   1 
ATOM   990  O  O   . TYR B 1 29 ? 17.147  -14.580 6.611   1.00 48.31 ? 28  TYR B O   1 
ATOM   991  C  CB  . TYR B 1 29 ? 19.967  -13.195 6.711   1.00 47.42 ? 28  TYR B CB  1 
ATOM   992  C  CG  . TYR B 1 29 ? 20.255  -12.890 8.154   1.00 49.09 ? 28  TYR B CG  1 
ATOM   993  C  CD1 . TYR B 1 29 ? 21.478  -13.205 8.706   1.00 45.15 ? 28  TYR B CD1 1 
ATOM   994  C  CD2 . TYR B 1 29 ? 19.308  -12.239 8.958   1.00 48.96 ? 28  TYR B CD2 1 
ATOM   995  C  CE1 . TYR B 1 29 ? 21.745  -12.920 10.025  1.00 44.10 ? 28  TYR B CE1 1 
ATOM   996  C  CE2 . TYR B 1 29 ? 19.573  -11.935 10.274  1.00 44.92 ? 28  TYR B CE2 1 
ATOM   997  C  CZ  . TYR B 1 29 ? 20.781  -12.279 10.803  1.00 48.48 ? 28  TYR B CZ  1 
ATOM   998  O  OH  . TYR B 1 29 ? 21.049  -11.976 12.097  1.00 47.60 ? 28  TYR B OH  1 
ATOM   999  N  N   . GLU B 1 30 ? 18.192  -15.484 8.328   1.00 45.50 ? 29  GLU B N   1 
ATOM   1000 C  CA  . GLU B 1 30 ? 16.999  -15.883 9.036   1.00 48.11 ? 29  GLU B CA  1 
ATOM   1001 C  C   . GLU B 1 30 ? 16.878  -15.071 10.325  1.00 47.00 ? 29  GLU B C   1 
ATOM   1002 O  O   . GLU B 1 30 ? 17.540  -15.416 11.334  1.00 46.57 ? 29  GLU B O   1 
ATOM   1003 C  CB  . GLU B 1 30 ? 17.114  -17.376 9.344   1.00 49.69 ? 29  GLU B CB  1 
ATOM   1004 C  CG  . GLU B 1 30 ? 16.999  -18.246 8.101   1.00 57.00 ? 29  GLU B CG  1 
ATOM   1005 C  CD  . GLU B 1 30 ? 16.509  -19.619 8.454   1.00 62.55 ? 29  GLU B CD  1 
ATOM   1006 O  OE1 . GLU B 1 30 ? 15.262  -19.823 8.525   1.00 69.72 ? 29  GLU B OE1 1 
ATOM   1007 O  OE2 . GLU B 1 30 ? 17.379  -20.460 8.705   1.00 50.64 ? 29  GLU B OE2 1 
ATOM   1008 N  N   . PRO B 1 31 ? 16.088  -13.961 10.289  1.00 46.49 ? 30  PRO B N   1 
ATOM   1009 C  CA  . PRO B 1 31 ? 16.013  -13.032 11.416  1.00 45.80 ? 30  PRO B CA  1 
ATOM   1010 C  C   . PRO B 1 31 ? 15.037  -13.458 12.481  1.00 44.08 ? 30  PRO B C   1 
ATOM   1011 O  O   . PRO B 1 31 ? 13.995  -14.041 12.158  1.00 47.91 ? 30  PRO B O   1 
ATOM   1012 C  CB  . PRO B 1 31 ? 15.450  -11.761 10.774  1.00 45.93 ? 30  PRO B CB  1 
ATOM   1013 C  CG  . PRO B 1 31 ? 14.575  -12.287 9.706   1.00 49.44 ? 30  PRO B CG  1 
ATOM   1014 C  CD  . PRO B 1 31 ? 15.206  -13.528 9.192   1.00 42.21 ? 30  PRO B CD  1 
ATOM   1015 N  N   . SER B 1 32 ? 15.344  -13.111 13.722  1.00 42.14 ? 31  SER B N   1 
ATOM   1016 C  CA  . SER B 1 32 ? 14.391  -13.207 14.824  1.00 42.46 ? 31  SER B CA  1 
ATOM   1017 C  C   . SER B 1 32 ? 13.297  -12.153 14.671  1.00 43.95 ? 31  SER B C   1 
ATOM   1018 O  O   . SER B 1 32 ? 13.387  -11.264 13.801  1.00 42.16 ? 31  SER B O   1 
ATOM   1019 C  CB  . SER B 1 32 ? 15.112  -13.007 16.150  1.00 45.74 ? 31  SER B CB  1 
ATOM   1020 O  OG  . SER B 1 32 ? 15.512  -11.659 16.307  1.00 38.35 ? 31  SER B OG  1 
ATOM   1021 N  N   . LEU B 1 33 ? 12.253  -12.223 15.493  1.00 45.38 ? 32  LEU B N   1 
ATOM   1022 C  CA  . LEU B 1 33 ? 11.169  -11.224 15.378  1.00 45.90 ? 32  LEU B CA  1 
ATOM   1023 C  C   . LEU B 1 33 ? 11.645  -9.801  15.697  1.00 45.37 ? 32  LEU B C   1 
ATOM   1024 O  O   . LEU B 1 33 ? 11.242  -8.849  15.016  1.00 46.45 ? 32  LEU B O   1 
ATOM   1025 C  CB  . LEU B 1 33 ? 9.955   -11.604 16.218  1.00 46.48 ? 32  LEU B CB  1 
ATOM   1026 C  CG  . LEU B 1 33 ? 9.276   -12.914 15.795  1.00 48.25 ? 32  LEU B CG  1 
ATOM   1027 C  CD1 . LEU B 1 33 ? 8.187   -13.252 16.761  1.00 46.45 ? 32  LEU B CD1 1 
ATOM   1028 C  CD2 . LEU B 1 33 ? 8.687   -12.872 14.363  1.00 45.21 ? 32  LEU B CD2 1 
ATOM   1029 N  N   . ALA B 1 34 ? 12.490  -9.652  16.728  1.00 46.29 ? 33  ALA B N   1 
ATOM   1030 C  CA  . ALA B 1 34 ? 13.116  -8.376  17.081  1.00 43.26 ? 33  ALA B CA  1 
ATOM   1031 C  C   . ALA B 1 34 ? 13.930  -7.765  15.930  1.00 43.18 ? 33  ALA B C   1 
ATOM   1032 O  O   . ALA B 1 34 ? 13.954  -6.563  15.766  1.00 45.71 ? 33  ALA B O   1 
ATOM   1033 C  CB  . ALA B 1 34 ? 14.034  -8.545  18.321  1.00 41.75 ? 33  ALA B CB  1 
ATOM   1034 N  N   . GLU B 1 35 ? 14.642  -8.582  15.159  1.00 42.88 ? 34  GLU B N   1 
ATOM   1035 C  CA  . GLU B 1 35 ? 15.396  -8.062  14.028  1.00 43.06 ? 34  GLU B CA  1 
ATOM   1036 C  C   . GLU B 1 35 ? 14.431  -7.571  12.948  1.00 42.47 ? 34  GLU B C   1 
ATOM   1037 O  O   . GLU B 1 35 ? 14.697  -6.616  12.278  1.00 42.61 ? 34  GLU B O   1 
ATOM   1038 C  CB  . GLU B 1 35 ? 16.353  -9.124  13.479  1.00 44.55 ? 34  GLU B CB  1 
ATOM   1039 C  CG  . GLU B 1 35 ? 17.562  -9.436  14.344  1.00 42.16 ? 34  GLU B CG  1 
ATOM   1040 C  CD  . GLU B 1 35 ? 18.454  -10.520 13.728  1.00 47.51 ? 34  GLU B CD  1 
ATOM   1041 O  OE1 . GLU B 1 35 ? 17.943  -11.658 13.555  1.00 46.08 ? 34  GLU B OE1 1 
ATOM   1042 O  OE2 . GLU B 1 35 ? 19.656  -10.233 13.420  1.00 46.94 ? 34  GLU B OE2 1 
ATOM   1043 N  N   . ILE B 1 36 ? 13.269  -8.205  12.802  1.00 44.33 ? 35  ILE B N   1 
ATOM   1044 C  CA  . ILE B 1 36 ? 12.286  -7.766  11.819  1.00 41.42 ? 35  ILE B CA  1 
ATOM   1045 C  C   . ILE B 1 36 ? 11.737  -6.399  12.199  1.00 45.45 ? 35  ILE B C   1 
ATOM   1046 O  O   . ILE B 1 36 ? 11.637  -5.486  11.377  1.00 49.06 ? 35  ILE B O   1 
ATOM   1047 C  CB  . ILE B 1 36 ? 11.151  -8.821  11.643  1.00 41.58 ? 35  ILE B CB  1 
ATOM   1048 C  CG1 . ILE B 1 36 ? 11.748  -10.126 11.104  1.00 43.08 ? 35  ILE B CG1 1 
ATOM   1049 C  CG2 . ILE B 1 36 ? 10.082  -8.239  10.661  1.00 44.75 ? 35  ILE B CG2 1 
ATOM   1050 C  CD1 . ILE B 1 36 ? 10.970  -11.454 11.366  1.00 39.29 ? 35  ILE B CD1 1 
ATOM   1051 N  N   . VAL B 1 37 ? 11.387  -6.255  13.470  1.00 47.22 ? 36  VAL B N   1 
ATOM   1052 C  CA  . VAL B 1 37 ? 10.922  -4.999  14.027  1.00 45.07 ? 36  VAL B CA  1 
ATOM   1053 C  C   . VAL B 1 37 ? 11.961  -3.891  13.803  1.00 46.41 ? 36  VAL B C   1 
ATOM   1054 O  O   . VAL B 1 37 ? 11.665  -2.819  13.249  1.00 43.28 ? 36  VAL B O   1 
ATOM   1055 C  CB  . VAL B 1 37 ? 10.581  -5.206  15.542  1.00 44.45 ? 36  VAL B CB  1 
ATOM   1056 C  CG1 . VAL B 1 37 ? 10.270  -3.905  16.233  1.00 42.72 ? 36  VAL B CG1 1 
ATOM   1057 C  CG2 . VAL B 1 37 ? 9.415   -6.162  15.677  1.00 45.94 ? 36  VAL B CG2 1 
ATOM   1058 N  N   . LYS B 1 38 ? 13.205  -4.133  14.197  1.00 45.81 ? 37  LYS B N   1 
ATOM   1059 C  CA  . LYS B 1 38 ? 14.187  -3.066  14.120  1.00 43.89 ? 37  LYS B CA  1 
ATOM   1060 C  C   . LYS B 1 38 ? 14.469  -2.719  12.674  1.00 44.02 ? 37  LYS B C   1 
ATOM   1061 O  O   . LYS B 1 38 ? 14.388  -1.558  12.292  1.00 43.30 ? 37  LYS B O   1 
ATOM   1062 C  CB  . LYS B 1 38 ? 15.466  -3.447  14.855  1.00 49.61 ? 37  LYS B CB  1 
ATOM   1063 C  CG  . LYS B 1 38 ? 16.586  -2.383  14.756  1.00 51.10 ? 37  LYS B CG  1 
ATOM   1064 C  CD  . LYS B 1 38 ? 17.219  -2.047  16.115  1.00 62.32 ? 37  LYS B CD  1 
ATOM   1065 C  CE  . LYS B 1 38 ? 16.543  -0.823  16.792  1.00 66.39 ? 37  LYS B CE  1 
ATOM   1066 N  NZ  . LYS B 1 38 ? 17.268  -0.335  18.028  1.00 55.18 ? 37  LYS B NZ  1 
ATOM   1067 N  N   . ALA B 1 39 ? 14.792  -3.714  11.848  1.00 44.21 ? 38  ALA B N   1 
ATOM   1068 C  CA  . ALA B 1 39 ? 15.128  -3.429  10.435  1.00 44.65 ? 38  ALA B CA  1 
ATOM   1069 C  C   . ALA B 1 39 ? 13.958  -2.740  9.727   1.00 45.12 ? 38  ALA B C   1 
ATOM   1070 O  O   . ALA B 1 39 ? 14.172  -1.831  8.927   1.00 46.07 ? 38  ALA B O   1 
ATOM   1071 C  CB  . ALA B 1 39 ? 15.560  -4.709  9.710   1.00 39.49 ? 38  ALA B CB  1 
ATOM   1072 N  N   . SER B 1 40 ? 12.719  -3.131  10.024  1.00 42.70 ? 39  SER B N   1 
ATOM   1073 C  CA  . SER B 1 40 ? 11.547  -2.545  9.307   1.00 43.03 ? 39  SER B CA  1 
ATOM   1074 C  C   . SER B 1 40 ? 11.119  -1.134  9.750   1.00 45.66 ? 39  SER B C   1 
ATOM   1075 O  O   . SER B 1 40 ? 10.471  -0.425  8.994   1.00 44.37 ? 39  SER B O   1 
ATOM   1076 C  CB  . SER B 1 40 ? 10.356  -3.497  9.387   1.00 44.29 ? 39  SER B CB  1 
ATOM   1077 O  OG  . SER B 1 40 ? 9.915   -3.642  10.712  1.00 49.45 ? 39  SER B OG  1 
ATOM   1078 N  N   . GLY B 1 41 ? 11.481  -0.713  10.965  1.00 47.27 ? 40  GLY B N   1 
ATOM   1079 C  CA  . GLY B 1 41 ? 11.074  0.598   11.457  1.00 48.74 ? 40  GLY B CA  1 
ATOM   1080 C  C   . GLY B 1 41 ? 9.654   0.709   12.014  1.00 48.92 ? 40  GLY B C   1 
ATOM   1081 O  O   . GLY B 1 41 ? 9.226   1.793   12.379  1.00 47.65 ? 40  GLY B O   1 
ATOM   1082 N  N   . VAL B 1 42 ? 8.932   -0.405  12.074  1.00 50.43 ? 41  VAL B N   1 
ATOM   1083 C  CA  . VAL B 1 42 ? 7.711   -0.515  12.855  1.00 49.50 ? 41  VAL B CA  1 
ATOM   1084 C  C   . VAL B 1 42 ? 8.086   -0.718  14.318  1.00 50.16 ? 41  VAL B C   1 
ATOM   1085 O  O   . VAL B 1 42 ? 9.171   -1.180  14.598  1.00 52.05 ? 41  VAL B O   1 
ATOM   1086 C  CB  . VAL B 1 42 ? 6.767   -1.693  12.357  1.00 52.10 ? 41  VAL B CB  1 
ATOM   1087 C  CG1 . VAL B 1 42 ? 6.446   -1.550  10.861  1.00 45.15 ? 41  VAL B CG1 1 
ATOM   1088 C  CG2 . VAL B 1 42 ? 7.373   -3.070  12.660  1.00 46.57 ? 41  VAL B CG2 1 
ATOM   1089 N  N   . SER B 1 43 ? 7.205   -0.315  15.248  1.00 49.91 ? 42  SER B N   1 
ATOM   1090 C  CA  . SER B 1 43 ? 7.458   -0.465  16.667  1.00 49.34 ? 42  SER B CA  1 
ATOM   1091 C  C   . SER B 1 43 ? 7.085   -1.877  17.143  1.00 49.41 ? 42  SER B C   1 
ATOM   1092 O  O   . SER B 1 43 ? 6.294   -2.588  16.526  1.00 51.36 ? 42  SER B O   1 
ATOM   1093 C  CB  . SER B 1 43 ? 6.714   0.619   17.479  1.00 49.84 ? 42  SER B CB  1 
ATOM   1094 O  OG  . SER B 1 43 ? 5.333   0.332   17.592  1.00 45.83 ? 42  SER B OG  1 
ATOM   1095 N  N   . GLU B 1 44 ? 7.670   -2.268  18.255  1.00 50.28 ? 43  GLU B N   1 
ATOM   1096 C  CA  . GLU B 1 44 ? 7.376   -3.534  18.909  1.00 50.60 ? 43  GLU B CA  1 
ATOM   1097 C  C   . GLU B 1 44 ? 5.876   -3.658  19.216  1.00 47.01 ? 43  GLU B C   1 
ATOM   1098 O  O   . GLU B 1 44 ? 5.281   -4.737  19.016  1.00 44.64 ? 43  GLU B O   1 
ATOM   1099 C  CB  . GLU B 1 44 ? 8.229   -3.658  20.211  1.00 50.14 ? 43  GLU B CB  1 
ATOM   1100 C  CG  . GLU B 1 44 ? 8.156   -5.068  20.897  1.00 56.28 ? 43  GLU B CG  1 
ATOM   1101 C  CD  . GLU B 1 44 ? 8.881   -5.172  22.258  1.00 53.99 ? 43  GLU B CD  1 
ATOM   1102 O  OE1 . GLU B 1 44 ? 9.313   -4.115  22.766  1.00 55.38 ? 43  GLU B OE1 1 
ATOM   1103 O  OE2 . GLU B 1 44 ? 8.987   -6.313  22.819  1.00 55.30 ? 43  GLU B OE2 1 
ATOM   1104 N  N   . LYS B 1 45 ? 5.288   -2.563  19.697  1.00 44.00 ? 44  LYS B N   1 
ATOM   1105 C  CA  . LYS B 1 45 ? 3.871   -2.519  20.056  1.00 49.55 ? 44  LYS B CA  1 
ATOM   1106 C  C   . LYS B 1 45 ? 2.939   -2.667  18.867  1.00 49.39 ? 44  LYS B C   1 
ATOM   1107 O  O   . LYS B 1 45 ? 1.944   -3.412  18.941  1.00 50.10 ? 44  LYS B O   1 
ATOM   1108 C  CB  . LYS B 1 45 ? 3.536   -1.229  20.802  1.00 51.80 ? 44  LYS B CB  1 
ATOM   1109 C  CG  . LYS B 1 45 ? 2.073   -1.094  21.251  1.00 53.02 ? 44  LYS B CG  1 
ATOM   1110 C  CD  . LYS B 1 45 ? 1.915   -0.057  22.385  1.00 52.75 ? 44  LYS B CD  1 
ATOM   1111 N  N   . THR B 1 46 ? 3.233   -1.948  17.793  1.00 44.28 ? 45  THR B N   1 
ATOM   1112 C  CA  . THR B 1 46 ? 2.529   -2.161  16.520  1.00 45.00 ? 45  THR B CA  1 
ATOM   1113 C  C   . THR B 1 46 ? 2.635   -3.620  16.000  1.00 43.19 ? 45  THR B C   1 
ATOM   1114 O  O   . THR B 1 46 ? 1.651   -4.262  15.665  1.00 40.90 ? 45  THR B O   1 
ATOM   1115 C  CB  . THR B 1 46 ? 3.051   -1.149  15.489  1.00 46.04 ? 45  THR B CB  1 
ATOM   1116 O  OG1 . THR B 1 46 ? 2.692   0.182   15.933  1.00 46.88 ? 45  THR B OG1 1 
ATOM   1117 C  CG2 . THR B 1 46 ? 2.488   -1.381  14.090  1.00 43.19 ? 45  THR B CG2 1 
ATOM   1118 N  N   . PHE B 1 47 ? 3.834   -4.145  15.944  1.00 44.01 ? 46  PHE B N   1 
ATOM   1119 C  CA  . PHE B 1 47 ? 4.038   -5.522  15.500  1.00 46.05 ? 46  PHE B CA  1 
ATOM   1120 C  C   . PHE B 1 47 ? 3.330   -6.549  16.353  1.00 47.49 ? 46  PHE B C   1 
ATOM   1121 O  O   . PHE B 1 47 ? 2.667   -7.421  15.824  1.00 51.15 ? 46  PHE B O   1 
ATOM   1122 C  CB  . PHE B 1 47 ? 5.501   -5.842  15.539  1.00 45.54 ? 46  PHE B CB  1 
ATOM   1123 C  CG  . PHE B 1 47 ? 5.887   -7.144  14.842  1.00 41.56 ? 46  PHE B CG  1 
ATOM   1124 C  CD1 . PHE B 1 47 ? 5.917   -7.225  13.453  1.00 45.21 ? 46  PHE B CD1 1 
ATOM   1125 C  CD2 . PHE B 1 47 ? 6.317   -8.257  15.596  1.00 41.82 ? 46  PHE B CD2 1 
ATOM   1126 C  CE1 . PHE B 1 47 ? 6.337   -8.422  12.819  1.00 46.32 ? 46  PHE B CE1 1 
ATOM   1127 C  CE2 . PHE B 1 47 ? 6.750   -9.440  14.969  1.00 45.09 ? 46  PHE B CE2 1 
ATOM   1128 C  CZ  . PHE B 1 47 ? 6.756   -9.520  13.600  1.00 38.92 ? 46  PHE B CZ  1 
ATOM   1129 N  N   . PHE B 1 48 ? 3.508   -6.456  17.670  1.00 52.88 ? 47  PHE B N   1 
ATOM   1130 C  CA  . PHE B 1 48 ? 3.003   -7.477  18.642  1.00 52.68 ? 47  PHE B CA  1 
ATOM   1131 C  C   . PHE B 1 48 ? 1.542   -7.288  19.110  1.00 53.74 ? 47  PHE B C   1 
ATOM   1132 O  O   . PHE B 1 48 ? 0.936   -8.175  19.719  1.00 55.67 ? 47  PHE B O   1 
ATOM   1133 C  CB  . PHE B 1 48 ? 3.967   -7.602  19.830  1.00 50.52 ? 47  PHE B CB  1 
ATOM   1134 C  CG  . PHE B 1 48 ? 5.188   -8.421  19.504  1.00 47.92 ? 47  PHE B CG  1 
ATOM   1135 C  CD1 . PHE B 1 48 ? 5.056   -9.737  19.128  1.00 45.91 ? 47  PHE B CD1 1 
ATOM   1136 C  CD2 . PHE B 1 48 ? 6.439   -7.860  19.504  1.00 50.86 ? 47  PHE B CD2 1 
ATOM   1137 C  CE1 . PHE B 1 48 ? 6.161   -10.499 18.804  1.00 52.21 ? 47  PHE B CE1 1 
ATOM   1138 C  CE2 . PHE B 1 48 ? 7.538   -8.593  19.127  1.00 55.74 ? 47  PHE B CE2 1 
ATOM   1139 C  CZ  . PHE B 1 48 ? 7.400   -9.926  18.796  1.00 51.42 ? 47  PHE B CZ  1 
HETATM 1140 N  N   . MSE B 1 49 ? 0.965   -6.147  18.803  1.00 51.37 ? 48  MSE B N   1 
HETATM 1141 C  CA  . MSE B 1 49 ? -0.385  -5.891  19.199  1.00 51.75 ? 48  MSE B CA  1 
HETATM 1142 C  C   . MSE B 1 49 ? -1.343  -5.963  18.025  1.00 51.89 ? 48  MSE B C   1 
HETATM 1143 O  O   . MSE B 1 49 ? -2.467  -5.486  18.170  1.00 52.71 ? 48  MSE B O   1 
HETATM 1144 C  CB  . MSE B 1 49 ? -0.488  -4.505  19.805  1.00 54.12 ? 48  MSE B CB  1 
HETATM 1145 C  CG  . MSE B 1 49 ? -1.575  -4.372  20.841  1.00 63.82 ? 48  MSE B CG  1 
HETATM 1146 SE SE  . MSE B 1 49 ? -0.911  -5.018  22.511  0.75 62.57 ? 48  MSE B SE  1 
HETATM 1147 C  CE  . MSE B 1 49 ? 0.415   -3.643  22.802  1.00 50.31 ? 48  MSE B CE  1 
ATOM   1148 N  N   . GLY B 1 50 ? -0.928  -6.553  16.888  1.00 49.16 ? 49  GLY B N   1 
ATOM   1149 C  CA  . GLY B 1 50 ? -1.863  -6.877  15.800  1.00 48.03 ? 49  GLY B CA  1 
ATOM   1150 C  C   . GLY B 1 50 ? -1.315  -7.119  14.408  1.00 48.24 ? 49  GLY B C   1 
ATOM   1151 O  O   . GLY B 1 50 ? -1.855  -7.928  13.683  1.00 50.34 ? 49  GLY B O   1 
ATOM   1152 N  N   . LEU B 1 51 ? -0.248  -6.420  14.038  1.00 46.52 ? 50  LEU B N   1 
ATOM   1153 C  CA  . LEU B 1 51 ? 0.262   -6.415  12.661  1.00 44.26 ? 50  LEU B CA  1 
ATOM   1154 C  C   . LEU B 1 51 ? 0.832   -7.762  12.222  1.00 45.05 ? 50  LEU B C   1 
ATOM   1155 O  O   . LEU B 1 51 ? 0.497   -8.255  11.160  1.00 45.67 ? 50  LEU B O   1 
ATOM   1156 C  CB  . LEU B 1 51 ? 1.318   -5.305  12.473  1.00 43.38 ? 50  LEU B CB  1 
ATOM   1157 C  CG  . LEU B 1 51 ? 2.046   -5.270  11.117  1.00 45.88 ? 50  LEU B CG  1 
ATOM   1158 C  CD1 . LEU B 1 51 ? 1.077   -4.959  9.997   1.00 41.78 ? 50  LEU B CD1 1 
ATOM   1159 C  CD2 . LEU B 1 51 ? 3.160   -4.296  11.128  1.00 41.01 ? 50  LEU B CD2 1 
ATOM   1160 N  N   . LYS B 1 52 ? 1.696   -8.359  13.029  1.00 44.30 ? 51  LYS B N   1 
ATOM   1161 C  CA  . LYS B 1 52 ? 2.152   -9.716  12.757  1.00 45.85 ? 51  LYS B CA  1 
ATOM   1162 C  C   . LYS B 1 52 ? 0.998   -10.662 12.340  1.00 49.34 ? 51  LYS B C   1 
ATOM   1163 O  O   . LYS B 1 52 ? 1.023   -11.332 11.265  1.00 46.16 ? 51  LYS B O   1 
ATOM   1164 C  CB  . LYS B 1 52 ? 2.869   -10.254 13.984  1.00 46.25 ? 51  LYS B CB  1 
ATOM   1165 C  CG  . LYS B 1 52 ? 3.226   -11.710 13.858  1.00 43.35 ? 51  LYS B CG  1 
ATOM   1166 C  CD  . LYS B 1 52 ? 4.223   -12.156 14.862  1.00 42.38 ? 51  LYS B CD  1 
ATOM   1167 C  CE  . LYS B 1 52 ? 3.660   -12.238 16.265  1.00 41.19 ? 51  LYS B CE  1 
ATOM   1168 N  NZ  . LYS B 1 52 ? 2.634   -13.286 16.355  1.00 42.70 ? 51  LYS B NZ  1 
ATOM   1169 N  N   . ASP B 1 53 ? -0.011  -10.704 13.205  1.00 49.13 ? 52  ASP B N   1 
ATOM   1170 C  CA  . ASP B 1 53 ? -1.147  -11.603 13.034  1.00 50.28 ? 52  ASP B CA  1 
ATOM   1171 C  C   . ASP B 1 53 ? -2.045  -11.192 11.880  1.00 48.83 ? 52  ASP B C   1 
ATOM   1172 O  O   . ASP B 1 53 ? -2.720  -12.020 11.323  1.00 46.45 ? 52  ASP B O   1 
ATOM   1173 C  CB  . ASP B 1 53 ? -1.937  -11.746 14.349  1.00 49.87 ? 52  ASP B CB  1 
ATOM   1174 C  CG  . ASP B 1 53 ? -1.168  -12.579 15.426  1.00 61.58 ? 52  ASP B CG  1 
ATOM   1175 O  OD1 . ASP B 1 53 ? -0.113  -13.195 15.091  1.00 55.29 ? 52  ASP B OD1 1 
ATOM   1176 O  OD2 . ASP B 1 53 ? -1.614  -12.615 16.605  1.00 65.46 ? 52  ASP B OD2 1 
ATOM   1177 N  N   . ARG B 1 54 ? -2.044  -9.923  11.510  1.00 46.94 ? 53  ARG B N   1 
ATOM   1178 C  CA  . ARG B 1 54 ? -2.783  -9.504  10.324  1.00 48.02 ? 53  ARG B CA  1 
ATOM   1179 C  C   . ARG B 1 54 ? -2.093  -9.985  9.065   1.00 42.95 ? 53  ARG B C   1 
ATOM   1180 O  O   . ARG B 1 54 ? -2.726  -10.319 8.071   1.00 42.89 ? 53  ARG B O   1 
ATOM   1181 C  CB  . ARG B 1 54 ? -2.935  -7.974  10.271  1.00 49.15 ? 53  ARG B CB  1 
ATOM   1182 C  CG  . ARG B 1 54 ? -4.028  -7.452  11.164  1.00 53.02 ? 53  ARG B CG  1 
ATOM   1183 C  CD  . ARG B 1 54 ? -4.481  -6.072  10.741  1.00 51.37 ? 53  ARG B CD  1 
ATOM   1184 N  NE  . ARG B 1 54 ? -3.414  -5.119  10.964  1.00 51.59 ? 53  ARG B NE  1 
ATOM   1185 C  CZ  . ARG B 1 54 ? -3.156  -4.525  12.135  1.00 55.64 ? 53  ARG B CZ  1 
ATOM   1186 N  NH1 . ARG B 1 54 ? -3.907  -4.779  13.208  1.00 49.95 ? 53  ARG B NH1 1 
ATOM   1187 N  NH2 . ARG B 1 54 ? -2.151  -3.642  12.228  1.00 46.45 ? 53  ARG B NH2 1 
ATOM   1188 N  N   . LEU B 1 55 ? -0.781  -9.968  9.086   1.00 40.20 ? 54  LEU B N   1 
ATOM   1189 C  CA  . LEU B 1 55 ? -0.030  -10.378 7.928   1.00 42.88 ? 54  LEU B CA  1 
ATOM   1190 C  C   . LEU B 1 55 ? -0.167  -11.893 7.723   1.00 43.46 ? 54  LEU B C   1 
ATOM   1191 O  O   . LEU B 1 55 ? -0.123  -12.369 6.598   1.00 41.51 ? 54  LEU B O   1 
ATOM   1192 C  CB  . LEU B 1 55 ? 1.439   -9.986  8.102   1.00 46.19 ? 54  LEU B CB  1 
ATOM   1193 C  CG  . LEU B 1 55 ? 1.806   -8.506  8.128   1.00 41.26 ? 54  LEU B CG  1 
ATOM   1194 C  CD1 . LEU B 1 55 ? 3.248   -8.327  8.559   1.00 44.87 ? 54  LEU B CD1 1 
ATOM   1195 C  CD2 . LEU B 1 55 ? 1.527   -7.876  6.755   1.00 39.77 ? 54  LEU B CD2 1 
ATOM   1196 N  N   . ILE B 1 56 ? -0.316  -12.630 8.827   1.00 44.28 ? 55  ILE B N   1 
ATOM   1197 C  CA  . ILE B 1 56 ? -0.502  -14.090 8.800   1.00 43.68 ? 55  ILE B CA  1 
ATOM   1198 C  C   . ILE B 1 56 ? -1.891  -14.396 8.255   1.00 46.86 ? 55  ILE B C   1 
ATOM   1199 O  O   . ILE B 1 56 ? -2.029  -15.141 7.282   1.00 49.28 ? 55  ILE B O   1 
ATOM   1200 C  CB  . ILE B 1 56 ? -0.319  -14.751 10.194  1.00 42.24 ? 55  ILE B CB  1 
ATOM   1201 C  CG1 . ILE B 1 56 ? 1.128   -14.632 10.688  1.00 45.52 ? 55  ILE B CG1 1 
ATOM   1202 C  CG2 . ILE B 1 56 ? -0.730  -16.276 10.137  1.00 44.38 ? 55  ILE B CG2 1 
ATOM   1203 C  CD1 . ILE B 1 56 ? 1.366   -15.122 12.160  1.00 40.73 ? 55  ILE B CD1 1 
ATOM   1204 N  N   . ARG B 1 57 ? -2.917  -13.772 8.837   1.00 48.93 ? 56  ARG B N   1 
ATOM   1205 C  CA  . ARG B 1 57 ? -4.289  -13.889 8.333   1.00 49.75 ? 56  ARG B CA  1 
ATOM   1206 C  C   . ARG B 1 57 ? -4.523  -13.484 6.870   1.00 48.05 ? 56  ARG B C   1 
ATOM   1207 O  O   . ARG B 1 57 ? -5.451  -13.981 6.239   1.00 49.63 ? 56  ARG B O   1 
ATOM   1208 C  CB  . ARG B 1 57 ? -5.270  -13.099 9.214   1.00 52.70 ? 56  ARG B CB  1 
ATOM   1209 C  CG  . ARG B 1 57 ? -5.342  -13.584 10.644  1.00 55.42 ? 56  ARG B CG  1 
ATOM   1210 C  CD  . ARG B 1 57 ? -6.608  -13.149 11.321  1.00 64.07 ? 56  ARG B CD  1 
ATOM   1211 N  NE  . ARG B 1 57 ? -6.935  -11.741 11.082  1.00 68.67 ? 56  ARG B NE  1 
ATOM   1212 C  CZ  . ARG B 1 57 ? -6.501  -10.713 11.811  1.00 65.99 ? 56  ARG B CZ  1 
ATOM   1213 N  NH1 . ARG B 1 57 ? -5.673  -10.885 12.847  1.00 65.91 ? 56  ARG B NH1 1 
ATOM   1214 N  NH2 . ARG B 1 57 ? -6.905  -9.497  11.486  1.00 66.19 ? 56  ARG B NH2 1 
ATOM   1215 N  N   . ALA B 1 58 ? -3.729  -12.565 6.347   1.00 42.70 ? 57  ALA B N   1 
ATOM   1216 C  CA  . ALA B 1 58 ? -3.763  -12.216 4.918   1.00 42.06 ? 57  ALA B CA  1 
ATOM   1217 C  C   . ALA B 1 58 ? -2.948  -13.219 4.031   1.00 44.35 ? 57  ALA B C   1 
ATOM   1218 O  O   . ALA B 1 58 ? -2.877  -13.035 2.824   1.00 42.62 ? 57  ALA B O   1 
ATOM   1219 C  CB  . ALA B 1 58 ? -3.228  -10.797 4.702   1.00 35.45 ? 57  ALA B CB  1 
ATOM   1220 N  N   . GLY B 1 59 ? -2.290  -14.215 4.635   1.00 43.12 ? 58  GLY B N   1 
ATOM   1221 C  CA  . GLY B 1 59 ? -1.545  -15.193 3.868   1.00 44.31 ? 58  GLY B CA  1 
ATOM   1222 C  C   . GLY B 1 59 ? -0.274  -14.624 3.275   1.00 44.61 ? 58  GLY B C   1 
ATOM   1223 O  O   . GLY B 1 59 ? 0.180   -15.064 2.239   1.00 41.41 ? 58  GLY B O   1 
ATOM   1224 N  N   . LEU B 1 60 ? 0.322   -13.632 3.923   1.00 45.39 ? 59  LEU B N   1 
ATOM   1225 C  CA  . LEU B 1 60 ? 1.492   -13.013 3.327   1.00 44.57 ? 59  LEU B CA  1 
ATOM   1226 C  C   . LEU B 1 60 ? 2.757   -13.559 3.965   1.00 46.28 ? 59  LEU B C   1 
ATOM   1227 O  O   . LEU B 1 60 ? 3.807   -13.562 3.329   1.00 45.54 ? 59  LEU B O   1 
ATOM   1228 C  CB  . LEU B 1 60 ? 1.410   -11.481 3.400   1.00 44.50 ? 59  LEU B CB  1 
ATOM   1229 C  CG  . LEU B 1 60 ? 0.260   -10.789 2.640   1.00 45.04 ? 59  LEU B CG  1 
ATOM   1230 C  CD1 . LEU B 1 60 ? 0.237   -9.302  3.021   1.00 40.92 ? 59  LEU B CD1 1 
ATOM   1231 C  CD2 . LEU B 1 60 ? 0.316   -10.955 1.117   1.00 44.46 ? 59  LEU B CD2 1 
ATOM   1232 N  N   . VAL B 1 61 ? 2.635   -14.020 5.215   1.00 46.03 ? 60  VAL B N   1 
ATOM   1233 C  CA  . VAL B 1 61 ? 3.738   -14.557 5.988   1.00 46.17 ? 60  VAL B CA  1 
ATOM   1234 C  C   . VAL B 1 61 ? 3.237   -15.738 6.820   1.00 46.50 ? 60  VAL B C   1 
ATOM   1235 O  O   . VAL B 1 61 ? 2.050   -15.926 7.005   1.00 44.50 ? 60  VAL B O   1 
ATOM   1236 C  CB  . VAL B 1 61 ? 4.400   -13.537 6.950   1.00 47.84 ? 60  VAL B CB  1 
ATOM   1237 C  CG1 . VAL B 1 61 ? 4.733   -12.248 6.239   1.00 38.87 ? 60  VAL B CG1 1 
ATOM   1238 C  CG2 . VAL B 1 61 ? 3.513   -13.236 8.185   1.00 47.27 ? 60  VAL B CG2 1 
ATOM   1239 N  N   . LYS B 1 62 ? 4.188   -16.535 7.279   1.00 47.46 ? 61  LYS B N   1 
ATOM   1240 C  CA  . LYS B 1 62 ? 3.953   -17.636 8.198   1.00 47.54 ? 61  LYS B CA  1 
ATOM   1241 C  C   . LYS B 1 62 ? 4.915   -17.401 9.339   1.00 42.93 ? 61  LYS B C   1 
ATOM   1242 O  O   . LYS B 1 62 ? 6.068   -17.147 9.068   1.00 42.26 ? 61  LYS B O   1 
ATOM   1243 C  CB  . LYS B 1 62 ? 4.282   -18.976 7.509   1.00 48.62 ? 61  LYS B CB  1 
ATOM   1244 C  CG  . LYS B 1 62 ? 3.104   -19.648 6.858   1.00 60.50 ? 61  LYS B CG  1 
ATOM   1245 C  CD  . LYS B 1 62 ? 3.473   -20.406 5.570   1.00 69.96 ? 61  LYS B CD  1 
ATOM   1246 C  CE  . LYS B 1 62 ? 2.207   -20.900 4.806   1.00 65.29 ? 61  LYS B CE  1 
ATOM   1247 N  NZ  . LYS B 1 62 ? 2.458   -21.095 3.326   1.00 63.68 ? 61  LYS B NZ  1 
ATOM   1248 N  N   . GLU B 1 63 ? 4.454   -17.486 10.589  1.00 43.04 ? 62  GLU B N   1 
ATOM   1249 C  CA  . GLU B 1 63 ? 5.333   -17.494 11.754  1.00 44.66 ? 62  GLU B CA  1 
ATOM   1250 C  C   . GLU B 1 63 ? 5.887   -18.874 12.058  1.00 46.81 ? 62  GLU B C   1 
ATOM   1251 O  O   . GLU B 1 63 ? 5.143   -19.851 12.132  1.00 45.71 ? 62  GLU B O   1 
ATOM   1252 C  CB  . GLU B 1 63 ? 4.610   -16.992 13.000  1.00 46.17 ? 62  GLU B CB  1 
ATOM   1253 C  CG  . GLU B 1 63 ? 5.558   -16.845 14.240  1.00 46.99 ? 62  GLU B CG  1 
ATOM   1254 C  CD  . GLU B 1 63 ? 4.932   -16.115 15.430  1.00 42.95 ? 62  GLU B CD  1 
ATOM   1255 O  OE1 . GLU B 1 63 ? 3.735   -15.787 15.400  1.00 51.91 ? 62  GLU B OE1 1 
ATOM   1256 O  OE2 . GLU B 1 63 ? 5.658   -15.867 16.411  1.00 53.14 ? 62  GLU B OE2 1 
ATOM   1257 N  N   . GLU B 1 64 ? 7.193   -18.966 12.285  1.00 47.64 ? 63  GLU B N   1 
ATOM   1258 C  CA  . GLU B 1 64 ? 7.810   -20.256 12.655  1.00 48.34 ? 63  GLU B CA  1 
ATOM   1259 C  C   . GLU B 1 64 ? 8.740   -20.140 13.860  1.00 46.09 ? 63  GLU B C   1 
ATOM   1260 O  O   . GLU B 1 64 ? 9.381   -19.134 14.022  1.00 45.27 ? 63  GLU B O   1 
ATOM   1261 C  CB  . GLU B 1 64 ? 8.624   -20.844 11.499  1.00 47.17 ? 63  GLU B CB  1 
ATOM   1262 C  CG  . GLU B 1 64 ? 7.865   -20.921 10.215  1.00 55.76 ? 63  GLU B CG  1 
ATOM   1263 C  CD  . GLU B 1 64 ? 8.566   -21.734 9.138   1.00 54.25 ? 63  GLU B CD  1 
ATOM   1264 O  OE1 . GLU B 1 64 ? 9.829   -21.761 9.077   1.00 52.44 ? 63  GLU B OE1 1 
ATOM   1265 O  OE2 . GLU B 1 64 ? 7.818   -22.337 8.348   1.00 60.91 ? 63  GLU B OE2 1 
ATOM   1266 N  N   . THR B 1 65 ? 8.798   -21.184 14.686  1.00 43.60 ? 64  THR B N   1 
ATOM   1267 C  CA  . THR B 1 65 ? 9.847   -21.311 15.670  1.00 44.06 ? 64  THR B CA  1 
ATOM   1268 C  C   . THR B 1 65 ? 11.115  -21.744 14.949  1.00 43.55 ? 64  THR B C   1 
ATOM   1269 O  O   . THR B 1 65 ? 11.176  -22.841 14.362  1.00 42.71 ? 64  THR B O   1 
ATOM   1270 C  CB  . THR B 1 65 ? 9.499   -22.315 16.757  1.00 44.63 ? 64  THR B CB  1 
ATOM   1271 O  OG1 . THR B 1 65 ? 8.126   -22.149 17.105  1.00 50.11 ? 64  THR B OG1 1 
ATOM   1272 C  CG2 . THR B 1 65 ? 10.368  -22.119 18.016  1.00 45.88 ? 64  THR B CG2 1 
ATOM   1273 N  N   . LEU B 1 66 ? 12.119  -20.859 14.995  1.00 41.41 ? 65  LEU B N   1 
ATOM   1274 C  CA  . LEU B 1 66 ? 13.408  -21.076 14.381  1.00 41.13 ? 65  LEU B CA  1 
ATOM   1275 C  C   . LEU B 1 66 ? 14.357  -21.915 15.279  1.00 40.43 ? 65  LEU B C   1 
ATOM   1276 O  O   . LEU B 1 66 ? 15.036  -22.821 14.793  1.00 38.67 ? 65  LEU B O   1 
ATOM   1277 C  CB  . LEU B 1 66 ? 13.990  -19.711 14.086  1.00 45.19 ? 65  LEU B CB  1 
ATOM   1278 C  CG  . LEU B 1 66 ? 15.329  -19.631 13.368  1.00 45.52 ? 65  LEU B CG  1 
ATOM   1279 C  CD1 . LEU B 1 66 ? 15.324  -20.508 12.120  1.00 40.56 ? 65  LEU B CD1 1 
ATOM   1280 C  CD2 . LEU B 1 66 ? 15.477  -18.149 13.052  1.00 43.66 ? 65  LEU B CD2 1 
ATOM   1281 N  N   . SER B 1 67 ? 14.325  -21.625 16.590  1.00 39.75 ? 66  SER B N   1 
ATOM   1282 C  CA  . SER B 1 67 ? 15.020  -22.350 17.628  1.00 39.92 ? 66  SER B CA  1 
ATOM   1283 C  C   . SER B 1 67 ? 14.276  -22.252 18.968  1.00 41.01 ? 66  SER B C   1 
ATOM   1284 O  O   . SER B 1 67 ? 13.220  -21.650 19.043  1.00 44.26 ? 66  SER B O   1 
ATOM   1285 C  CB  . SER B 1 67 ? 16.442  -21.844 17.786  1.00 39.74 ? 66  SER B CB  1 
ATOM   1286 O  OG  . SER B 1 67 ? 16.413  -20.569 18.410  1.00 39.33 ? 66  SER B OG  1 
ATOM   1287 N  N   . TYR B 1 68 ? 14.805  -22.900 20.006  1.00 39.97 ? 67  TYR B N   1 
ATOM   1288 C  CA  . TYR B 1 68 ? 14.287  -22.748 21.393  1.00 42.95 ? 67  TYR B CA  1 
ATOM   1289 C  C   . TYR B 1 68 ? 14.305  -21.269 21.835  1.00 44.02 ? 67  TYR B C   1 
ATOM   1290 O  O   . TYR B 1 68 ? 13.579  -20.853 22.716  1.00 47.14 ? 67  TYR B O   1 
ATOM   1291 C  CB  . TYR B 1 68 ? 15.102  -23.606 22.385  1.00 40.55 ? 67  TYR B CB  1 
ATOM   1292 C  CG  . TYR B 1 68 ? 16.523  -23.097 22.589  1.00 51.87 ? 67  TYR B CG  1 
ATOM   1293 C  CD1 . TYR B 1 68 ? 17.529  -23.375 21.646  1.00 57.09 ? 67  TYR B CD1 1 
ATOM   1294 C  CD2 . TYR B 1 68 ? 16.868  -22.315 23.719  1.00 56.03 ? 67  TYR B CD2 1 
ATOM   1295 C  CE1 . TYR B 1 68 ? 18.803  -22.887 21.788  1.00 52.72 ? 67  TYR B CE1 1 
ATOM   1296 C  CE2 . TYR B 1 68 ? 18.160  -21.820 23.886  1.00 54.69 ? 67  TYR B CE2 1 
ATOM   1297 C  CZ  . TYR B 1 68 ? 19.134  -22.120 22.911  1.00 61.58 ? 67  TYR B CZ  1 
ATOM   1298 O  OH  . TYR B 1 68 ? 20.439  -21.674 23.036  1.00 58.44 ? 67  TYR B OH  1 
ATOM   1299 N  N   . ARG B 1 69 ? 15.094  -20.468 21.146  1.00 42.49 ? 68  ARG B N   1 
ATOM   1300 C  CA  . ARG B 1 69 ? 15.415  -19.125 21.562  1.00 43.45 ? 68  ARG B CA  1 
ATOM   1301 C  C   . ARG B 1 69 ? 14.586  -18.058 20.877  1.00 44.33 ? 68  ARG B C   1 
ATOM   1302 O  O   . ARG B 1 69 ? 14.204  -17.078 21.512  1.00 45.83 ? 68  ARG B O   1 
ATOM   1303 C  CB  . ARG B 1 69 ? 16.876  -18.905 21.220  1.00 41.10 ? 68  ARG B CB  1 
ATOM   1304 C  CG  . ARG B 1 69 ? 17.511  -17.783 21.892  1.00 53.50 ? 68  ARG B CG  1 
ATOM   1305 C  CD  . ARG B 1 69 ? 18.294  -18.171 23.109  1.00 51.89 ? 68  ARG B CD  1 
ATOM   1306 N  NE  . ARG B 1 69 ? 18.953  -16.944 23.567  1.00 52.12 ? 68  ARG B NE  1 
ATOM   1307 C  CZ  . ARG B 1 69 ? 19.090  -16.538 24.831  1.00 57.56 ? 68  ARG B CZ  1 
ATOM   1308 N  NH1 . ARG B 1 69 ? 18.611  -17.232 25.857  1.00 55.85 ? 68  ARG B NH1 1 
ATOM   1309 N  NH2 . ARG B 1 69 ? 19.732  -15.411 25.064  1.00 54.01 ? 68  ARG B NH2 1 
ATOM   1310 N  N   . VAL B 1 70 ? 14.384  -18.207 19.560  1.00 46.06 ? 69  VAL B N   1 
ATOM   1311 C  CA  . VAL B 1 70 ? 13.800  -17.153 18.729  1.00 45.22 ? 69  VAL B CA  1 
ATOM   1312 C  C   . VAL B 1 70 ? 12.767  -17.720 17.745  1.00 45.41 ? 69  VAL B C   1 
ATOM   1313 O  O   . VAL B 1 70 ? 12.803  -18.920 17.369  1.00 45.07 ? 69  VAL B O   1 
ATOM   1314 C  CB  . VAL B 1 70 ? 14.875  -16.380 17.871  1.00 48.88 ? 69  VAL B CB  1 
ATOM   1315 C  CG1 . VAL B 1 70 ? 15.928  -15.638 18.746  1.00 43.48 ? 69  VAL B CG1 1 
ATOM   1316 C  CG2 . VAL B 1 70 ? 15.535  -17.284 16.870  1.00 46.96 ? 69  VAL B CG2 1 
ATOM   1317 N  N   . LYS B 1 71 ? 11.893  -16.819 17.308  1.00 46.82 ? 70  LYS B N   1 
ATOM   1318 C  CA  . LYS B 1 71 ? 10.946  -17.063 16.218  1.00 50.25 ? 70  LYS B CA  1 
ATOM   1319 C  C   . LYS B 1 71 ? 11.303  -16.164 15.068  1.00 47.43 ? 70  LYS B C   1 
ATOM   1320 O  O   . LYS B 1 71 ? 12.098  -15.271 15.232  1.00 44.96 ? 70  LYS B O   1 
ATOM   1321 C  CB  . LYS B 1 71 ? 9.501   -16.830 16.638  1.00 48.66 ? 70  LYS B CB  1 
ATOM   1322 C  CG  . LYS B 1 71 ? 8.835   -18.102 17.142  1.00 55.38 ? 70  LYS B CG  1 
ATOM   1323 C  CD  . LYS B 1 71 ? 8.055   -17.861 18.342  1.00 45.80 ? 70  LYS B CD  1 
ATOM   1324 C  CE  . LYS B 1 71 ? 7.348   -19.112 18.896  1.00 50.15 ? 70  LYS B CE  1 
ATOM   1325 N  NZ  . LYS B 1 71 ? 5.893   -19.201 18.505  1.00 58.12 ? 70  LYS B NZ  1 
ATOM   1326 N  N   . THR B 1 72 ? 10.742  -16.476 13.911  1.00 46.39 ? 71  THR B N   1 
ATOM   1327 C  CA  . THR B 1 72 ? 10.931  -15.733 12.684  1.00 46.82 ? 71  THR B CA  1 
ATOM   1328 C  C   . THR B 1 72 ? 9.601   -15.706 11.937  1.00 46.85 ? 71  THR B C   1 
ATOM   1329 O  O   . THR B 1 72 ? 8.614   -16.364 12.341  1.00 39.70 ? 71  THR B O   1 
ATOM   1330 C  CB  . THR B 1 72 ? 12.040  -16.378 11.800  1.00 49.92 ? 71  THR B CB  1 
ATOM   1331 O  OG1 . THR B 1 72 ? 12.429  -15.451 10.780  1.00 45.68 ? 71  THR B OG1 1 
ATOM   1332 C  CG2 . THR B 1 72 ? 11.599  -17.750 11.156  1.00 43.12 ? 71  THR B CG2 1 
ATOM   1333 N  N   . LEU B 1 73 ? 9.572   -14.913 10.873  1.00 49.22 ? 72  LEU B N   1 
ATOM   1334 C  CA  . LEU B 1 73 ? 8.464   -14.933 9.895   1.00 46.86 ? 72  LEU B CA  1 
ATOM   1335 C  C   . LEU B 1 73 ? 9.058   -15.272 8.550   1.00 48.71 ? 72  LEU B C   1 
ATOM   1336 O  O   . LEU B 1 73 ? 10.120  -14.735 8.183   1.00 46.47 ? 72  LEU B O   1 
ATOM   1337 C  CB  . LEU B 1 73 ? 7.751   -13.598 9.740   1.00 45.47 ? 72  LEU B CB  1 
ATOM   1338 C  CG  . LEU B 1 73 ? 7.052   -12.921 10.883  1.00 42.61 ? 72  LEU B CG  1 
ATOM   1339 C  CD1 . LEU B 1 73 ? 6.570   -11.546 10.368  1.00 42.67 ? 72  LEU B CD1 1 
ATOM   1340 C  CD2 . LEU B 1 73 ? 5.924   -13.740 11.554  1.00 34.72 ? 72  LEU B CD2 1 
ATOM   1341 N  N   . LYS B 1 74 ? 8.379   -16.185 7.841   1.00 47.95 ? 73  LYS B N   1 
ATOM   1342 C  CA  . LYS B 1 74 ? 8.719   -16.566 6.485   1.00 50.29 ? 73  LYS B CA  1 
ATOM   1343 C  C   . LYS B 1 74 ? 7.664   -15.993 5.520   1.00 47.60 ? 73  LYS B C   1 
ATOM   1344 O  O   . LYS B 1 74 ? 6.471   -16.031 5.806   1.00 44.55 ? 73  LYS B O   1 
ATOM   1345 C  CB  . LYS B 1 74 ? 8.771   -18.121 6.327   1.00 51.48 ? 73  LYS B CB  1 
ATOM   1346 C  CG  . LYS B 1 74 ? 9.949   -18.834 6.999   1.00 57.23 ? 73  LYS B CG  1 
ATOM   1347 C  CD  . LYS B 1 74 ? 11.293  -18.540 6.322   1.00 64.51 ? 73  LYS B CD  1 
ATOM   1348 C  CE  . LYS B 1 74 ? 12.334  -19.681 6.490   1.00 66.47 ? 73  LYS B CE  1 
ATOM   1349 N  NZ  . LYS B 1 74 ? 12.957  -19.762 7.882   1.00 68.69 ? 73  LYS B NZ  1 
ATOM   1350 N  N   . LEU B 1 75 ? 8.118   -15.479 4.380   1.00 48.62 ? 74  LEU B N   1 
ATOM   1351 C  CA  . LEU B 1 75 ? 7.211   -15.041 3.290   1.00 45.86 ? 74  LEU B CA  1 
ATOM   1352 C  C   . LEU B 1 75 ? 6.581   -16.245 2.621   1.00 45.72 ? 74  LEU B C   1 
ATOM   1353 O  O   . LEU B 1 75 ? 7.277   -17.223 2.322   1.00 47.47 ? 74  LEU B O   1 
ATOM   1354 C  CB  . LEU B 1 75 ? 7.968   -14.263 2.197   1.00 43.48 ? 74  LEU B CB  1 
ATOM   1355 C  CG  . LEU B 1 75 ? 8.408   -12.817 2.373   1.00 40.22 ? 74  LEU B CG  1 
ATOM   1356 C  CD1 . LEU B 1 75 ? 9.256   -12.375 1.158   1.00 42.61 ? 74  LEU B CD1 1 
ATOM   1357 C  CD2 . LEU B 1 75 ? 7.190   -11.922 2.563   1.00 35.31 ? 74  LEU B CD2 1 
ATOM   1358 N  N   . THR B 1 76 ? 5.276   -16.164 2.334   1.00 44.42 ? 75  THR B N   1 
ATOM   1359 C  CA  . THR B 1 76 ? 4.631   -17.181 1.529   1.00 44.62 ? 75  THR B CA  1 
ATOM   1360 C  C   . THR B 1 76 ? 4.944   -16.738 0.092   1.00 45.09 ? 75  THR B C   1 
ATOM   1361 O  O   . THR B 1 76 ? 5.609   -15.724 -0.095  1.00 44.39 ? 75  THR B O   1 
ATOM   1362 C  CB  . THR B 1 76 ? 3.104   -17.289 1.831   1.00 44.28 ? 75  THR B CB  1 
ATOM   1363 O  OG1 . THR B 1 76 ? 2.437   -16.083 1.437   1.00 42.61 ? 75  THR B OG1 1 
ATOM   1364 C  CG2 . THR B 1 76 ? 2.856   -17.527 3.321   1.00 40.16 ? 75  THR B CG2 1 
ATOM   1365 N  N   . GLU B 1 77 ? 4.513   -17.490 -0.904  1.00 45.42 ? 76  GLU B N   1 
ATOM   1366 C  CA  . GLU B 1 77 ? 4.762   -17.115 -2.310  1.00 48.89 ? 76  GLU B CA  1 
ATOM   1367 C  C   . GLU B 1 77 ? 3.945   -15.875 -2.708  1.00 47.57 ? 76  GLU B C   1 
ATOM   1368 O  O   . GLU B 1 77 ? 4.452   -15.002 -3.406  1.00 48.17 ? 76  GLU B O   1 
ATOM   1369 C  CB  . GLU B 1 77 ? 4.482   -18.294 -3.246  1.00 49.39 ? 76  GLU B CB  1 
ATOM   1370 C  CG  . GLU B 1 77 ? 4.343   -17.941 -4.754  1.00 59.53 ? 76  GLU B CG  1 
ATOM   1371 C  CD  . GLU B 1 77 ? 5.672   -17.824 -5.528  1.00 65.40 ? 76  GLU B CD  1 
ATOM   1372 O  OE1 . GLU B 1 77 ? 6.757   -17.809 -4.903  1.00 54.05 ? 76  GLU B OE1 1 
ATOM   1373 O  OE2 . GLU B 1 77 ? 5.602   -17.742 -6.785  1.00 64.59 ? 76  GLU B OE2 1 
ATOM   1374 N  N   . LYS B 1 78 ? 2.703   -15.776 -2.247  1.00 46.89 ? 77  LYS B N   1 
ATOM   1375 C  CA  . LYS B 1 78 ? 1.964   -14.520 -2.397  1.00 46.24 ? 77  LYS B CA  1 
ATOM   1376 C  C   . LYS B 1 78 ? 2.717   -13.360 -1.785  1.00 46.44 ? 77  LYS B C   1 
ATOM   1377 O  O   . LYS B 1 78 ? 2.920   -12.346 -2.430  1.00 47.64 ? 77  LYS B O   1 
ATOM   1378 C  CB  . LYS B 1 78 ? 0.583   -14.568 -1.748  1.00 46.68 ? 77  LYS B CB  1 
ATOM   1379 C  CG  . LYS B 1 78 ? -0.182  -13.241 -1.966  1.00 50.24 ? 77  LYS B CG  1 
ATOM   1380 C  CD  . LYS B 1 78 ? -1.679  -13.366 -1.820  1.00 52.20 ? 77  LYS B CD  1 
ATOM   1381 C  CE  . LYS B 1 78 ? -2.096  -13.603 -0.383  1.00 53.92 ? 77  LYS B CE  1 
ATOM   1382 N  NZ  . LYS B 1 78 ? -3.425  -12.995 -0.130  1.00 49.55 ? 77  LYS B NZ  1 
ATOM   1383 N  N   . GLY B 1 79 ? 3.111   -13.516 -0.523  1.00 47.05 ? 78  GLY B N   1 
ATOM   1384 C  CA  . GLY B 1 79 ? 3.886   -12.514 0.202   1.00 44.53 ? 78  GLY B CA  1 
ATOM   1385 C  C   . GLY B 1 79 ? 5.136   -12.131 -0.538  1.00 43.69 ? 78  GLY B C   1 
ATOM   1386 O  O   . GLY B 1 79 ? 5.493   -10.944 -0.603  1.00 45.97 ? 78  GLY B O   1 
ATOM   1387 N  N   . ARG B 1 80 ? 5.800   -13.137 -1.103  1.00 43.09 ? 79  ARG B N   1 
ATOM   1388 C  CA  . ARG B 1 80 ? 7.036   -12.935 -1.868  1.00 46.32 ? 79  ARG B CA  1 
ATOM   1389 C  C   . ARG B 1 80 ? 6.845   -12.110 -3.148  1.00 44.68 ? 79  ARG B C   1 
ATOM   1390 O  O   . ARG B 1 80 ? 7.655   -11.225 -3.451  1.00 44.72 ? 79  ARG B O   1 
ATOM   1391 C  CB  . ARG B 1 80 ? 7.677   -14.286 -2.181  1.00 45.67 ? 79  ARG B CB  1 
ATOM   1392 C  CG  . ARG B 1 80 ? 8.965   -14.230 -2.984  1.00 52.16 ? 79  ARG B CG  1 
ATOM   1393 C  CD  . ARG B 1 80 ? 9.601   -15.620 -3.107  1.00 50.99 ? 79  ARG B CD  1 
ATOM   1394 N  NE  . ARG B 1 80 ? 9.782   -16.249 -1.786  1.00 53.31 ? 79  ARG B NE  1 
ATOM   1395 C  CZ  . ARG B 1 80 ? 9.220   -17.394 -1.366  1.00 58.44 ? 79  ARG B CZ  1 
ATOM   1396 N  NH1 . ARG B 1 80 ? 8.406   -18.119 -2.137  1.00 61.91 ? 79  ARG B NH1 1 
ATOM   1397 N  NH2 . ARG B 1 80 ? 9.481   -17.823 -0.135  1.00 62.49 ? 79  ARG B NH2 1 
ATOM   1398 N  N   . ARG B 1 81 ? 5.804   -12.421 -3.916  1.00 46.38 ? 80  ARG B N   1 
ATOM   1399 C  CA  . ARG B 1 81 ? 5.508   -11.671 -5.148  1.00 45.91 ? 80  ARG B CA  1 
ATOM   1400 C  C   . ARG B 1 81 ? 5.143   -10.223 -4.816  1.00 46.01 ? 80  ARG B C   1 
ATOM   1401 O  O   . ARG B 1 81 ? 5.670   -9.306  -5.416  1.00 50.06 ? 80  ARG B O   1 
ATOM   1402 C  CB  . ARG B 1 81 ? 4.426   -12.371 -5.978  1.00 45.18 ? 80  ARG B CB  1 
ATOM   1403 C  CG  . ARG B 1 81 ? 4.987   -13.572 -6.725  1.00 50.14 ? 80  ARG B CG  1 
ATOM   1404 C  CD  . ARG B 1 81 ? 3.932   -14.629 -7.059  1.00 59.98 ? 80  ARG B CD  1 
ATOM   1405 N  NE  . ARG B 1 81 ? 3.064   -14.272 -8.195  1.00 61.12 ? 80  ARG B NE  1 
ATOM   1406 C  CZ  . ARG B 1 81 ? 1.731   -14.145 -8.151  1.00 67.33 ? 80  ARG B CZ  1 
ATOM   1407 N  NH1 . ARG B 1 81 ? 1.058   -14.328 -7.004  1.00 73.24 ? 80  ARG B NH1 1 
ATOM   1408 N  NH2 . ARG B 1 81 ? 1.054   -13.825 -9.260  1.00 55.32 ? 80  ARG B NH2 1 
ATOM   1409 N  N   . LEU B 1 82 ? 4.314   -10.016 -3.799  1.00 44.21 ? 81  LEU B N   1 
ATOM   1410 C  CA  . LEU B 1 82 ? 3.940   -8.661  -3.389  1.00 45.52 ? 81  LEU B CA  1 
ATOM   1411 C  C   . LEU B 1 82 ? 5.123   -7.837  -2.840  1.00 47.16 ? 81  LEU B C   1 
ATOM   1412 O  O   . LEU B 1 82 ? 5.164   -6.615  -3.027  1.00 48.64 ? 81  LEU B O   1 
ATOM   1413 C  CB  . LEU B 1 82 ? 2.817   -8.723  -2.348  1.00 43.88 ? 81  LEU B CB  1 
ATOM   1414 C  CG  . LEU B 1 82 ? 2.026   -7.458  -2.116  1.00 46.83 ? 81  LEU B CG  1 
ATOM   1415 C  CD1 . LEU B 1 82 ? 1.194   -7.077  -3.388  1.00 42.36 ? 81  LEU B CD1 1 
ATOM   1416 C  CD2 . LEU B 1 82 ? 1.116   -7.636  -0.840  1.00 40.62 ? 81  LEU B CD2 1 
ATOM   1417 N  N   . ALA B 1 83 ? 6.054   -8.495  -2.147  1.00 46.54 ? 82  ALA B N   1 
ATOM   1418 C  CA  . ALA B 1 83 ? 7.250   -7.829  -1.649  1.00 46.94 ? 82  ALA B CA  1 
ATOM   1419 C  C   . ALA B 1 83 ? 8.036   -7.209  -2.777  1.00 48.47 ? 82  ALA B C   1 
ATOM   1420 O  O   . ALA B 1 83 ? 8.503   -6.089  -2.638  1.00 46.83 ? 82  ALA B O   1 
ATOM   1421 C  CB  . ALA B 1 83 ? 8.131   -8.768  -0.888  1.00 42.26 ? 82  ALA B CB  1 
ATOM   1422 N  N   . GLU B 1 84 ? 8.196   -7.956  -3.874  1.00 50.76 ? 83  GLU B N   1 
ATOM   1423 C  CA  . GLU B 1 84 ? 8.908   -7.477  -5.073  1.00 52.78 ? 83  GLU B CA  1 
ATOM   1424 C  C   . GLU B 1 84 ? 8.272   -6.219  -5.683  1.00 53.60 ? 83  GLU B C   1 
ATOM   1425 O  O   . GLU B 1 84 ? 8.977   -5.311  -6.112  1.00 53.95 ? 83  GLU B O   1 
ATOM   1426 C  CB  . GLU B 1 84 ? 8.987   -8.587  -6.141  1.00 51.21 ? 83  GLU B CB  1 
ATOM   1427 C  CG  . GLU B 1 84 ? 9.894   -9.752  -5.765  1.00 58.21 ? 83  GLU B CG  1 
ATOM   1428 C  CD  . GLU B 1 84 ? 11.394  -9.458  -5.948  1.00 61.46 ? 83  GLU B CD  1 
ATOM   1429 O  OE1 . GLU B 1 84 ? 11.761  -8.302  -6.257  1.00 61.23 ? 83  GLU B OE1 1 
ATOM   1430 O  OE2 . GLU B 1 84 ? 12.209  -10.398 -5.798  1.00 63.62 ? 83  GLU B OE2 1 
ATOM   1431 N  N   . CYS B 1 85 ? 6.943   -6.178  -5.724  1.00 55.49 ? 84  CYS B N   1 
ATOM   1432 C  CA  . CYS B 1 85 ? 6.219   -5.001  -6.200  1.00 55.87 ? 84  CYS B CA  1 
ATOM   1433 C  C   . CYS B 1 85 ? 6.351   -3.810  -5.229  1.00 54.42 ? 84  CYS B C   1 
ATOM   1434 O  O   . CYS B 1 85 ? 6.410   -2.660  -5.659  1.00 53.78 ? 84  CYS B O   1 
ATOM   1435 C  CB  . CYS B 1 85 ? 4.727   -5.327  -6.368  1.00 59.72 ? 84  CYS B CB  1 
ATOM   1436 S  SG  . CYS B 1 85 ? 4.330   -6.719  -7.461  1.00 58.40 ? 84  CYS B SG  1 
ATOM   1437 N  N   . LEU B 1 86 ? 6.387   -4.094  -3.931  1.00 51.02 ? 85  LEU B N   1 
ATOM   1438 C  CA  . LEU B 1 86 ? 6.490   -3.043  -2.890  1.00 51.41 ? 85  LEU B CA  1 
ATOM   1439 C  C   . LEU B 1 86 ? 7.907   -2.406  -2.803  1.00 52.36 ? 85  LEU B C   1 
ATOM   1440 O  O   . LEU B 1 86 ? 8.035   -1.244  -2.392  1.00 50.48 ? 85  LEU B O   1 
ATOM   1441 C  CB  . LEU B 1 86 ? 6.022   -3.575  -1.517  1.00 48.19 ? 85  LEU B CB  1 
ATOM   1442 C  CG  . LEU B 1 86 ? 4.521   -3.902  -1.375  1.00 49.75 ? 85  LEU B CG  1 
ATOM   1443 C  CD1 . LEU B 1 86 ? 4.214   -4.917  -0.244  1.00 43.68 ? 85  LEU B CD1 1 
ATOM   1444 C  CD2 . LEU B 1 86 ? 3.766   -2.638  -1.147  1.00 44.95 ? 85  LEU B CD2 1 
ATOM   1445 N  N   . GLU B 1 87 ? 8.948   -3.164  -3.183  1.00 51.52 ? 86  GLU B N   1 
ATOM   1446 C  CA  . GLU B 1 87 ? 10.290  -2.624  -3.381  1.00 52.45 ? 86  GLU B CA  1 
ATOM   1447 C  C   . GLU B 1 87 ? 10.291  -1.516  -4.403  1.00 51.44 ? 86  GLU B C   1 
ATOM   1448 O  O   . GLU B 1 87 ? 10.907  -0.480  -4.199  1.00 53.26 ? 86  GLU B O   1 
ATOM   1449 C  CB  . GLU B 1 87 ? 11.270  -3.689  -3.905  1.00 53.69 ? 86  GLU B CB  1 
ATOM   1450 C  CG  . GLU B 1 87 ? 11.712  -4.721  -2.923  1.00 57.09 ? 86  GLU B CG  1 
ATOM   1451 C  CD  . GLU B 1 87 ? 12.652  -4.187  -1.851  1.00 67.58 ? 86  GLU B CD  1 
ATOM   1452 O  OE1 . GLU B 1 87 ? 12.817  -2.947  -1.704  1.00 65.92 ? 86  GLU B OE1 1 
ATOM   1453 O  OE2 . GLU B 1 87 ? 13.221  -5.039  -1.138  1.00 69.37 ? 86  GLU B OE2 1 
ATOM   1454 N  N   . LYS B 1 88 ? 9.632   -1.758  -5.524  1.00 52.84 ? 87  LYS B N   1 
ATOM   1455 C  CA  . LYS B 1 88 ? 9.540   -0.776  -6.594  1.00 51.67 ? 87  LYS B CA  1 
ATOM   1456 C  C   . LYS B 1 88 ? 8.787   0.455   -6.105  1.00 52.40 ? 87  LYS B C   1 
ATOM   1457 O  O   . LYS B 1 88 ? 9.157   1.578   -6.453  1.00 54.09 ? 87  LYS B O   1 
ATOM   1458 C  CB  . LYS B 1 88 ? 8.849   -1.370  -7.830  1.00 52.43 ? 87  LYS B CB  1 
ATOM   1459 C  CG  . LYS B 1 88 ? 9.463   -2.684  -8.366  1.00 57.29 ? 87  LYS B CG  1 
ATOM   1460 C  CD  . LYS B 1 88 ? 10.763  -2.458  -9.129  1.00 66.82 ? 87  LYS B CD  1 
ATOM   1461 C  CE  . LYS B 1 88 ? 11.775  -3.578  -8.893  1.00 68.91 ? 87  LYS B CE  1 
ATOM   1462 N  NZ  . LYS B 1 88 ? 12.262  -3.624  -7.467  1.00 75.44 ? 87  LYS B NZ  1 
ATOM   1463 N  N   . CYS B 1 89 ? 7.722   0.233   -5.322  1.00 52.50 ? 88  CYS B N   1 
ATOM   1464 C  CA  . CYS B 1 89 ? 6.936   1.310   -4.700  1.00 54.58 ? 88  CYS B CA  1 
ATOM   1465 C  C   . CYS B 1 89 ? 7.807   2.185   -3.809  1.00 56.59 ? 88  CYS B C   1 
ATOM   1466 O  O   . CYS B 1 89 ? 7.599   3.405   -3.702  1.00 55.44 ? 88  CYS B O   1 
ATOM   1467 C  CB  . CYS B 1 89 ? 5.798   0.747   -3.828  1.00 53.70 ? 88  CYS B CB  1 
ATOM   1468 S  SG  . CYS B 1 89 ? 4.365   0.229   -4.754  1.00 55.55 ? 88  CYS B SG  1 
ATOM   1469 N  N   . ARG B 1 90 ? 8.765   1.536   -3.153  1.00 57.95 ? 89  ARG B N   1 
ATOM   1470 C  CA  . ARG B 1 90 ? 9.695   2.198   -2.256  1.00 58.60 ? 89  ARG B CA  1 
ATOM   1471 C  C   . ARG B 1 90 ? 10.689  3.086   -2.991  1.00 59.58 ? 89  ARG B C   1 
ATOM   1472 O  O   . ARG B 1 90 ? 11.151  4.091   -2.439  1.00 60.55 ? 89  ARG B O   1 
ATOM   1473 C  CB  . ARG B 1 90 ? 10.439  1.161   -1.423  1.00 60.54 ? 89  ARG B CB  1 
ATOM   1474 C  CG  . ARG B 1 90 ? 10.138  1.302   0.031   1.00 68.10 ? 89  ARG B CG  1 
ATOM   1475 C  CD  . ARG B 1 90 ? 10.543  0.106   0.833   1.00 76.64 ? 89  ARG B CD  1 
ATOM   1476 N  NE  . ARG B 1 90 ? 11.977  -0.132  0.861   1.00 74.89 ? 89  ARG B NE  1 
ATOM   1477 C  CZ  . ARG B 1 90 ? 12.583  -0.913  1.758   1.00 85.70 ? 89  ARG B CZ  1 
ATOM   1478 N  NH1 . ARG B 1 90 ? 11.884  -1.513  2.733   1.00 79.68 ? 89  ARG B NH1 1 
ATOM   1479 N  NH2 . ARG B 1 90 ? 13.905  -1.091  1.697   1.00 84.91 ? 89  ARG B NH2 1 
ATOM   1480 N  N   . ASP B 1 91 ? 11.028  2.710   -4.223  1.00 58.60 ? 90  ASP B N   1 
ATOM   1481 C  CA  . ASP B 1 91 ? 11.860  3.554   -5.068  1.00 60.41 ? 90  ASP B CA  1 
ATOM   1482 C  C   . ASP B 1 91 ? 11.130  4.859   -5.435  1.00 59.31 ? 90  ASP B C   1 
ATOM   1483 O  O   . ASP B 1 91 ? 11.772  5.900   -5.601  1.00 59.78 ? 90  ASP B O   1 
ATOM   1484 C  CB  . ASP B 1 91 ? 12.316  2.800   -6.331  1.00 61.27 ? 90  ASP B CB  1 
ATOM   1485 C  CG  . ASP B 1 91 ? 13.142  1.553   -6.015  1.00 62.49 ? 90  ASP B CG  1 
ATOM   1486 O  OD1 . ASP B 1 91 ? 13.689  1.443   -4.897  1.00 67.86 ? 90  ASP B OD1 1 
ATOM   1487 O  OD2 . ASP B 1 91 ? 13.253  0.680   -6.896  1.00 66.52 ? 90  ASP B OD2 1 
ATOM   1488 N  N   . VAL B 1 92 ? 9.804   4.813   -5.548  1.00 57.97 ? 91  VAL B N   1 
ATOM   1489 C  CA  . VAL B 1 92 ? 9.023   6.033   -5.772  1.00 58.56 ? 91  VAL B CA  1 
ATOM   1490 C  C   . VAL B 1 92 ? 8.978   6.958   -4.544  1.00 61.37 ? 91  VAL B C   1 
ATOM   1491 O  O   . VAL B 1 92 ? 9.016   8.185   -4.680  1.00 62.66 ? 91  VAL B O   1 
ATOM   1492 C  CB  . VAL B 1 92 ? 7.558   5.755   -6.177  1.00 57.76 ? 91  VAL B CB  1 
ATOM   1493 C  CG1 . VAL B 1 92 ? 6.879   7.084   -6.536  1.00 50.68 ? 91  VAL B CG1 1 
ATOM   1494 C  CG2 . VAL B 1 92 ? 7.485   4.766   -7.340  1.00 53.95 ? 91  VAL B CG2 1 
ATOM   1495 N  N   . LEU B 1 93 ? 8.861   6.377   -3.355  1.00 63.67 ? 92  LEU B N   1 
ATOM   1496 C  CA  . LEU B 1 93 ? 8.807   7.167   -2.118  1.00 66.59 ? 92  LEU B CA  1 
ATOM   1497 C  C   . LEU B 1 93 ? 10.241  7.474   -1.642  1.00 68.87 ? 92  LEU B C   1 
ATOM   1498 O  O   . LEU B 1 93 ? 10.817  8.489   -2.041  1.00 67.19 ? 92  LEU B O   1 
ATOM   1499 C  CB  . LEU B 1 93 ? 7.950   6.458   -1.042  1.00 65.64 ? 92  LEU B CB  1 
ATOM   1500 C  CG  . LEU B 1 93 ? 6.503   6.106   -1.439  1.00 62.71 ? 92  LEU B CG  1 
ATOM   1501 C  CD1 . LEU B 1 93 ? 5.770   5.458   -0.267  1.00 56.81 ? 92  LEU B CD1 1 
ATOM   1502 C  CD2 . LEU B 1 93 ? 5.733   7.325   -1.960  1.00 60.15 ? 92  LEU B CD2 1 
ATOM   1503 N  N   . GLY B 1 94 ? 10.826  6.585   -0.836  1.00 72.10 ? 93  GLY B N   1 
ATOM   1504 C  CA  . GLY B 1 94 ? 12.201  6.756   -0.355  1.00 74.07 ? 93  GLY B CA  1 
ATOM   1505 C  C   . GLY B 1 94 ? 12.265  7.447   0.991   1.00 75.24 ? 93  GLY B C   1 
ATOM   1506 O  O   . GLY B 1 94 ? 13.233  7.274   1.732   1.00 78.52 ? 93  GLY B O   1 
HETATM 1507 CL CL  . CL  C 2 .  ? -7.137  5.449   3.703   1.00 45.38 ? 95  CL  A CL  1 
HETATM 1508 C  C1  . EDO D 3 .  ? -17.834 15.935  -8.716  1.00 29.43 ? 96  EDO A C1  1 
HETATM 1509 O  O1  . EDO D 3 .  ? -18.015 17.315  -8.464  1.00 54.27 ? 96  EDO A O1  1 
HETATM 1510 C  C2  . EDO D 3 .  ? -18.971 15.384  -9.562  1.00 49.02 ? 96  EDO A C2  1 
HETATM 1511 O  O2  . EDO D 3 .  ? -19.144 13.975  -9.442  1.00 36.84 ? 96  EDO A O2  1 
HETATM 1512 C  C1  . EDO E 3 .  ? -20.344 13.324  -15.131 1.00 60.36 ? 97  EDO A C1  1 
HETATM 1513 O  O1  . EDO E 3 .  ? -21.089 14.273  -14.348 1.00 64.12 ? 97  EDO A O1  1 
HETATM 1514 C  C2  . EDO E 3 .  ? -20.542 11.908  -14.614 1.00 62.82 ? 97  EDO A C2  1 
HETATM 1515 O  O2  . EDO E 3 .  ? -20.109 11.853  -13.245 1.00 56.13 ? 97  EDO A O2  1 
HETATM 1516 C  C1  . EDO F 3 .  ? -14.033 1.251   0.525   1.00 55.06 ? 98  EDO A C1  1 
HETATM 1517 O  O1  . EDO F 3 .  ? -15.400 1.004   0.893   1.00 63.42 ? 98  EDO A O1  1 
HETATM 1518 C  C2  . EDO F 3 .  ? -13.487 0.004   -0.165  1.00 59.46 ? 98  EDO A C2  1 
HETATM 1519 O  O2  . EDO F 3 .  ? -12.187 0.271   -0.720  1.00 57.51 ? 98  EDO A O2  1 
HETATM 1520 C  C1  . EDO G 3 .  ? -24.160 5.265   3.798   1.00 71.99 ? 99  EDO A C1  1 
HETATM 1521 O  O1  . EDO G 3 .  ? -25.025 4.674   4.770   1.00 58.47 ? 99  EDO A O1  1 
HETATM 1522 C  C2  . EDO G 3 .  ? -23.164 4.207   3.332   1.00 75.69 ? 99  EDO A C2  1 
HETATM 1523 O  O2  . EDO G 3 .  ? -23.612 3.657   2.093   1.00 76.49 ? 99  EDO A O2  1 
HETATM 1524 C  C1  . EDO H 3 .  ? -11.721 2.483   -15.468 1.00 62.29 ? 100 EDO A C1  1 
HETATM 1525 O  O1  . EDO H 3 .  ? -10.503 2.964   -14.886 1.00 65.46 ? 100 EDO A O1  1 
HETATM 1526 C  C2  . EDO H 3 .  ? -11.663 2.751   -16.962 1.00 59.16 ? 100 EDO A C2  1 
HETATM 1527 O  O2  . EDO H 3 .  ? -10.393 3.326   -17.313 1.00 62.43 ? 100 EDO A O2  1 
HETATM 1528 CL CL  . CL  I 2 .  ? -1.970  -2.939  9.212   1.00 38.77 ? 95  CL  B CL  1 
HETATM 1529 CL CL  . CL  J 2 .  ? 12.359  -14.032 6.247   1.00 77.08 ? 96  CL  B CL  1 
HETATM 1530 C  C1  . CIT K 4 .  ? 4.012   2.738   9.336   1.00 61.28 ? 97  CIT B C1  1 
HETATM 1531 O  O1  . CIT K 4 .  ? 4.566   3.037   8.273   1.00 53.08 ? 97  CIT B O1  1 
HETATM 1532 O  O2  . CIT K 4 .  ? 2.800   3.008   9.430   1.00 54.09 ? 97  CIT B O2  1 
HETATM 1533 C  C2  . CIT K 4 .  ? 4.816   2.037   10.421  1.00 66.50 ? 97  CIT B C2  1 
HETATM 1534 C  C3  . CIT K 4 .  ? 4.530   2.431   11.876  1.00 64.38 ? 97  CIT B C3  1 
HETATM 1535 O  O7  . CIT K 4 .  ? 5.566   3.382   12.244  1.00 72.07 ? 97  CIT B O7  1 
HETATM 1536 C  C4  . CIT K 4 .  ? 4.744   1.234   12.759  1.00 64.57 ? 97  CIT B C4  1 
HETATM 1537 C  C5  . CIT K 4 .  ? 4.983   1.698   14.166  1.00 58.12 ? 97  CIT B C5  1 
HETATM 1538 O  O3  . CIT K 4 .  ? 5.783   2.604   14.481  1.00 65.98 ? 97  CIT B O3  1 
HETATM 1539 O  O4  . CIT K 4 .  ? 4.485   1.187   15.138  1.00 73.17 ? 97  CIT B O4  1 
HETATM 1540 C  C6  . CIT K 4 .  ? 3.131   2.953   12.264  1.00 68.89 ? 97  CIT B C6  1 
HETATM 1541 O  O5  . CIT K 4 .  ? 2.954   4.188   12.461  1.00 63.53 ? 97  CIT B O5  1 
HETATM 1542 O  O6  . CIT K 4 .  ? 2.151   2.157   12.423  1.00 47.41 ? 97  CIT B O6  1 
HETATM 1543 C  C1  . EDO L 3 .  ? 0.806   -10.037 16.791  1.00 62.16 ? 98  EDO B C1  1 
HETATM 1544 O  O1  . EDO L 3 .  ? -0.155  -9.197  16.149  1.00 44.85 ? 98  EDO B O1  1 
HETATM 1545 C  C2  . EDO L 3 .  ? 0.349   -10.562 18.145  1.00 66.25 ? 98  EDO B C2  1 
HETATM 1546 O  O2  . EDO L 3 .  ? 1.483   -10.721 19.003  1.00 64.66 ? 98  EDO B O2  1 
HETATM 1547 C  C1  . EDO M 3 .  ? -2.680  -2.239  16.054  1.00 79.33 ? 99  EDO B C1  1 
HETATM 1548 O  O1  . EDO M 3 .  ? -3.696  -3.254  16.139  1.00 69.38 ? 99  EDO B O1  1 
HETATM 1549 C  C2  . EDO M 3 .  ? -1.301  -2.872  15.891  1.00 75.49 ? 99  EDO B C2  1 
HETATM 1550 O  O2  . EDO M 3 .  ? -0.751  -2.541  14.609  1.00 76.09 ? 99  EDO B O2  1 
HETATM 1551 C  C1  . PEG N 5 .  ? 10.796  -14.608 19.355  1.00 44.25 ? 100 PEG B C1  1 
HETATM 1552 O  O1  . PEG N 5 .  ? 11.834  -14.067 18.457  1.00 29.69 ? 100 PEG B O1  1 
HETATM 1553 C  C2  . PEG N 5 .  ? 9.832   -13.669 20.139  1.00 42.21 ? 100 PEG B C2  1 
HETATM 1554 O  O2  . PEG N 5 .  ? 8.868   -14.416 20.932  1.00 64.12 ? 100 PEG B O2  1 
HETATM 1555 C  C3  . PEG N 5 .  ? 7.692   -15.018 20.325  1.00 54.41 ? 100 PEG B C3  1 
HETATM 1556 C  C4  . PEG N 5 .  ? 7.332   -16.431 20.875  1.00 57.22 ? 100 PEG B C4  1 
HETATM 1557 O  O4  . PEG N 5 .  ? 6.621   -16.682 22.105  1.00 40.17 ? 100 PEG B O4  1 
HETATM 1558 O  O   . HOH O 6 .  ? 3.552   15.166  -4.907  1.00 46.32 ? 101 HOH A O   1 
HETATM 1559 O  O   . HOH O 6 .  ? -8.969  14.537  -14.712 1.00 45.16 ? 102 HOH A O   1 
HETATM 1560 O  O   . HOH O 6 .  ? -12.728 13.706  1.377   1.00 39.58 ? 103 HOH A O   1 
HETATM 1561 O  O   . HOH O 6 .  ? -16.007 13.006  -17.193 1.00 39.87 ? 104 HOH A O   1 
HETATM 1562 O  O   . HOH O 6 .  ? -10.491 -1.221  0.816   1.00 49.06 ? 105 HOH A O   1 
HETATM 1563 O  O   . HOH O 6 .  ? -20.422 6.727   -8.107  1.00 39.07 ? 106 HOH A O   1 
HETATM 1564 O  O   . HOH O 6 .  ? -12.805 7.858   5.063   1.00 68.48 ? 107 HOH A O   1 
HETATM 1565 O  O   . HOH O 6 .  ? -21.586 4.911   0.371   1.00 46.29 ? 108 HOH A O   1 
HETATM 1566 O  O   . HOH O 6 .  ? -4.839  11.819  -13.664 1.00 51.87 ? 109 HOH A O   1 
HETATM 1567 O  O   . HOH O 6 .  ? -7.101  10.280  -14.142 1.00 43.66 ? 110 HOH A O   1 
HETATM 1568 O  O   . HOH O 6 .  ? -20.549 4.507   -6.716  1.00 41.60 ? 111 HOH A O   1 
HETATM 1569 O  O   . HOH O 6 .  ? -15.094 15.017  0.504   1.00 50.75 ? 112 HOH A O   1 
HETATM 1570 O  O   . HOH O 6 .  ? -11.025 22.329  -6.796  1.00 51.75 ? 113 HOH A O   1 
HETATM 1571 O  O   . HOH O 6 .  ? -9.622  24.132  -10.567 1.00 38.63 ? 114 HOH A O   1 
HETATM 1572 O  O   . HOH P 6 .  ? 2.671   -20.328 0.150   1.00 50.84 ? 101 HOH B O   1 
HETATM 1573 O  O   . HOH P 6 .  ? 13.494  -16.857 8.772   1.00 47.68 ? 102 HOH B O   1 
HETATM 1574 O  O   . HOH P 6 .  ? 15.926  -23.184 9.496   1.00 61.41 ? 103 HOH B O   1 
HETATM 1575 O  O   . HOH P 6 .  ? 6.822   -0.422  21.229  1.00 35.80 ? 104 HOH B O   1 
HETATM 1576 O  O   . HOH P 6 .  ? 11.331  -19.900 20.592  1.00 44.68 ? 105 HOH B O   1 
HETATM 1577 O  O   . HOH P 6 .  ? 5.363   -20.304 15.757  1.00 55.13 ? 106 HOH B O   1 
HETATM 1578 O  O   . HOH P 6 .  ? 21.428  -15.198 27.333  1.00 45.61 ? 107 HOH B O   1 
HETATM 1579 O  O   . HOH P 6 .  ? 0.917   -13.401 19.098  1.00 36.84 ? 108 HOH B O   1 
HETATM 1580 O  O   . HOH P 6 .  ? 18.823  -19.170 18.119  1.00 38.82 ? 109 HOH B O   1 
HETATM 1581 O  O   . HOH P 6 .  ? 12.024  -21.171 10.132  1.00 47.86 ? 110 HOH B O   1 
HETATM 1582 O  O   . HOH P 6 .  ? 13.475  -4.858  18.114  1.00 43.12 ? 111 HOH B O   1 
HETATM 1583 O  O   . HOH P 6 .  ? 16.733  -6.123  5.580   1.00 49.90 ? 112 HOH B O   1 
HETATM 1584 O  O   . HOH P 6 .  ? 12.562  -14.652 21.756  1.00 39.84 ? 113 HOH B O   1 
HETATM 1585 O  O   . HOH P 6 .  ? 19.650  -16.778 18.468  1.00 46.20 ? 114 HOH B O   1 
HETATM 1586 O  O   . HOH P 6 .  ? 9.634   -0.427  19.743  1.00 56.37 ? 115 HOH B O   1 
HETATM 1587 O  O   . HOH P 6 .  ? -6.701  -6.702  13.711  1.00 55.40 ? 116 HOH B O   1 
HETATM 1588 O  O   . HOH P 6 .  ? 6.891   -23.460 13.899  1.00 42.79 ? 117 HOH B O   1 
HETATM 1589 O  O   . HOH P 6 .  ? 11.151  -15.161 3.993   1.00 60.32 ? 118 HOH B O   1 
HETATM 1590 O  O   . HOH P 6 .  ? 14.902  -15.522 5.402   1.00 62.86 ? 119 HOH B O   1 
HETATM 1591 O  O   . HOH P 6 .  ? 16.245  -17.640 4.341   1.00 63.85 ? 120 HOH B O   1 
# 
